data_1NU2
# 
_entry.id   1NU2 
# 
_audit_conform.dict_name       mmcif_pdbx.dic 
_audit_conform.dict_version    5.387 
_audit_conform.dict_location   http://mmcif.pdb.org/dictionaries/ascii/mmcif_pdbx.dic 
# 
loop_
_database_2.database_id 
_database_2.database_code 
_database_2.pdbx_database_accession 
_database_2.pdbx_DOI 
PDB   1NU2         pdb_00001nu2 10.2210/pdb1nu2/pdb 
RCSB  RCSB018204   ?            ?                   
WWPDB D_1000018204 ?            ?                   
# 
loop_
_pdbx_audit_revision_history.ordinal 
_pdbx_audit_revision_history.data_content_type 
_pdbx_audit_revision_history.major_revision 
_pdbx_audit_revision_history.minor_revision 
_pdbx_audit_revision_history.revision_date 
1 'Structure model' 1 0 2003-04-15 
2 'Structure model' 1 1 2008-04-29 
3 'Structure model' 1 2 2011-07-13 
4 'Structure model' 1 3 2018-04-04 
5 'Structure model' 1 4 2023-08-16 
6 'Structure model' 1 5 2024-03-13 
# 
_pdbx_audit_revision_details.ordinal             1 
_pdbx_audit_revision_details.revision_ordinal    1 
_pdbx_audit_revision_details.data_content_type   'Structure model' 
_pdbx_audit_revision_details.provider            repository 
_pdbx_audit_revision_details.type                'Initial release' 
_pdbx_audit_revision_details.description         ? 
_pdbx_audit_revision_details.details             ? 
# 
loop_
_pdbx_audit_revision_group.ordinal 
_pdbx_audit_revision_group.revision_ordinal 
_pdbx_audit_revision_group.data_content_type 
_pdbx_audit_revision_group.group 
1 2 'Structure model' 'Version format compliance' 
2 3 'Structure model' 'Version format compliance' 
3 4 'Structure model' 'Data collection'           
4 5 'Structure model' 'Data collection'           
5 5 'Structure model' 'Database references'       
6 5 'Structure model' 'Derived calculations'      
7 5 'Structure model' 'Refinement description'    
8 6 'Structure model' 'Source and taxonomy'       
9 6 'Structure model' 'Structure summary'         
# 
loop_
_pdbx_audit_revision_category.ordinal 
_pdbx_audit_revision_category.revision_ordinal 
_pdbx_audit_revision_category.data_content_type 
_pdbx_audit_revision_category.category 
1 4 'Structure model' diffrn_source                 
2 5 'Structure model' chem_comp_atom                
3 5 'Structure model' chem_comp_bond                
4 5 'Structure model' database_2                    
5 5 'Structure model' pdbx_initial_refinement_model 
6 5 'Structure model' struct_site                   
7 6 'Structure model' entity                        
8 6 'Structure model' pdbx_entity_src_syn           
# 
loop_
_pdbx_audit_revision_item.ordinal 
_pdbx_audit_revision_item.revision_ordinal 
_pdbx_audit_revision_item.data_content_type 
_pdbx_audit_revision_item.item 
1 4 'Structure model' '_diffrn_source.type'                 
2 5 'Structure model' '_database_2.pdbx_DOI'                
3 5 'Structure model' '_database_2.pdbx_database_accession' 
4 5 'Structure model' '_struct_site.pdbx_auth_asym_id'      
5 5 'Structure model' '_struct_site.pdbx_auth_comp_id'      
6 5 'Structure model' '_struct_site.pdbx_auth_seq_id'       
7 6 'Structure model' '_entity.details'                     
# 
_pdbx_database_status.status_code                     REL 
_pdbx_database_status.entry_id                        1NU2 
_pdbx_database_status.recvd_initial_deposition_date   2003-01-30 
_pdbx_database_status.deposit_site                    RCSB 
_pdbx_database_status.process_site                    RCSB 
_pdbx_database_status.status_code_sf                  REL 
_pdbx_database_status.SG_entry                        . 
_pdbx_database_status.pdb_format_compatible           Y 
_pdbx_database_status.status_code_mr                  ? 
_pdbx_database_status.status_code_cs                  ? 
_pdbx_database_status.methods_development_category    ? 
_pdbx_database_status.status_code_nmr_data            ? 
# 
_pdbx_database_related.db_name        PDB 
_pdbx_database_related.db_id          1NTV 
_pdbx_database_related.details        'Crystal structure of Dab1-ligand complex' 
_pdbx_database_related.content_type   unspecified 
# 
loop_
_audit_author.name 
_audit_author.pdbx_ordinal 
'Stolt, P.C.'    1 
'Jeon, H.'       2 
'Song, H.K.'     3 
'Herz, J.'       4 
'Eck, M.J.'      5 
'Blacklow, S.C.' 6 
# 
_citation.id                        primary 
_citation.title                     
'Origins of Peptide Selectivity and Phosphoinositide Binding Revealed by Structures of Disabled-1 PTB Domain Complexes' 
_citation.journal_abbrev            Structure 
_citation.journal_volume            11 
_citation.page_first                569 
_citation.page_last                 579 
_citation.year                      2003 
_citation.journal_id_ASTM           STRUE6 
_citation.country                   UK 
_citation.journal_id_ISSN           0969-2126 
_citation.journal_id_CSD            2005 
_citation.book_publisher            ? 
_citation.pdbx_database_id_PubMed   12737822 
_citation.pdbx_database_id_DOI      '10.1016/S0969-2126(03)00068-6' 
# 
loop_
_citation_author.citation_id 
_citation_author.name 
_citation_author.ordinal 
_citation_author.identifier_ORCID 
primary 'Stolt, P.C.'    1 ? 
primary 'Jeon, H.'       2 ? 
primary 'Song, H.K.'     3 ? 
primary 'Herz, J.'       4 ? 
primary 'Eck, M.J.'      5 ? 
primary 'Blacklow, S.C.' 6 ? 
# 
loop_
_entity.id 
_entity.type 
_entity.src_method 
_entity.pdbx_description 
_entity.formula_weight 
_entity.pdbx_number_of_molecules 
_entity.pdbx_ec 
_entity.pdbx_mutation 
_entity.pdbx_fragment 
_entity.details 
1 polymer     man 'Disabled homolog 1'                                      17084.768 1   ? ? 'residues 23-174' ? 
2 polymer     syn 'peptide derived from murine Apolipoprotein E Receptor-2' 1255.379  1   ? ? ?                 ? 
3 non-polymer syn D-MYO-INOSITOL-1,4,5-TRIPHOSPHATE                         420.096   1   ? ? ?                 
'purchased from Sigma-Aldrich Chemical Co.' 
4 water       nat water                                                     18.015    141 ? ? ?                 ? 
# 
loop_
_entity_poly.entity_id 
_entity_poly.type 
_entity_poly.nstd_linkage 
_entity_poly.nstd_monomer 
_entity_poly.pdbx_seq_one_letter_code 
_entity_poly.pdbx_seq_one_letter_code_can 
_entity_poly.pdbx_strand_id 
_entity_poly.pdbx_target_identifier 
1 'polypeptide(L)' no no 
;GQDRSEATLIKRFKGEGVRYKAKLIGIDEVSAARGDKLCQDSMMKLKGVVAGARSKGEHKQKIFLTISFGGIKIFDEKTG
ALQHHHAVHEISYIAKDITDHRAFGYVCGKEGNHRFVAIKTAQAAEPVILDLRDLFQLIYELKQREELEKKA
;
;GQDRSEATLIKRFKGEGVRYKAKLIGIDEVSAARGDKLCQDSMMKLKGVVAGARSKGEHKQKIFLTISFGGIKIFDEKTG
ALQHHHAVHEISYIAKDITDHRAFGYVCGKEGNHRFVAIKTAQAAEPVILDLRDLFQLIYELKQREELEKKA
;
A ? 
2 'polypeptide(L)' no no NFDNPVYRKT NFDNPVYRKT B ? 
# 
loop_
_pdbx_entity_nonpoly.entity_id 
_pdbx_entity_nonpoly.name 
_pdbx_entity_nonpoly.comp_id 
3 D-MYO-INOSITOL-1,4,5-TRIPHOSPHATE I3P 
4 water                             HOH 
# 
loop_
_entity_poly_seq.entity_id 
_entity_poly_seq.num 
_entity_poly_seq.mon_id 
_entity_poly_seq.hetero 
1 1   GLY n 
1 2   GLN n 
1 3   ASP n 
1 4   ARG n 
1 5   SER n 
1 6   GLU n 
1 7   ALA n 
1 8   THR n 
1 9   LEU n 
1 10  ILE n 
1 11  LYS n 
1 12  ARG n 
1 13  PHE n 
1 14  LYS n 
1 15  GLY n 
1 16  GLU n 
1 17  GLY n 
1 18  VAL n 
1 19  ARG n 
1 20  TYR n 
1 21  LYS n 
1 22  ALA n 
1 23  LYS n 
1 24  LEU n 
1 25  ILE n 
1 26  GLY n 
1 27  ILE n 
1 28  ASP n 
1 29  GLU n 
1 30  VAL n 
1 31  SER n 
1 32  ALA n 
1 33  ALA n 
1 34  ARG n 
1 35  GLY n 
1 36  ASP n 
1 37  LYS n 
1 38  LEU n 
1 39  CYS n 
1 40  GLN n 
1 41  ASP n 
1 42  SER n 
1 43  MET n 
1 44  MET n 
1 45  LYS n 
1 46  LEU n 
1 47  LYS n 
1 48  GLY n 
1 49  VAL n 
1 50  VAL n 
1 51  ALA n 
1 52  GLY n 
1 53  ALA n 
1 54  ARG n 
1 55  SER n 
1 56  LYS n 
1 57  GLY n 
1 58  GLU n 
1 59  HIS n 
1 60  LYS n 
1 61  GLN n 
1 62  LYS n 
1 63  ILE n 
1 64  PHE n 
1 65  LEU n 
1 66  THR n 
1 67  ILE n 
1 68  SER n 
1 69  PHE n 
1 70  GLY n 
1 71  GLY n 
1 72  ILE n 
1 73  LYS n 
1 74  ILE n 
1 75  PHE n 
1 76  ASP n 
1 77  GLU n 
1 78  LYS n 
1 79  THR n 
1 80  GLY n 
1 81  ALA n 
1 82  LEU n 
1 83  GLN n 
1 84  HIS n 
1 85  HIS n 
1 86  HIS n 
1 87  ALA n 
1 88  VAL n 
1 89  HIS n 
1 90  GLU n 
1 91  ILE n 
1 92  SER n 
1 93  TYR n 
1 94  ILE n 
1 95  ALA n 
1 96  LYS n 
1 97  ASP n 
1 98  ILE n 
1 99  THR n 
1 100 ASP n 
1 101 HIS n 
1 102 ARG n 
1 103 ALA n 
1 104 PHE n 
1 105 GLY n 
1 106 TYR n 
1 107 VAL n 
1 108 CYS n 
1 109 GLY n 
1 110 LYS n 
1 111 GLU n 
1 112 GLY n 
1 113 ASN n 
1 114 HIS n 
1 115 ARG n 
1 116 PHE n 
1 117 VAL n 
1 118 ALA n 
1 119 ILE n 
1 120 LYS n 
1 121 THR n 
1 122 ALA n 
1 123 GLN n 
1 124 ALA n 
1 125 ALA n 
1 126 GLU n 
1 127 PRO n 
1 128 VAL n 
1 129 ILE n 
1 130 LEU n 
1 131 ASP n 
1 132 LEU n 
1 133 ARG n 
1 134 ASP n 
1 135 LEU n 
1 136 PHE n 
1 137 GLN n 
1 138 LEU n 
1 139 ILE n 
1 140 TYR n 
1 141 GLU n 
1 142 LEU n 
1 143 LYS n 
1 144 GLN n 
1 145 ARG n 
1 146 GLU n 
1 147 GLU n 
1 148 LEU n 
1 149 GLU n 
1 150 LYS n 
1 151 LYS n 
1 152 ALA n 
2 1   ASN n 
2 2   PHE n 
2 3   ASP n 
2 4   ASN n 
2 5   PRO n 
2 6   VAL n 
2 7   TYR n 
2 8   ARG n 
2 9   LYS n 
2 10  THR n 
# 
_entity_src_gen.entity_id                          1 
_entity_src_gen.pdbx_src_id                        1 
_entity_src_gen.pdbx_alt_source_flag               sample 
_entity_src_gen.pdbx_seq_type                      ? 
_entity_src_gen.pdbx_beg_seq_num                   ? 
_entity_src_gen.pdbx_end_seq_num                   ? 
_entity_src_gen.gene_src_common_name               'house mouse' 
_entity_src_gen.gene_src_genus                     Mus 
_entity_src_gen.pdbx_gene_src_gene                 DAB1 
_entity_src_gen.gene_src_species                   ? 
_entity_src_gen.gene_src_strain                    ? 
_entity_src_gen.gene_src_tissue                    ? 
_entity_src_gen.gene_src_tissue_fraction           ? 
_entity_src_gen.gene_src_details                   ? 
_entity_src_gen.pdbx_gene_src_fragment             ? 
_entity_src_gen.pdbx_gene_src_scientific_name      'Mus musculus' 
_entity_src_gen.pdbx_gene_src_ncbi_taxonomy_id     10090 
_entity_src_gen.pdbx_gene_src_variant              ? 
_entity_src_gen.pdbx_gene_src_cell_line            ? 
_entity_src_gen.pdbx_gene_src_atcc                 ? 
_entity_src_gen.pdbx_gene_src_organ                ? 
_entity_src_gen.pdbx_gene_src_organelle            ? 
_entity_src_gen.pdbx_gene_src_cell                 ? 
_entity_src_gen.pdbx_gene_src_cellular_location    ? 
_entity_src_gen.host_org_common_name               ? 
_entity_src_gen.pdbx_host_org_scientific_name      'Escherichia coli BL21(DE3)' 
_entity_src_gen.pdbx_host_org_ncbi_taxonomy_id     469008 
_entity_src_gen.host_org_genus                     Escherichia 
_entity_src_gen.pdbx_host_org_gene                 ? 
_entity_src_gen.pdbx_host_org_organ                ? 
_entity_src_gen.host_org_species                   'Escherichia coli' 
_entity_src_gen.pdbx_host_org_tissue               ? 
_entity_src_gen.pdbx_host_org_tissue_fraction      ? 
_entity_src_gen.pdbx_host_org_strain               'BL21(DE3)' 
_entity_src_gen.pdbx_host_org_variant              ? 
_entity_src_gen.pdbx_host_org_cell_line            ? 
_entity_src_gen.pdbx_host_org_atcc                 ? 
_entity_src_gen.pdbx_host_org_culture_collection   ? 
_entity_src_gen.pdbx_host_org_cell                 ? 
_entity_src_gen.pdbx_host_org_organelle            ? 
_entity_src_gen.pdbx_host_org_cellular_location    ? 
_entity_src_gen.pdbx_host_org_vector_type          plasmid 
_entity_src_gen.pdbx_host_org_vector               ? 
_entity_src_gen.host_org_details                   ? 
_entity_src_gen.expression_system_id               ? 
_entity_src_gen.plasmid_name                       'Gateway pDEST15' 
_entity_src_gen.plasmid_details                    ? 
_entity_src_gen.pdbx_description                   ? 
# 
_pdbx_entity_src_syn.entity_id              2 
_pdbx_entity_src_syn.pdbx_src_id            1 
_pdbx_entity_src_syn.pdbx_alt_source_flag   sample 
_pdbx_entity_src_syn.pdbx_beg_seq_num       ? 
_pdbx_entity_src_syn.pdbx_end_seq_num       ? 
_pdbx_entity_src_syn.organism_scientific    ? 
_pdbx_entity_src_syn.organism_common_name   ? 
_pdbx_entity_src_syn.ncbi_taxonomy_id       ? 
_pdbx_entity_src_syn.details                'created by peptide synthesis' 
# 
loop_
_chem_comp.id 
_chem_comp.type 
_chem_comp.mon_nstd_flag 
_chem_comp.name 
_chem_comp.pdbx_synonyms 
_chem_comp.formula 
_chem_comp.formula_weight 
ALA 'L-peptide linking' y ALANINE                           ? 'C3 H7 N O2'     89.093  
ARG 'L-peptide linking' y ARGININE                          ? 'C6 H15 N4 O2 1' 175.209 
ASN 'L-peptide linking' y ASPARAGINE                        ? 'C4 H8 N2 O3'    132.118 
ASP 'L-peptide linking' y 'ASPARTIC ACID'                   ? 'C4 H7 N O4'     133.103 
CYS 'L-peptide linking' y CYSTEINE                          ? 'C3 H7 N O2 S'   121.158 
GLN 'L-peptide linking' y GLUTAMINE                         ? 'C5 H10 N2 O3'   146.144 
GLU 'L-peptide linking' y 'GLUTAMIC ACID'                   ? 'C5 H9 N O4'     147.129 
GLY 'peptide linking'   y GLYCINE                           ? 'C2 H5 N O2'     75.067  
HIS 'L-peptide linking' y HISTIDINE                         ? 'C6 H10 N3 O2 1' 156.162 
HOH non-polymer         . WATER                             ? 'H2 O'           18.015  
I3P non-polymer         . D-MYO-INOSITOL-1,4,5-TRIPHOSPHATE ? 'C6 H15 O15 P3'  420.096 
ILE 'L-peptide linking' y ISOLEUCINE                        ? 'C6 H13 N O2'    131.173 
LEU 'L-peptide linking' y LEUCINE                           ? 'C6 H13 N O2'    131.173 
LYS 'L-peptide linking' y LYSINE                            ? 'C6 H15 N2 O2 1' 147.195 
MET 'L-peptide linking' y METHIONINE                        ? 'C5 H11 N O2 S'  149.211 
PHE 'L-peptide linking' y PHENYLALANINE                     ? 'C9 H11 N O2'    165.189 
PRO 'L-peptide linking' y PROLINE                           ? 'C5 H9 N O2'     115.130 
SER 'L-peptide linking' y SERINE                            ? 'C3 H7 N O3'     105.093 
THR 'L-peptide linking' y THREONINE                         ? 'C4 H9 N O3'     119.119 
TYR 'L-peptide linking' y TYROSINE                          ? 'C9 H11 N O3'    181.189 
VAL 'L-peptide linking' y VALINE                            ? 'C5 H11 N O2'    117.146 
# 
loop_
_pdbx_poly_seq_scheme.asym_id 
_pdbx_poly_seq_scheme.entity_id 
_pdbx_poly_seq_scheme.seq_id 
_pdbx_poly_seq_scheme.mon_id 
_pdbx_poly_seq_scheme.ndb_seq_num 
_pdbx_poly_seq_scheme.pdb_seq_num 
_pdbx_poly_seq_scheme.auth_seq_num 
_pdbx_poly_seq_scheme.pdb_mon_id 
_pdbx_poly_seq_scheme.auth_mon_id 
_pdbx_poly_seq_scheme.pdb_strand_id 
_pdbx_poly_seq_scheme.pdb_ins_code 
_pdbx_poly_seq_scheme.hetero 
A 1 1   GLY 1   23  23  GLY GLY A . n 
A 1 2   GLN 2   24  24  GLN GLN A . n 
A 1 3   ASP 3   25  25  ASP ASP A . n 
A 1 4   ARG 4   26  26  ARG ARG A . n 
A 1 5   SER 5   27  27  SER SER A . n 
A 1 6   GLU 6   28  28  GLU GLU A . n 
A 1 7   ALA 7   29  29  ALA ALA A . n 
A 1 8   THR 8   30  30  THR THR A . n 
A 1 9   LEU 9   31  31  LEU LEU A . n 
A 1 10  ILE 10  32  32  ILE ILE A . n 
A 1 11  LYS 11  33  33  LYS LYS A . n 
A 1 12  ARG 12  34  34  ARG ARG A . n 
A 1 13  PHE 13  35  35  PHE PHE A . n 
A 1 14  LYS 14  36  36  LYS LYS A . n 
A 1 15  GLY 15  37  37  GLY GLY A . n 
A 1 16  GLU 16  38  38  GLU GLU A . n 
A 1 17  GLY 17  39  39  GLY GLY A . n 
A 1 18  VAL 18  40  40  VAL VAL A . n 
A 1 19  ARG 19  41  41  ARG ARG A . n 
A 1 20  TYR 20  42  42  TYR TYR A . n 
A 1 21  LYS 21  43  43  LYS LYS A . n 
A 1 22  ALA 22  44  44  ALA ALA A . n 
A 1 23  LYS 23  45  45  LYS LYS A . n 
A 1 24  LEU 24  46  46  LEU LEU A . n 
A 1 25  ILE 25  47  47  ILE ILE A . n 
A 1 26  GLY 26  48  48  GLY GLY A . n 
A 1 27  ILE 27  49  49  ILE ILE A . n 
A 1 28  ASP 28  50  50  ASP ASP A . n 
A 1 29  GLU 29  51  51  GLU GLU A . n 
A 1 30  VAL 30  52  52  VAL VAL A . n 
A 1 31  SER 31  53  53  SER SER A . n 
A 1 32  ALA 32  54  54  ALA ALA A . n 
A 1 33  ALA 33  55  55  ALA ALA A . n 
A 1 34  ARG 34  56  56  ARG ARG A . n 
A 1 35  GLY 35  57  57  GLY GLY A . n 
A 1 36  ASP 36  58  58  ASP ASP A . n 
A 1 37  LYS 37  59  59  LYS LYS A . n 
A 1 38  LEU 38  60  60  LEU LEU A . n 
A 1 39  CYS 39  61  61  CYS CYS A . n 
A 1 40  GLN 40  62  62  GLN GLN A . n 
A 1 41  ASP 41  63  63  ASP ASP A . n 
A 1 42  SER 42  64  64  SER SER A . n 
A 1 43  MET 43  65  65  MET MET A . n 
A 1 44  MET 44  66  66  MET MET A . n 
A 1 45  LYS 45  67  67  LYS LYS A . n 
A 1 46  LEU 46  68  68  LEU LEU A . n 
A 1 47  LYS 47  69  69  LYS LYS A . n 
A 1 48  GLY 48  70  70  GLY GLY A . n 
A 1 49  VAL 49  71  71  VAL VAL A . n 
A 1 50  VAL 50  72  72  VAL VAL A . n 
A 1 51  ALA 51  73  73  ALA ALA A . n 
A 1 52  GLY 52  74  74  GLY GLY A . n 
A 1 53  ALA 53  75  75  ALA ALA A . n 
A 1 54  ARG 54  76  76  ARG ARG A . n 
A 1 55  SER 55  77  77  SER SER A . n 
A 1 56  LYS 56  78  78  LYS LYS A . n 
A 1 57  GLY 57  79  79  GLY GLY A . n 
A 1 58  GLU 58  80  80  GLU GLU A . n 
A 1 59  HIS 59  81  81  HIS HIS A . n 
A 1 60  LYS 60  82  82  LYS LYS A . n 
A 1 61  GLN 61  83  83  GLN GLN A . n 
A 1 62  LYS 62  84  84  LYS LYS A . n 
A 1 63  ILE 63  85  85  ILE ILE A . n 
A 1 64  PHE 64  86  86  PHE PHE A . n 
A 1 65  LEU 65  87  87  LEU LEU A . n 
A 1 66  THR 66  88  88  THR THR A . n 
A 1 67  ILE 67  89  89  ILE ILE A . n 
A 1 68  SER 68  90  90  SER SER A . n 
A 1 69  PHE 69  91  91  PHE PHE A . n 
A 1 70  GLY 70  92  92  GLY GLY A . n 
A 1 71  GLY 71  93  93  GLY GLY A . n 
A 1 72  ILE 72  94  94  ILE ILE A . n 
A 1 73  LYS 73  95  95  LYS LYS A . n 
A 1 74  ILE 74  96  96  ILE ILE A . n 
A 1 75  PHE 75  97  97  PHE PHE A . n 
A 1 76  ASP 76  98  98  ASP ASP A . n 
A 1 77  GLU 77  99  99  GLU GLU A . n 
A 1 78  LYS 78  100 100 LYS LYS A . n 
A 1 79  THR 79  101 101 THR THR A . n 
A 1 80  GLY 80  102 102 GLY GLY A . n 
A 1 81  ALA 81  103 103 ALA ALA A . n 
A 1 82  LEU 82  104 104 LEU LEU A . n 
A 1 83  GLN 83  105 105 GLN GLN A . n 
A 1 84  HIS 84  106 106 HIS HIS A . n 
A 1 85  HIS 85  107 107 HIS HIS A . n 
A 1 86  HIS 86  108 108 HIS HIS A . n 
A 1 87  ALA 87  109 109 ALA ALA A . n 
A 1 88  VAL 88  110 110 VAL VAL A . n 
A 1 89  HIS 89  111 111 HIS HIS A . n 
A 1 90  GLU 90  112 112 GLU GLU A . n 
A 1 91  ILE 91  113 113 ILE ILE A . n 
A 1 92  SER 92  114 114 SER SER A . n 
A 1 93  TYR 93  115 115 TYR TYR A . n 
A 1 94  ILE 94  116 116 ILE ILE A . n 
A 1 95  ALA 95  117 117 ALA ALA A . n 
A 1 96  LYS 96  118 118 LYS LYS A . n 
A 1 97  ASP 97  119 119 ASP ASP A . n 
A 1 98  ILE 98  120 120 ILE ILE A . n 
A 1 99  THR 99  121 121 THR THR A . n 
A 1 100 ASP 100 122 122 ASP ASP A . n 
A 1 101 HIS 101 123 123 HIS HIS A . n 
A 1 102 ARG 102 124 124 ARG ARG A . n 
A 1 103 ALA 103 125 125 ALA ALA A . n 
A 1 104 PHE 104 126 126 PHE PHE A . n 
A 1 105 GLY 105 127 127 GLY GLY A . n 
A 1 106 TYR 106 128 128 TYR TYR A . n 
A 1 107 VAL 107 129 129 VAL VAL A . n 
A 1 108 CYS 108 130 130 CYS CYS A . n 
A 1 109 GLY 109 131 131 GLY GLY A . n 
A 1 110 LYS 110 132 132 LYS LYS A . n 
A 1 111 GLU 111 133 133 GLU GLU A . n 
A 1 112 GLY 112 134 134 GLY GLY A . n 
A 1 113 ASN 113 135 135 ASN ASN A . n 
A 1 114 HIS 114 136 136 HIS HIS A . n 
A 1 115 ARG 115 137 137 ARG ARG A . n 
A 1 116 PHE 116 138 138 PHE PHE A . n 
A 1 117 VAL 117 139 139 VAL VAL A . n 
A 1 118 ALA 118 140 140 ALA ALA A . n 
A 1 119 ILE 119 141 141 ILE ILE A . n 
A 1 120 LYS 120 142 142 LYS LYS A . n 
A 1 121 THR 121 143 143 THR THR A . n 
A 1 122 ALA 122 144 144 ALA ALA A . n 
A 1 123 GLN 123 145 145 GLN GLN A . n 
A 1 124 ALA 124 146 146 ALA ALA A . n 
A 1 125 ALA 125 147 147 ALA ALA A . n 
A 1 126 GLU 126 148 148 GLU GLU A . n 
A 1 127 PRO 127 149 149 PRO PRO A . n 
A 1 128 VAL 128 150 150 VAL VAL A . n 
A 1 129 ILE 129 151 151 ILE ILE A . n 
A 1 130 LEU 130 152 152 LEU LEU A . n 
A 1 131 ASP 131 153 153 ASP ASP A . n 
A 1 132 LEU 132 154 154 LEU LEU A . n 
A 1 133 ARG 133 155 155 ARG ARG A . n 
A 1 134 ASP 134 156 156 ASP ASP A . n 
A 1 135 LEU 135 157 157 LEU LEU A . n 
A 1 136 PHE 136 158 158 PHE PHE A . n 
A 1 137 GLN 137 159 159 GLN GLN A . n 
A 1 138 LEU 138 160 160 LEU LEU A . n 
A 1 139 ILE 139 161 161 ILE ILE A . n 
A 1 140 TYR 140 162 162 TYR TYR A . n 
A 1 141 GLU 141 163 163 GLU GLU A . n 
A 1 142 LEU 142 164 164 LEU LEU A . n 
A 1 143 LYS 143 165 165 LYS LYS A . n 
A 1 144 GLN 144 166 166 GLN GLN A . n 
A 1 145 ARG 145 167 167 ARG ARG A . n 
A 1 146 GLU 146 168 168 GLU GLU A . n 
A 1 147 GLU 147 169 169 GLU GLU A . n 
A 1 148 LEU 148 170 170 LEU LEU A . n 
A 1 149 GLU 149 171 171 GLU GLU A . n 
A 1 150 LYS 150 172 172 LYS LYS A . n 
A 1 151 LYS 151 173 173 LYS LYS A . n 
A 1 152 ALA 152 174 174 ALA ALA A . n 
B 2 1   ASN 1   5   5   ASN ASN B . n 
B 2 2   PHE 2   6   6   PHE PHE B . n 
B 2 3   ASP 3   7   7   ASP ASP B . n 
B 2 4   ASN 4   8   8   ASN ASN B . n 
B 2 5   PRO 5   9   9   PRO PRO B . n 
B 2 6   VAL 6   10  10  VAL VAL B . n 
B 2 7   TYR 7   11  11  TYR TYR B . n 
B 2 8   ARG 8   12  12  ARG ARG B . n 
B 2 9   LYS 9   13  13  LYS LYS B . n 
B 2 10  THR 10  14  14  THR THR B . n 
# 
loop_
_pdbx_nonpoly_scheme.asym_id 
_pdbx_nonpoly_scheme.entity_id 
_pdbx_nonpoly_scheme.mon_id 
_pdbx_nonpoly_scheme.ndb_seq_num 
_pdbx_nonpoly_scheme.pdb_seq_num 
_pdbx_nonpoly_scheme.auth_seq_num 
_pdbx_nonpoly_scheme.pdb_mon_id 
_pdbx_nonpoly_scheme.auth_mon_id 
_pdbx_nonpoly_scheme.pdb_strand_id 
_pdbx_nonpoly_scheme.pdb_ins_code 
C 3 I3P 1   200 200 I3P I3P A . 
D 4 HOH 1   201 1   HOH HOH A . 
D 4 HOH 2   202 2   HOH HOH A . 
D 4 HOH 3   203 3   HOH HOH A . 
D 4 HOH 4   204 4   HOH HOH A . 
D 4 HOH 5   205 5   HOH HOH A . 
D 4 HOH 6   206 6   HOH HOH A . 
D 4 HOH 7   207 7   HOH HOH A . 
D 4 HOH 8   208 8   HOH HOH A . 
D 4 HOH 9   209 9   HOH HOH A . 
D 4 HOH 10  210 10  HOH HOH A . 
D 4 HOH 11  211 11  HOH HOH A . 
D 4 HOH 12  212 12  HOH HOH A . 
D 4 HOH 13  213 13  HOH HOH A . 
D 4 HOH 14  214 14  HOH HOH A . 
D 4 HOH 15  215 15  HOH HOH A . 
D 4 HOH 16  216 16  HOH HOH A . 
D 4 HOH 17  217 17  HOH HOH A . 
D 4 HOH 18  218 18  HOH HOH A . 
D 4 HOH 19  219 19  HOH HOH A . 
D 4 HOH 20  220 20  HOH HOH A . 
D 4 HOH 21  221 21  HOH HOH A . 
D 4 HOH 22  222 22  HOH HOH A . 
D 4 HOH 23  223 23  HOH HOH A . 
D 4 HOH 24  224 24  HOH HOH A . 
D 4 HOH 25  225 25  HOH HOH A . 
D 4 HOH 26  226 26  HOH HOH A . 
D 4 HOH 27  227 27  HOH HOH A . 
D 4 HOH 28  228 28  HOH HOH A . 
D 4 HOH 29  229 29  HOH HOH A . 
D 4 HOH 30  230 30  HOH HOH A . 
D 4 HOH 31  231 31  HOH HOH A . 
D 4 HOH 32  232 32  HOH HOH A . 
D 4 HOH 33  233 33  HOH HOH A . 
D 4 HOH 34  234 34  HOH HOH A . 
D 4 HOH 35  235 35  HOH HOH A . 
D 4 HOH 36  236 36  HOH HOH A . 
D 4 HOH 37  237 37  HOH HOH A . 
D 4 HOH 38  238 38  HOH HOH A . 
D 4 HOH 39  239 39  HOH HOH A . 
D 4 HOH 40  240 40  HOH HOH A . 
D 4 HOH 41  241 41  HOH HOH A . 
D 4 HOH 42  242 42  HOH HOH A . 
D 4 HOH 43  243 43  HOH HOH A . 
D 4 HOH 44  244 44  HOH HOH A . 
D 4 HOH 45  245 45  HOH HOH A . 
D 4 HOH 46  246 46  HOH HOH A . 
D 4 HOH 47  247 47  HOH HOH A . 
D 4 HOH 48  248 48  HOH HOH A . 
D 4 HOH 49  249 49  HOH HOH A . 
D 4 HOH 50  250 50  HOH HOH A . 
D 4 HOH 51  251 52  HOH HOH A . 
D 4 HOH 52  252 53  HOH HOH A . 
D 4 HOH 53  253 54  HOH HOH A . 
D 4 HOH 54  254 56  HOH HOH A . 
D 4 HOH 55  255 57  HOH HOH A . 
D 4 HOH 56  256 58  HOH HOH A . 
D 4 HOH 57  257 59  HOH HOH A . 
D 4 HOH 58  258 60  HOH HOH A . 
D 4 HOH 59  259 61  HOH HOH A . 
D 4 HOH 60  260 62  HOH HOH A . 
D 4 HOH 61  261 63  HOH HOH A . 
D 4 HOH 62  262 64  HOH HOH A . 
D 4 HOH 63  263 65  HOH HOH A . 
D 4 HOH 64  264 66  HOH HOH A . 
D 4 HOH 65  265 67  HOH HOH A . 
D 4 HOH 66  266 68  HOH HOH A . 
D 4 HOH 67  267 69  HOH HOH A . 
D 4 HOH 68  268 70  HOH HOH A . 
D 4 HOH 69  269 71  HOH HOH A . 
D 4 HOH 70  270 72  HOH HOH A . 
D 4 HOH 71  271 73  HOH HOH A . 
D 4 HOH 72  272 74  HOH HOH A . 
D 4 HOH 73  273 75  HOH HOH A . 
D 4 HOH 74  274 76  HOH HOH A . 
D 4 HOH 75  275 77  HOH HOH A . 
D 4 HOH 76  276 78  HOH HOH A . 
D 4 HOH 77  277 79  HOH HOH A . 
D 4 HOH 78  278 80  HOH HOH A . 
D 4 HOH 79  279 81  HOH HOH A . 
D 4 HOH 80  280 82  HOH HOH A . 
D 4 HOH 81  281 83  HOH HOH A . 
D 4 HOH 82  282 84  HOH HOH A . 
D 4 HOH 83  283 85  HOH HOH A . 
D 4 HOH 84  284 86  HOH HOH A . 
D 4 HOH 85  285 87  HOH HOH A . 
D 4 HOH 86  286 88  HOH HOH A . 
D 4 HOH 87  287 89  HOH HOH A . 
D 4 HOH 88  288 90  HOH HOH A . 
D 4 HOH 89  289 91  HOH HOH A . 
D 4 HOH 90  290 92  HOH HOH A . 
D 4 HOH 91  291 93  HOH HOH A . 
D 4 HOH 92  292 94  HOH HOH A . 
D 4 HOH 93  293 96  HOH HOH A . 
D 4 HOH 94  294 97  HOH HOH A . 
D 4 HOH 95  295 98  HOH HOH A . 
D 4 HOH 96  296 99  HOH HOH A . 
D 4 HOH 97  297 100 HOH HOH A . 
D 4 HOH 98  298 101 HOH HOH A . 
D 4 HOH 99  299 102 HOH HOH A . 
D 4 HOH 100 300 103 HOH HOH A . 
D 4 HOH 101 301 104 HOH HOH A . 
D 4 HOH 102 302 105 HOH HOH A . 
D 4 HOH 103 303 106 HOH HOH A . 
D 4 HOH 104 304 107 HOH HOH A . 
D 4 HOH 105 305 108 HOH HOH A . 
D 4 HOH 106 306 109 HOH HOH A . 
D 4 HOH 107 307 110 HOH HOH A . 
D 4 HOH 108 308 111 HOH HOH A . 
D 4 HOH 109 309 112 HOH HOH A . 
D 4 HOH 110 310 113 HOH HOH A . 
D 4 HOH 111 311 114 HOH HOH A . 
D 4 HOH 112 312 115 HOH HOH A . 
D 4 HOH 113 313 116 HOH HOH A . 
D 4 HOH 114 314 117 HOH HOH A . 
D 4 HOH 115 315 118 HOH HOH A . 
D 4 HOH 116 316 119 HOH HOH A . 
D 4 HOH 117 317 120 HOH HOH A . 
D 4 HOH 118 318 121 HOH HOH A . 
D 4 HOH 119 319 122 HOH HOH A . 
D 4 HOH 120 320 124 HOH HOH A . 
D 4 HOH 121 321 125 HOH HOH A . 
D 4 HOH 122 322 126 HOH HOH A . 
D 4 HOH 123 323 127 HOH HOH A . 
D 4 HOH 124 324 128 HOH HOH A . 
D 4 HOH 125 325 129 HOH HOH A . 
D 4 HOH 126 326 130 HOH HOH A . 
D 4 HOH 127 327 131 HOH HOH A . 
D 4 HOH 128 328 132 HOH HOH A . 
D 4 HOH 129 329 133 HOH HOH A . 
D 4 HOH 130 330 134 HOH HOH A . 
D 4 HOH 131 331 135 HOH HOH A . 
D 4 HOH 132 332 136 HOH HOH A . 
D 4 HOH 133 333 137 HOH HOH A . 
D 4 HOH 134 334 138 HOH HOH A . 
D 4 HOH 135 335 139 HOH HOH A . 
D 4 HOH 136 336 140 HOH HOH A . 
D 4 HOH 137 337 141 HOH HOH A . 
E 4 HOH 1   51  51  HOH HOH B . 
E 4 HOH 2   55  55  HOH HOH B . 
E 4 HOH 3   95  95  HOH HOH B . 
E 4 HOH 4   123 123 HOH HOH B . 
# 
loop_
_software.name 
_software.classification 
_software.version 
_software.citation_id 
_software.pdbx_ordinal 
DENZO     'data reduction' . ? 1 
SCALEPACK 'data scaling'   . ? 2 
CNS       refinement       . ? 3 
CNS       phasing          . ? 4 
# 
_cell.entry_id           1NU2 
_cell.length_a           36.270 
_cell.length_b           45.984 
_cell.length_c           89.808 
_cell.angle_alpha        90.00 
_cell.angle_beta         90.00 
_cell.angle_gamma        90.00 
_cell.Z_PDB              4 
_cell.pdbx_unique_axis   ? 
# 
_symmetry.entry_id                         1NU2 
_symmetry.space_group_name_H-M             'P 21 21 21' 
_symmetry.pdbx_full_space_group_name_H-M   ? 
_symmetry.cell_setting                     ? 
_symmetry.Int_Tables_number                19 
# 
_exptl.entry_id          1NU2 
_exptl.method            'X-RAY DIFFRACTION' 
_exptl.crystals_number   1 
# 
_exptl_crystal.id                    1 
_exptl_crystal.density_meas          ? 
_exptl_crystal.density_Matthews      1.80 
_exptl_crystal.density_percent_sol   31.08 
_exptl_crystal.description           ? 
# 
_exptl_crystal_grow.crystal_id      1 
_exptl_crystal_grow.method          ? 
_exptl_crystal_grow.temp            298 
_exptl_crystal_grow.temp_details    ? 
_exptl_crystal_grow.pH              7.50 
_exptl_crystal_grow.pdbx_details    'HEPES, PEG8000, ethanol, pH 7.5, VAPOR DIFFUSION, HANGING DROP, temperature 298K, pH 7.50' 
_exptl_crystal_grow.pdbx_pH_range   . 
# 
_diffrn.id                     1 
_diffrn.ambient_temp           100.0 
_diffrn.ambient_temp_details   ? 
_diffrn.crystal_id             1 
# 
_diffrn_detector.diffrn_id              1 
_diffrn_detector.detector               'IMAGE PLATE' 
_diffrn_detector.type                   MARRESEARCH 
_diffrn_detector.pdbx_collection_date   2002-11-29 
_diffrn_detector.details                ? 
# 
_diffrn_radiation.diffrn_id                        1 
_diffrn_radiation.wavelength_id                    1 
_diffrn_radiation.pdbx_monochromatic_or_laue_m_l   M 
_diffrn_radiation.monochromator                    ? 
_diffrn_radiation.pdbx_diffrn_protocol             'SINGLE WAVELENGTH' 
_diffrn_radiation.pdbx_scattering_type             x-ray 
# 
_diffrn_radiation_wavelength.id           1 
_diffrn_radiation_wavelength.wavelength   1.5418 
_diffrn_radiation_wavelength.wt           1.0 
# 
_diffrn_source.diffrn_id                   1 
_diffrn_source.source                      'ROTATING ANODE' 
_diffrn_source.type                        'RIGAKU RU200' 
_diffrn_source.pdbx_synchrotron_site       ? 
_diffrn_source.pdbx_synchrotron_beamline   ? 
_diffrn_source.pdbx_wavelength             1.5418 
_diffrn_source.pdbx_wavelength_list        ? 
# 
_reflns.entry_id                     1NU2 
_reflns.observed_criterion_sigma_I   -3.0 
_reflns.observed_criterion_sigma_F   ? 
_reflns.d_resolution_low             40 
_reflns.d_resolution_high            1.9 
_reflns.number_obs                   12179 
_reflns.number_all                   ? 
_reflns.percent_possible_obs         98 
_reflns.pdbx_Rmerge_I_obs            0.047 
_reflns.pdbx_Rsym_value              ? 
_reflns.pdbx_netI_over_sigmaI        ? 
_reflns.B_iso_Wilson_estimate        17 
_reflns.pdbx_redundancy              ? 
_reflns.R_free_details               ? 
_reflns.limit_h_max                  ? 
_reflns.limit_h_min                  ? 
_reflns.limit_k_max                  ? 
_reflns.limit_k_min                  ? 
_reflns.limit_l_max                  ? 
_reflns.limit_l_min                  ? 
_reflns.observed_criterion_F_max     ? 
_reflns.observed_criterion_F_min     ? 
_reflns.pdbx_diffrn_id               1 
_reflns.pdbx_ordinal                 1 
# 
_reflns_shell.d_res_high             1.9 
_reflns_shell.d_res_low              1.96 
_reflns_shell.percent_possible_all   97.5 
_reflns_shell.Rmerge_I_obs           0.17 
_reflns_shell.pdbx_Rsym_value        ? 
_reflns_shell.meanI_over_sigI_obs    ? 
_reflns_shell.pdbx_redundancy        ? 
_reflns_shell.percent_possible_obs   ? 
_reflns_shell.number_unique_all      ? 
_reflns_shell.pdbx_diffrn_id         ? 
_reflns_shell.pdbx_ordinal           1 
# 
_refine.entry_id                                 1NU2 
_refine.ls_number_reflns_obs                     11884 
_refine.ls_number_reflns_all                     ? 
_refine.pdbx_ls_sigma_I                          ? 
_refine.pdbx_ls_sigma_F                          0.000 
_refine.pdbx_data_cutoff_high_absF               ? 
_refine.pdbx_data_cutoff_low_absF                ? 
_refine.pdbx_data_cutoff_high_rms_absF           ? 
_refine.ls_d_res_low                             40.00 
_refine.ls_d_res_high                            1.90 
_refine.ls_percent_reflns_obs                    95.9 
_refine.ls_R_factor_obs                          0.2384 
_refine.ls_R_factor_all                          0.2384 
_refine.ls_R_factor_R_work                       0.204 
_refine.ls_R_factor_R_free                       0.253 
_refine.ls_R_factor_R_free_error                 0.007 
_refine.ls_R_factor_R_free_error_details         ? 
_refine.ls_percent_reflns_R_free                 10.3 
_refine.ls_number_reflns_R_free                  1228 
_refine.ls_number_parameters                     ? 
_refine.ls_number_restraints                     ? 
_refine.occupancy_min                            ? 
_refine.occupancy_max                            ? 
_refine.correlation_coeff_Fo_to_Fc               ? 
_refine.correlation_coeff_Fo_to_Fc_free          ? 
_refine.B_iso_mean                               25.60 
_refine.aniso_B[1][1]                            -1.71000 
_refine.aniso_B[2][2]                            6.21000 
_refine.aniso_B[3][3]                            -4.50000 
_refine.aniso_B[1][2]                            0.00000 
_refine.aniso_B[1][3]                            0.00000 
_refine.aniso_B[2][3]                            0.00000 
_refine.solvent_model_details                    'FLAT MODEL' 
_refine.solvent_model_param_ksol                 0.383678 
_refine.solvent_model_param_bsol                 53.9985 
_refine.pdbx_solvent_vdw_probe_radii             ? 
_refine.pdbx_solvent_ion_probe_radii             ? 
_refine.pdbx_solvent_shrinkage_radii             ? 
_refine.pdbx_ls_cross_valid_method               THROUGHOUT 
_refine.details                                  ? 
_refine.pdbx_starting_model                      'PDB ENTRY 1NTV' 
_refine.pdbx_method_to_determine_struct          'MOLECULAR REPLACEMENT' 
_refine.pdbx_isotropic_thermal_model             RESTRAINED 
_refine.pdbx_stereochemistry_target_values       ? 
_refine.pdbx_stereochem_target_val_spec_case     ? 
_refine.pdbx_R_Free_selection_details            RANDOM 
_refine.pdbx_overall_ESU_R                       ? 
_refine.pdbx_overall_ESU_R_Free                  ? 
_refine.overall_SU_ML                            ? 
_refine.overall_SU_B                             ? 
_refine.ls_redundancy_reflns_obs                 ? 
_refine.B_iso_min                                ? 
_refine.B_iso_max                                ? 
_refine.overall_SU_R_Cruickshank_DPI             ? 
_refine.overall_SU_R_free                        ? 
_refine.pdbx_refine_id                           'X-RAY DIFFRACTION' 
_refine.pdbx_diffrn_id                           1 
_refine.pdbx_TLS_residual_ADP_flag               ? 
_refine.pdbx_overall_phase_error                 ? 
_refine.pdbx_overall_SU_R_free_Cruickshank_DPI   ? 
_refine.pdbx_overall_SU_R_Blow_DPI               ? 
_refine.pdbx_overall_SU_R_free_Blow_DPI          ? 
# 
_refine_analyze.entry_id                        1NU2 
_refine_analyze.Luzzati_coordinate_error_obs    0.22 
_refine_analyze.Luzzati_sigma_a_obs             0.08 
_refine_analyze.Luzzati_d_res_low_obs           40.00 
_refine_analyze.Luzzati_coordinate_error_free   0.27 
_refine_analyze.Luzzati_sigma_a_free            0.14 
_refine_analyze.Luzzati_d_res_low_free          ? 
_refine_analyze.number_disordered_residues      ? 
_refine_analyze.occupancy_sum_hydrogen          ? 
_refine_analyze.occupancy_sum_non_hydrogen      ? 
_refine_analyze.pdbx_Luzzati_d_res_high_obs     ? 
_refine_analyze.pdbx_refine_id                  'X-RAY DIFFRACTION' 
# 
_refine_hist.pdbx_refine_id                   'X-RAY DIFFRACTION' 
_refine_hist.cycle_id                         LAST 
_refine_hist.pdbx_number_atoms_protein        1288 
_refine_hist.pdbx_number_atoms_nucleic_acid   0 
_refine_hist.pdbx_number_atoms_ligand         48 
_refine_hist.number_atoms_solvent             141 
_refine_hist.number_atoms_total               1477 
_refine_hist.d_res_high                       1.90 
_refine_hist.d_res_low                        40.00 
# 
loop_
_refine_ls_restr.type 
_refine_ls_restr.dev_ideal 
_refine_ls_restr.dev_ideal_target 
_refine_ls_restr.weight 
_refine_ls_restr.number 
_refine_ls_restr.pdbx_refine_id 
_refine_ls_restr.pdbx_restraint_function 
c_bond_d                0.006 ? ? ? 'X-RAY DIFFRACTION' ? 
c_bond_d_na             ?     ? ? ? 'X-RAY DIFFRACTION' ? 
c_bond_d_prot           ?     ? ? ? 'X-RAY DIFFRACTION' ? 
c_angle_d               ?     ? ? ? 'X-RAY DIFFRACTION' ? 
c_angle_d_na            ?     ? ? ? 'X-RAY DIFFRACTION' ? 
c_angle_d_prot          ?     ? ? ? 'X-RAY DIFFRACTION' ? 
c_angle_deg             1.10  ? ? ? 'X-RAY DIFFRACTION' ? 
c_angle_deg_na          ?     ? ? ? 'X-RAY DIFFRACTION' ? 
c_angle_deg_prot        ?     ? ? ? 'X-RAY DIFFRACTION' ? 
c_dihedral_angle_d      22.1  ? ? ? 'X-RAY DIFFRACTION' ? 
c_dihedral_angle_d_na   ?     ? ? ? 'X-RAY DIFFRACTION' ? 
c_dihedral_angle_d_prot ?     ? ? ? 'X-RAY DIFFRACTION' ? 
c_improper_angle_d      0.66  ? ? ? 'X-RAY DIFFRACTION' ? 
c_improper_angle_d_na   ?     ? ? ? 'X-RAY DIFFRACTION' ? 
c_improper_angle_d_prot ?     ? ? ? 'X-RAY DIFFRACTION' ? 
c_mcbond_it             ?     ? ? ? 'X-RAY DIFFRACTION' ? 
c_mcangle_it            ?     ? ? ? 'X-RAY DIFFRACTION' ? 
c_scbond_it             ?     ? ? ? 'X-RAY DIFFRACTION' ? 
c_scangle_it            ?     ? ? ? 'X-RAY DIFFRACTION' ? 
# 
_refine_ls_shell.pdbx_total_number_of_bins_used   12 
_refine_ls_shell.d_res_high                       1.90 
_refine_ls_shell.d_res_low                        1.96 
_refine_ls_shell.number_reflns_R_work             807 
_refine_ls_shell.R_factor_R_work                  0.227 
_refine_ls_shell.percent_reflns_obs               90.5 
_refine_ls_shell.R_factor_R_free                  0.27 
_refine_ls_shell.R_factor_R_free_error            0.029 
_refine_ls_shell.percent_reflns_R_free            9.5 
_refine_ls_shell.number_reflns_R_free             85 
_refine_ls_shell.redundancy_reflns_obs            ? 
_refine_ls_shell.number_reflns_all                ? 
_refine_ls_shell.number_reflns_obs                ? 
_refine_ls_shell.pdbx_refine_id                   'X-RAY DIFFRACTION' 
_refine_ls_shell.R_factor_all                     ? 
# 
loop_
_pdbx_xplor_file.serial_no 
_pdbx_xplor_file.param_file 
_pdbx_xplor_file.topol_file 
_pdbx_xplor_file.pdbx_refine_id 
1 PROTEIN_REP.PARAM PROTEIN.TOP 'X-RAY DIFFRACTION' 
2 ION.PARAM         ION.TOP     'X-RAY DIFFRACTION' 
3 I3P.PAR           WATER.TOP   'X-RAY DIFFRACTION' 
4 WATER.PARAM       I3P.TOP     'X-RAY DIFFRACTION' 
# 
_struct.entry_id                  1NU2 
_struct.title                     
'Crystal structure of the murine Disabled-1 (Dab1) PTB domain-ApoER2 peptide-PI-4,5P2 ternary complex' 
_struct.pdbx_model_details        ? 
_struct.pdbx_CASP_flag            ? 
_struct.pdbx_model_type_details   ? 
# 
_struct_keywords.entry_id        1NU2 
_struct_keywords.pdbx_keywords   'SIGNALING PROTEIN' 
_struct_keywords.text            'beta-sandwich, SIGNALING PROTEIN' 
# 
loop_
_struct_asym.id 
_struct_asym.pdbx_blank_PDB_chainid_flag 
_struct_asym.pdbx_modified 
_struct_asym.entity_id 
_struct_asym.details 
A N N 1 ? 
B N N 2 ? 
C N N 3 ? 
D N N 4 ? 
E N N 4 ? 
# 
loop_
_struct_ref.id 
_struct_ref.db_name 
_struct_ref.db_code 
_struct_ref.pdbx_db_accession 
_struct_ref.entity_id 
_struct_ref.pdbx_seq_one_letter_code 
_struct_ref.pdbx_align_begin 
_struct_ref.pdbx_db_isoform 
1 UNP DAB1_MOUSE P97318 1 
;GQDRSEATLIKRFKGEGVRYKAKLIGIDEVSAARGDKLCQDSMMKLKGVVAGARSKGEHKQKIFLTISFGGIKIFDEKTG
ALQHHHAVHEISYIAKDITDHRAFGYVCGKEGNHRFVAIKTAQAAEPVILDLRDLFQLIYELKQREELEKKA
;
23 ? 
2 PDB 1NU2       1NU2   2 ? ?  ? 
# 
loop_
_struct_ref_seq.align_id 
_struct_ref_seq.ref_id 
_struct_ref_seq.pdbx_PDB_id_code 
_struct_ref_seq.pdbx_strand_id 
_struct_ref_seq.seq_align_beg 
_struct_ref_seq.pdbx_seq_align_beg_ins_code 
_struct_ref_seq.seq_align_end 
_struct_ref_seq.pdbx_seq_align_end_ins_code 
_struct_ref_seq.pdbx_db_accession 
_struct_ref_seq.db_align_beg 
_struct_ref_seq.pdbx_db_align_beg_ins_code 
_struct_ref_seq.db_align_end 
_struct_ref_seq.pdbx_db_align_end_ins_code 
_struct_ref_seq.pdbx_auth_seq_align_beg 
_struct_ref_seq.pdbx_auth_seq_align_end 
1 1 1NU2 A 1 ? 152 ? P97318 23 ? 174 ? 23 174 
2 2 1NU2 B 1 ? 10  ? 1NU2   5  ? 14  ? 5  14  
# 
_pdbx_struct_assembly.id                   1 
_pdbx_struct_assembly.details              author_and_software_defined_assembly 
_pdbx_struct_assembly.method_details       PISA 
_pdbx_struct_assembly.oligomeric_details   dimeric 
_pdbx_struct_assembly.oligomeric_count     2 
# 
loop_
_pdbx_struct_assembly_prop.biol_id 
_pdbx_struct_assembly_prop.type 
_pdbx_struct_assembly_prop.value 
_pdbx_struct_assembly_prop.details 
1 'ABSA (A^2)' 1860 ? 
1 MORE         -5   ? 
1 'SSA (A^2)'  8690 ? 
# 
_pdbx_struct_assembly_gen.assembly_id       1 
_pdbx_struct_assembly_gen.oper_expression   1 
_pdbx_struct_assembly_gen.asym_id_list      A,B,C,D,E 
# 
_pdbx_struct_oper_list.id                   1 
_pdbx_struct_oper_list.type                 'identity operation' 
_pdbx_struct_oper_list.name                 1_555 
_pdbx_struct_oper_list.symmetry_operation   x,y,z 
_pdbx_struct_oper_list.matrix[1][1]         1.0000000000 
_pdbx_struct_oper_list.matrix[1][2]         0.0000000000 
_pdbx_struct_oper_list.matrix[1][3]         0.0000000000 
_pdbx_struct_oper_list.vector[1]            0.0000000000 
_pdbx_struct_oper_list.matrix[2][1]         0.0000000000 
_pdbx_struct_oper_list.matrix[2][2]         1.0000000000 
_pdbx_struct_oper_list.matrix[2][3]         0.0000000000 
_pdbx_struct_oper_list.vector[2]            0.0000000000 
_pdbx_struct_oper_list.matrix[3][1]         0.0000000000 
_pdbx_struct_oper_list.matrix[3][2]         0.0000000000 
_pdbx_struct_oper_list.matrix[3][3]         1.0000000000 
_pdbx_struct_oper_list.vector[3]            0.0000000000 
# 
_struct_biol.id                    1 
_struct_biol.pdbx_parent_biol_id   ? 
_struct_biol.details               ? 
# 
loop_
_struct_conf.conf_type_id 
_struct_conf.id 
_struct_conf.pdbx_PDB_helix_id 
_struct_conf.beg_label_comp_id 
_struct_conf.beg_label_asym_id 
_struct_conf.beg_label_seq_id 
_struct_conf.pdbx_beg_PDB_ins_code 
_struct_conf.end_label_comp_id 
_struct_conf.end_label_asym_id 
_struct_conf.end_label_seq_id 
_struct_conf.pdbx_end_PDB_ins_code 
_struct_conf.beg_auth_comp_id 
_struct_conf.beg_auth_asym_id 
_struct_conf.beg_auth_seq_id 
_struct_conf.end_auth_comp_id 
_struct_conf.end_auth_asym_id 
_struct_conf.end_auth_seq_id 
_struct_conf.pdbx_PDB_helix_class 
_struct_conf.details 
_struct_conf.pdbx_PDB_helix_length 
HELX_P HELX_P1 1 SER A 5   ? LYS A 14  ? SER A 27  LYS A 36  1 ? 10 
HELX_P HELX_P2 2 GLY A 35  ? SER A 55  ? GLY A 57  SER A 77  1 ? 21 
HELX_P HELX_P3 3 ALA A 87  ? HIS A 89  ? ALA A 109 HIS A 111 5 ? 3  
HELX_P HELX_P4 4 ALA A 125 ? ARG A 145 ? ALA A 147 ARG A 167 1 ? 21 
HELX_P HELX_P5 5 GLU A 147 ? ALA A 152 ? GLU A 169 ALA A 174 1 ? 6  
# 
_struct_conf_type.id          HELX_P 
_struct_conf_type.criteria    ? 
_struct_conf_type.reference   ? 
# 
_struct_sheet.id               A 
_struct_sheet.type             ? 
_struct_sheet.number_strands   8 
_struct_sheet.details          ? 
# 
loop_
_struct_sheet_order.sheet_id 
_struct_sheet_order.range_id_1 
_struct_sheet_order.range_id_2 
_struct_sheet_order.offset 
_struct_sheet_order.sense 
A 1 2 ? anti-parallel 
A 2 3 ? anti-parallel 
A 3 4 ? anti-parallel 
A 4 5 ? anti-parallel 
A 5 6 ? anti-parallel 
A 6 7 ? anti-parallel 
A 7 8 ? anti-parallel 
# 
loop_
_struct_sheet_range.sheet_id 
_struct_sheet_range.id 
_struct_sheet_range.beg_label_comp_id 
_struct_sheet_range.beg_label_asym_id 
_struct_sheet_range.beg_label_seq_id 
_struct_sheet_range.pdbx_beg_PDB_ins_code 
_struct_sheet_range.end_label_comp_id 
_struct_sheet_range.end_label_asym_id 
_struct_sheet_range.end_label_seq_id 
_struct_sheet_range.pdbx_end_PDB_ins_code 
_struct_sheet_range.beg_auth_comp_id 
_struct_sheet_range.beg_auth_asym_id 
_struct_sheet_range.beg_auth_seq_id 
_struct_sheet_range.end_auth_comp_id 
_struct_sheet_range.end_auth_asym_id 
_struct_sheet_range.end_auth_seq_id 
A 1 LEU A 82  ? HIS A 86  ? LEU A 104 HIS A 108 
A 2 GLY A 71  ? ASP A 76  ? GLY A 93  ASP A 98  
A 3 GLN A 61  ? SER A 68  ? GLN A 83  SER A 90  
A 4 VAL A 18  ? GLU A 29  ? VAL A 40  GLU A 51  
A 5 ARG A 115 ? THR A 121 ? ARG A 137 THR A 143 
A 6 ALA A 103 ? CYS A 108 ? ALA A 125 CYS A 130 
A 7 ILE A 91  ? LYS A 96  ? ILE A 113 LYS A 118 
A 8 PHE B 2   ? ASP B 3   ? PHE B 6   ASP B 7   
# 
loop_
_pdbx_struct_sheet_hbond.sheet_id 
_pdbx_struct_sheet_hbond.range_id_1 
_pdbx_struct_sheet_hbond.range_id_2 
_pdbx_struct_sheet_hbond.range_1_label_atom_id 
_pdbx_struct_sheet_hbond.range_1_label_comp_id 
_pdbx_struct_sheet_hbond.range_1_label_asym_id 
_pdbx_struct_sheet_hbond.range_1_label_seq_id 
_pdbx_struct_sheet_hbond.range_1_PDB_ins_code 
_pdbx_struct_sheet_hbond.range_1_auth_atom_id 
_pdbx_struct_sheet_hbond.range_1_auth_comp_id 
_pdbx_struct_sheet_hbond.range_1_auth_asym_id 
_pdbx_struct_sheet_hbond.range_1_auth_seq_id 
_pdbx_struct_sheet_hbond.range_2_label_atom_id 
_pdbx_struct_sheet_hbond.range_2_label_comp_id 
_pdbx_struct_sheet_hbond.range_2_label_asym_id 
_pdbx_struct_sheet_hbond.range_2_label_seq_id 
_pdbx_struct_sheet_hbond.range_2_PDB_ins_code 
_pdbx_struct_sheet_hbond.range_2_auth_atom_id 
_pdbx_struct_sheet_hbond.range_2_auth_comp_id 
_pdbx_struct_sheet_hbond.range_2_auth_asym_id 
_pdbx_struct_sheet_hbond.range_2_auth_seq_id 
A 1 2 O GLN A 83  ? O GLN A 105 N ILE A 74  ? N ILE A 96  
A 2 3 O PHE A 75  ? O PHE A 97  N PHE A 64  ? N PHE A 86  
A 3 4 O ILE A 63  ? O ILE A 85  N ALA A 22  ? N ALA A 44  
A 4 5 N ASP A 28  ? N ASP A 50  O PHE A 116 ? O PHE A 138 
A 5 6 O ILE A 119 ? O ILE A 141 N PHE A 104 ? N PHE A 126 
A 6 7 O GLY A 105 ? O GLY A 127 N ALA A 95  ? N ALA A 117 
A 7 8 N ILE A 94  ? N ILE A 116 O PHE B 2   ? O PHE B 6   
# 
_struct_site.id                   AC1 
_struct_site.pdbx_evidence_code   Software 
_struct_site.pdbx_auth_asym_id    A 
_struct_site.pdbx_auth_comp_id    I3P 
_struct_site.pdbx_auth_seq_id     200 
_struct_site.pdbx_auth_ins_code   ? 
_struct_site.pdbx_num_residues    12 
_struct_site.details              'BINDING SITE FOR RESIDUE I3P A 200' 
# 
loop_
_struct_site_gen.id 
_struct_site_gen.site_id 
_struct_site_gen.pdbx_num_res 
_struct_site_gen.label_comp_id 
_struct_site_gen.label_asym_id 
_struct_site_gen.label_seq_id 
_struct_site_gen.pdbx_auth_ins_code 
_struct_site_gen.auth_comp_id 
_struct_site_gen.auth_asym_id 
_struct_site_gen.auth_seq_id 
_struct_site_gen.label_atom_id 
_struct_site_gen.label_alt_id 
_struct_site_gen.symmetry 
_struct_site_gen.details 
1  AC1 12 LYS A 23  ? LYS A 45  . ? 1_555 ? 
2  AC1 12 ARG A 54  ? ARG A 76  . ? 1_555 ? 
3  AC1 12 HIS A 59  ? HIS A 81  . ? 1_555 ? 
4  AC1 12 LYS A 60  ? LYS A 82  . ? 1_555 ? 
5  AC1 12 ARG A 102 ? ARG A 124 . ? 1_555 ? 
6  AC1 12 LYS A 120 ? LYS A 142 . ? 1_555 ? 
7  AC1 12 HOH D .   ? HOH A 237 . ? 1_555 ? 
8  AC1 12 HOH D .   ? HOH A 244 . ? 1_555 ? 
9  AC1 12 HOH D .   ? HOH A 276 . ? 1_555 ? 
10 AC1 12 HOH D .   ? HOH A 280 . ? 1_555 ? 
11 AC1 12 HOH D .   ? HOH A 285 . ? 1_555 ? 
12 AC1 12 HOH D .   ? HOH A 299 . ? 1_555 ? 
# 
_pdbx_validate_torsion.id              1 
_pdbx_validate_torsion.PDB_model_num   1 
_pdbx_validate_torsion.auth_comp_id    GLN 
_pdbx_validate_torsion.auth_asym_id    A 
_pdbx_validate_torsion.auth_seq_id     145 
_pdbx_validate_torsion.PDB_ins_code    ? 
_pdbx_validate_torsion.label_alt_id    ? 
_pdbx_validate_torsion.phi             -102.53 
_pdbx_validate_torsion.psi             -165.97 
# 
loop_
_chem_comp_atom.comp_id 
_chem_comp_atom.atom_id 
_chem_comp_atom.type_symbol 
_chem_comp_atom.pdbx_aromatic_flag 
_chem_comp_atom.pdbx_stereo_config 
_chem_comp_atom.pdbx_ordinal 
ALA N    N N N 1   
ALA CA   C N S 2   
ALA C    C N N 3   
ALA O    O N N 4   
ALA CB   C N N 5   
ALA OXT  O N N 6   
ALA H    H N N 7   
ALA H2   H N N 8   
ALA HA   H N N 9   
ALA HB1  H N N 10  
ALA HB2  H N N 11  
ALA HB3  H N N 12  
ALA HXT  H N N 13  
ARG N    N N N 14  
ARG CA   C N S 15  
ARG C    C N N 16  
ARG O    O N N 17  
ARG CB   C N N 18  
ARG CG   C N N 19  
ARG CD   C N N 20  
ARG NE   N N N 21  
ARG CZ   C N N 22  
ARG NH1  N N N 23  
ARG NH2  N N N 24  
ARG OXT  O N N 25  
ARG H    H N N 26  
ARG H2   H N N 27  
ARG HA   H N N 28  
ARG HB2  H N N 29  
ARG HB3  H N N 30  
ARG HG2  H N N 31  
ARG HG3  H N N 32  
ARG HD2  H N N 33  
ARG HD3  H N N 34  
ARG HE   H N N 35  
ARG HH11 H N N 36  
ARG HH12 H N N 37  
ARG HH21 H N N 38  
ARG HH22 H N N 39  
ARG HXT  H N N 40  
ASN N    N N N 41  
ASN CA   C N S 42  
ASN C    C N N 43  
ASN O    O N N 44  
ASN CB   C N N 45  
ASN CG   C N N 46  
ASN OD1  O N N 47  
ASN ND2  N N N 48  
ASN OXT  O N N 49  
ASN H    H N N 50  
ASN H2   H N N 51  
ASN HA   H N N 52  
ASN HB2  H N N 53  
ASN HB3  H N N 54  
ASN HD21 H N N 55  
ASN HD22 H N N 56  
ASN HXT  H N N 57  
ASP N    N N N 58  
ASP CA   C N S 59  
ASP C    C N N 60  
ASP O    O N N 61  
ASP CB   C N N 62  
ASP CG   C N N 63  
ASP OD1  O N N 64  
ASP OD2  O N N 65  
ASP OXT  O N N 66  
ASP H    H N N 67  
ASP H2   H N N 68  
ASP HA   H N N 69  
ASP HB2  H N N 70  
ASP HB3  H N N 71  
ASP HD2  H N N 72  
ASP HXT  H N N 73  
CYS N    N N N 74  
CYS CA   C N R 75  
CYS C    C N N 76  
CYS O    O N N 77  
CYS CB   C N N 78  
CYS SG   S N N 79  
CYS OXT  O N N 80  
CYS H    H N N 81  
CYS H2   H N N 82  
CYS HA   H N N 83  
CYS HB2  H N N 84  
CYS HB3  H N N 85  
CYS HG   H N N 86  
CYS HXT  H N N 87  
GLN N    N N N 88  
GLN CA   C N S 89  
GLN C    C N N 90  
GLN O    O N N 91  
GLN CB   C N N 92  
GLN CG   C N N 93  
GLN CD   C N N 94  
GLN OE1  O N N 95  
GLN NE2  N N N 96  
GLN OXT  O N N 97  
GLN H    H N N 98  
GLN H2   H N N 99  
GLN HA   H N N 100 
GLN HB2  H N N 101 
GLN HB3  H N N 102 
GLN HG2  H N N 103 
GLN HG3  H N N 104 
GLN HE21 H N N 105 
GLN HE22 H N N 106 
GLN HXT  H N N 107 
GLU N    N N N 108 
GLU CA   C N S 109 
GLU C    C N N 110 
GLU O    O N N 111 
GLU CB   C N N 112 
GLU CG   C N N 113 
GLU CD   C N N 114 
GLU OE1  O N N 115 
GLU OE2  O N N 116 
GLU OXT  O N N 117 
GLU H    H N N 118 
GLU H2   H N N 119 
GLU HA   H N N 120 
GLU HB2  H N N 121 
GLU HB3  H N N 122 
GLU HG2  H N N 123 
GLU HG3  H N N 124 
GLU HE2  H N N 125 
GLU HXT  H N N 126 
GLY N    N N N 127 
GLY CA   C N N 128 
GLY C    C N N 129 
GLY O    O N N 130 
GLY OXT  O N N 131 
GLY H    H N N 132 
GLY H2   H N N 133 
GLY HA2  H N N 134 
GLY HA3  H N N 135 
GLY HXT  H N N 136 
HIS N    N N N 137 
HIS CA   C N S 138 
HIS C    C N N 139 
HIS O    O N N 140 
HIS CB   C N N 141 
HIS CG   C Y N 142 
HIS ND1  N Y N 143 
HIS CD2  C Y N 144 
HIS CE1  C Y N 145 
HIS NE2  N Y N 146 
HIS OXT  O N N 147 
HIS H    H N N 148 
HIS H2   H N N 149 
HIS HA   H N N 150 
HIS HB2  H N N 151 
HIS HB3  H N N 152 
HIS HD1  H N N 153 
HIS HD2  H N N 154 
HIS HE1  H N N 155 
HIS HE2  H N N 156 
HIS HXT  H N N 157 
HOH O    O N N 158 
HOH H1   H N N 159 
HOH H2   H N N 160 
I3P C1   C N R 161 
I3P C2   C N R 162 
I3P C3   C N S 163 
I3P C4   C N R 164 
I3P C5   C N R 165 
I3P C6   C N S 166 
I3P O1   O N N 167 
I3P O2   O N N 168 
I3P O3   O N N 169 
I3P O4   O N N 170 
I3P O5   O N N 171 
I3P O6   O N N 172 
I3P P1   P N N 173 
I3P O11  O N N 174 
I3P O12  O N N 175 
I3P O13  O N N 176 
I3P P4   P N N 177 
I3P O41  O N N 178 
I3P O42  O N N 179 
I3P O43  O N N 180 
I3P P5   P N N 181 
I3P O51  O N N 182 
I3P O52  O N N 183 
I3P O53  O N N 184 
I3P H1   H N N 185 
I3P H2   H N N 186 
I3P H3   H N N 187 
I3P H4   H N N 188 
I3P H5   H N N 189 
I3P H6   H N N 190 
I3P HO2  H N N 191 
I3P HO3  H N N 192 
I3P HO6  H N N 193 
I3P HO12 H N N 194 
I3P HO13 H N N 195 
I3P HO42 H N N 196 
I3P HO43 H N N 197 
I3P HO52 H N N 198 
I3P HO53 H N N 199 
ILE N    N N N 200 
ILE CA   C N S 201 
ILE C    C N N 202 
ILE O    O N N 203 
ILE CB   C N S 204 
ILE CG1  C N N 205 
ILE CG2  C N N 206 
ILE CD1  C N N 207 
ILE OXT  O N N 208 
ILE H    H N N 209 
ILE H2   H N N 210 
ILE HA   H N N 211 
ILE HB   H N N 212 
ILE HG12 H N N 213 
ILE HG13 H N N 214 
ILE HG21 H N N 215 
ILE HG22 H N N 216 
ILE HG23 H N N 217 
ILE HD11 H N N 218 
ILE HD12 H N N 219 
ILE HD13 H N N 220 
ILE HXT  H N N 221 
LEU N    N N N 222 
LEU CA   C N S 223 
LEU C    C N N 224 
LEU O    O N N 225 
LEU CB   C N N 226 
LEU CG   C N N 227 
LEU CD1  C N N 228 
LEU CD2  C N N 229 
LEU OXT  O N N 230 
LEU H    H N N 231 
LEU H2   H N N 232 
LEU HA   H N N 233 
LEU HB2  H N N 234 
LEU HB3  H N N 235 
LEU HG   H N N 236 
LEU HD11 H N N 237 
LEU HD12 H N N 238 
LEU HD13 H N N 239 
LEU HD21 H N N 240 
LEU HD22 H N N 241 
LEU HD23 H N N 242 
LEU HXT  H N N 243 
LYS N    N N N 244 
LYS CA   C N S 245 
LYS C    C N N 246 
LYS O    O N N 247 
LYS CB   C N N 248 
LYS CG   C N N 249 
LYS CD   C N N 250 
LYS CE   C N N 251 
LYS NZ   N N N 252 
LYS OXT  O N N 253 
LYS H    H N N 254 
LYS H2   H N N 255 
LYS HA   H N N 256 
LYS HB2  H N N 257 
LYS HB3  H N N 258 
LYS HG2  H N N 259 
LYS HG3  H N N 260 
LYS HD2  H N N 261 
LYS HD3  H N N 262 
LYS HE2  H N N 263 
LYS HE3  H N N 264 
LYS HZ1  H N N 265 
LYS HZ2  H N N 266 
LYS HZ3  H N N 267 
LYS HXT  H N N 268 
MET N    N N N 269 
MET CA   C N S 270 
MET C    C N N 271 
MET O    O N N 272 
MET CB   C N N 273 
MET CG   C N N 274 
MET SD   S N N 275 
MET CE   C N N 276 
MET OXT  O N N 277 
MET H    H N N 278 
MET H2   H N N 279 
MET HA   H N N 280 
MET HB2  H N N 281 
MET HB3  H N N 282 
MET HG2  H N N 283 
MET HG3  H N N 284 
MET HE1  H N N 285 
MET HE2  H N N 286 
MET HE3  H N N 287 
MET HXT  H N N 288 
PHE N    N N N 289 
PHE CA   C N S 290 
PHE C    C N N 291 
PHE O    O N N 292 
PHE CB   C N N 293 
PHE CG   C Y N 294 
PHE CD1  C Y N 295 
PHE CD2  C Y N 296 
PHE CE1  C Y N 297 
PHE CE2  C Y N 298 
PHE CZ   C Y N 299 
PHE OXT  O N N 300 
PHE H    H N N 301 
PHE H2   H N N 302 
PHE HA   H N N 303 
PHE HB2  H N N 304 
PHE HB3  H N N 305 
PHE HD1  H N N 306 
PHE HD2  H N N 307 
PHE HE1  H N N 308 
PHE HE2  H N N 309 
PHE HZ   H N N 310 
PHE HXT  H N N 311 
PRO N    N N N 312 
PRO CA   C N S 313 
PRO C    C N N 314 
PRO O    O N N 315 
PRO CB   C N N 316 
PRO CG   C N N 317 
PRO CD   C N N 318 
PRO OXT  O N N 319 
PRO H    H N N 320 
PRO HA   H N N 321 
PRO HB2  H N N 322 
PRO HB3  H N N 323 
PRO HG2  H N N 324 
PRO HG3  H N N 325 
PRO HD2  H N N 326 
PRO HD3  H N N 327 
PRO HXT  H N N 328 
SER N    N N N 329 
SER CA   C N S 330 
SER C    C N N 331 
SER O    O N N 332 
SER CB   C N N 333 
SER OG   O N N 334 
SER OXT  O N N 335 
SER H    H N N 336 
SER H2   H N N 337 
SER HA   H N N 338 
SER HB2  H N N 339 
SER HB3  H N N 340 
SER HG   H N N 341 
SER HXT  H N N 342 
THR N    N N N 343 
THR CA   C N S 344 
THR C    C N N 345 
THR O    O N N 346 
THR CB   C N R 347 
THR OG1  O N N 348 
THR CG2  C N N 349 
THR OXT  O N N 350 
THR H    H N N 351 
THR H2   H N N 352 
THR HA   H N N 353 
THR HB   H N N 354 
THR HG1  H N N 355 
THR HG21 H N N 356 
THR HG22 H N N 357 
THR HG23 H N N 358 
THR HXT  H N N 359 
TYR N    N N N 360 
TYR CA   C N S 361 
TYR C    C N N 362 
TYR O    O N N 363 
TYR CB   C N N 364 
TYR CG   C Y N 365 
TYR CD1  C Y N 366 
TYR CD2  C Y N 367 
TYR CE1  C Y N 368 
TYR CE2  C Y N 369 
TYR CZ   C Y N 370 
TYR OH   O N N 371 
TYR OXT  O N N 372 
TYR H    H N N 373 
TYR H2   H N N 374 
TYR HA   H N N 375 
TYR HB2  H N N 376 
TYR HB3  H N N 377 
TYR HD1  H N N 378 
TYR HD2  H N N 379 
TYR HE1  H N N 380 
TYR HE2  H N N 381 
TYR HH   H N N 382 
TYR HXT  H N N 383 
VAL N    N N N 384 
VAL CA   C N S 385 
VAL C    C N N 386 
VAL O    O N N 387 
VAL CB   C N N 388 
VAL CG1  C N N 389 
VAL CG2  C N N 390 
VAL OXT  O N N 391 
VAL H    H N N 392 
VAL H2   H N N 393 
VAL HA   H N N 394 
VAL HB   H N N 395 
VAL HG11 H N N 396 
VAL HG12 H N N 397 
VAL HG13 H N N 398 
VAL HG21 H N N 399 
VAL HG22 H N N 400 
VAL HG23 H N N 401 
VAL HXT  H N N 402 
# 
loop_
_chem_comp_bond.comp_id 
_chem_comp_bond.atom_id_1 
_chem_comp_bond.atom_id_2 
_chem_comp_bond.value_order 
_chem_comp_bond.pdbx_aromatic_flag 
_chem_comp_bond.pdbx_stereo_config 
_chem_comp_bond.pdbx_ordinal 
ALA N   CA   sing N N 1   
ALA N   H    sing N N 2   
ALA N   H2   sing N N 3   
ALA CA  C    sing N N 4   
ALA CA  CB   sing N N 5   
ALA CA  HA   sing N N 6   
ALA C   O    doub N N 7   
ALA C   OXT  sing N N 8   
ALA CB  HB1  sing N N 9   
ALA CB  HB2  sing N N 10  
ALA CB  HB3  sing N N 11  
ALA OXT HXT  sing N N 12  
ARG N   CA   sing N N 13  
ARG N   H    sing N N 14  
ARG N   H2   sing N N 15  
ARG CA  C    sing N N 16  
ARG CA  CB   sing N N 17  
ARG CA  HA   sing N N 18  
ARG C   O    doub N N 19  
ARG C   OXT  sing N N 20  
ARG CB  CG   sing N N 21  
ARG CB  HB2  sing N N 22  
ARG CB  HB3  sing N N 23  
ARG CG  CD   sing N N 24  
ARG CG  HG2  sing N N 25  
ARG CG  HG3  sing N N 26  
ARG CD  NE   sing N N 27  
ARG CD  HD2  sing N N 28  
ARG CD  HD3  sing N N 29  
ARG NE  CZ   sing N N 30  
ARG NE  HE   sing N N 31  
ARG CZ  NH1  sing N N 32  
ARG CZ  NH2  doub N N 33  
ARG NH1 HH11 sing N N 34  
ARG NH1 HH12 sing N N 35  
ARG NH2 HH21 sing N N 36  
ARG NH2 HH22 sing N N 37  
ARG OXT HXT  sing N N 38  
ASN N   CA   sing N N 39  
ASN N   H    sing N N 40  
ASN N   H2   sing N N 41  
ASN CA  C    sing N N 42  
ASN CA  CB   sing N N 43  
ASN CA  HA   sing N N 44  
ASN C   O    doub N N 45  
ASN C   OXT  sing N N 46  
ASN CB  CG   sing N N 47  
ASN CB  HB2  sing N N 48  
ASN CB  HB3  sing N N 49  
ASN CG  OD1  doub N N 50  
ASN CG  ND2  sing N N 51  
ASN ND2 HD21 sing N N 52  
ASN ND2 HD22 sing N N 53  
ASN OXT HXT  sing N N 54  
ASP N   CA   sing N N 55  
ASP N   H    sing N N 56  
ASP N   H2   sing N N 57  
ASP CA  C    sing N N 58  
ASP CA  CB   sing N N 59  
ASP CA  HA   sing N N 60  
ASP C   O    doub N N 61  
ASP C   OXT  sing N N 62  
ASP CB  CG   sing N N 63  
ASP CB  HB2  sing N N 64  
ASP CB  HB3  sing N N 65  
ASP CG  OD1  doub N N 66  
ASP CG  OD2  sing N N 67  
ASP OD2 HD2  sing N N 68  
ASP OXT HXT  sing N N 69  
CYS N   CA   sing N N 70  
CYS N   H    sing N N 71  
CYS N   H2   sing N N 72  
CYS CA  C    sing N N 73  
CYS CA  CB   sing N N 74  
CYS CA  HA   sing N N 75  
CYS C   O    doub N N 76  
CYS C   OXT  sing N N 77  
CYS CB  SG   sing N N 78  
CYS CB  HB2  sing N N 79  
CYS CB  HB3  sing N N 80  
CYS SG  HG   sing N N 81  
CYS OXT HXT  sing N N 82  
GLN N   CA   sing N N 83  
GLN N   H    sing N N 84  
GLN N   H2   sing N N 85  
GLN CA  C    sing N N 86  
GLN CA  CB   sing N N 87  
GLN CA  HA   sing N N 88  
GLN C   O    doub N N 89  
GLN C   OXT  sing N N 90  
GLN CB  CG   sing N N 91  
GLN CB  HB2  sing N N 92  
GLN CB  HB3  sing N N 93  
GLN CG  CD   sing N N 94  
GLN CG  HG2  sing N N 95  
GLN CG  HG3  sing N N 96  
GLN CD  OE1  doub N N 97  
GLN CD  NE2  sing N N 98  
GLN NE2 HE21 sing N N 99  
GLN NE2 HE22 sing N N 100 
GLN OXT HXT  sing N N 101 
GLU N   CA   sing N N 102 
GLU N   H    sing N N 103 
GLU N   H2   sing N N 104 
GLU CA  C    sing N N 105 
GLU CA  CB   sing N N 106 
GLU CA  HA   sing N N 107 
GLU C   O    doub N N 108 
GLU C   OXT  sing N N 109 
GLU CB  CG   sing N N 110 
GLU CB  HB2  sing N N 111 
GLU CB  HB3  sing N N 112 
GLU CG  CD   sing N N 113 
GLU CG  HG2  sing N N 114 
GLU CG  HG3  sing N N 115 
GLU CD  OE1  doub N N 116 
GLU CD  OE2  sing N N 117 
GLU OE2 HE2  sing N N 118 
GLU OXT HXT  sing N N 119 
GLY N   CA   sing N N 120 
GLY N   H    sing N N 121 
GLY N   H2   sing N N 122 
GLY CA  C    sing N N 123 
GLY CA  HA2  sing N N 124 
GLY CA  HA3  sing N N 125 
GLY C   O    doub N N 126 
GLY C   OXT  sing N N 127 
GLY OXT HXT  sing N N 128 
HIS N   CA   sing N N 129 
HIS N   H    sing N N 130 
HIS N   H2   sing N N 131 
HIS CA  C    sing N N 132 
HIS CA  CB   sing N N 133 
HIS CA  HA   sing N N 134 
HIS C   O    doub N N 135 
HIS C   OXT  sing N N 136 
HIS CB  CG   sing N N 137 
HIS CB  HB2  sing N N 138 
HIS CB  HB3  sing N N 139 
HIS CG  ND1  sing Y N 140 
HIS CG  CD2  doub Y N 141 
HIS ND1 CE1  doub Y N 142 
HIS ND1 HD1  sing N N 143 
HIS CD2 NE2  sing Y N 144 
HIS CD2 HD2  sing N N 145 
HIS CE1 NE2  sing Y N 146 
HIS CE1 HE1  sing N N 147 
HIS NE2 HE2  sing N N 148 
HIS OXT HXT  sing N N 149 
HOH O   H1   sing N N 150 
HOH O   H2   sing N N 151 
I3P C1  C2   sing N N 152 
I3P C1  C6   sing N N 153 
I3P C1  O1   sing N N 154 
I3P C1  H1   sing N N 155 
I3P C2  C3   sing N N 156 
I3P C2  O2   sing N N 157 
I3P C2  H2   sing N N 158 
I3P C3  C4   sing N N 159 
I3P C3  O3   sing N N 160 
I3P C3  H3   sing N N 161 
I3P C4  C5   sing N N 162 
I3P C4  O4   sing N N 163 
I3P C4  H4   sing N N 164 
I3P C5  C6   sing N N 165 
I3P C5  O5   sing N N 166 
I3P C5  H5   sing N N 167 
I3P C6  O6   sing N N 168 
I3P C6  H6   sing N N 169 
I3P O1  P1   sing N N 170 
I3P O2  HO2  sing N N 171 
I3P O3  HO3  sing N N 172 
I3P O4  P4   sing N N 173 
I3P O5  P5   sing N N 174 
I3P O6  HO6  sing N N 175 
I3P P1  O11  doub N N 176 
I3P P1  O12  sing N N 177 
I3P P1  O13  sing N N 178 
I3P O12 HO12 sing N N 179 
I3P O13 HO13 sing N N 180 
I3P P4  O41  doub N N 181 
I3P P4  O42  sing N N 182 
I3P P4  O43  sing N N 183 
I3P O42 HO42 sing N N 184 
I3P O43 HO43 sing N N 185 
I3P P5  O51  doub N N 186 
I3P P5  O52  sing N N 187 
I3P P5  O53  sing N N 188 
I3P O52 HO52 sing N N 189 
I3P O53 HO53 sing N N 190 
ILE N   CA   sing N N 191 
ILE N   H    sing N N 192 
ILE N   H2   sing N N 193 
ILE CA  C    sing N N 194 
ILE CA  CB   sing N N 195 
ILE CA  HA   sing N N 196 
ILE C   O    doub N N 197 
ILE C   OXT  sing N N 198 
ILE CB  CG1  sing N N 199 
ILE CB  CG2  sing N N 200 
ILE CB  HB   sing N N 201 
ILE CG1 CD1  sing N N 202 
ILE CG1 HG12 sing N N 203 
ILE CG1 HG13 sing N N 204 
ILE CG2 HG21 sing N N 205 
ILE CG2 HG22 sing N N 206 
ILE CG2 HG23 sing N N 207 
ILE CD1 HD11 sing N N 208 
ILE CD1 HD12 sing N N 209 
ILE CD1 HD13 sing N N 210 
ILE OXT HXT  sing N N 211 
LEU N   CA   sing N N 212 
LEU N   H    sing N N 213 
LEU N   H2   sing N N 214 
LEU CA  C    sing N N 215 
LEU CA  CB   sing N N 216 
LEU CA  HA   sing N N 217 
LEU C   O    doub N N 218 
LEU C   OXT  sing N N 219 
LEU CB  CG   sing N N 220 
LEU CB  HB2  sing N N 221 
LEU CB  HB3  sing N N 222 
LEU CG  CD1  sing N N 223 
LEU CG  CD2  sing N N 224 
LEU CG  HG   sing N N 225 
LEU CD1 HD11 sing N N 226 
LEU CD1 HD12 sing N N 227 
LEU CD1 HD13 sing N N 228 
LEU CD2 HD21 sing N N 229 
LEU CD2 HD22 sing N N 230 
LEU CD2 HD23 sing N N 231 
LEU OXT HXT  sing N N 232 
LYS N   CA   sing N N 233 
LYS N   H    sing N N 234 
LYS N   H2   sing N N 235 
LYS CA  C    sing N N 236 
LYS CA  CB   sing N N 237 
LYS CA  HA   sing N N 238 
LYS C   O    doub N N 239 
LYS C   OXT  sing N N 240 
LYS CB  CG   sing N N 241 
LYS CB  HB2  sing N N 242 
LYS CB  HB3  sing N N 243 
LYS CG  CD   sing N N 244 
LYS CG  HG2  sing N N 245 
LYS CG  HG3  sing N N 246 
LYS CD  CE   sing N N 247 
LYS CD  HD2  sing N N 248 
LYS CD  HD3  sing N N 249 
LYS CE  NZ   sing N N 250 
LYS CE  HE2  sing N N 251 
LYS CE  HE3  sing N N 252 
LYS NZ  HZ1  sing N N 253 
LYS NZ  HZ2  sing N N 254 
LYS NZ  HZ3  sing N N 255 
LYS OXT HXT  sing N N 256 
MET N   CA   sing N N 257 
MET N   H    sing N N 258 
MET N   H2   sing N N 259 
MET CA  C    sing N N 260 
MET CA  CB   sing N N 261 
MET CA  HA   sing N N 262 
MET C   O    doub N N 263 
MET C   OXT  sing N N 264 
MET CB  CG   sing N N 265 
MET CB  HB2  sing N N 266 
MET CB  HB3  sing N N 267 
MET CG  SD   sing N N 268 
MET CG  HG2  sing N N 269 
MET CG  HG3  sing N N 270 
MET SD  CE   sing N N 271 
MET CE  HE1  sing N N 272 
MET CE  HE2  sing N N 273 
MET CE  HE3  sing N N 274 
MET OXT HXT  sing N N 275 
PHE N   CA   sing N N 276 
PHE N   H    sing N N 277 
PHE N   H2   sing N N 278 
PHE CA  C    sing N N 279 
PHE CA  CB   sing N N 280 
PHE CA  HA   sing N N 281 
PHE C   O    doub N N 282 
PHE C   OXT  sing N N 283 
PHE CB  CG   sing N N 284 
PHE CB  HB2  sing N N 285 
PHE CB  HB3  sing N N 286 
PHE CG  CD1  doub Y N 287 
PHE CG  CD2  sing Y N 288 
PHE CD1 CE1  sing Y N 289 
PHE CD1 HD1  sing N N 290 
PHE CD2 CE2  doub Y N 291 
PHE CD2 HD2  sing N N 292 
PHE CE1 CZ   doub Y N 293 
PHE CE1 HE1  sing N N 294 
PHE CE2 CZ   sing Y N 295 
PHE CE2 HE2  sing N N 296 
PHE CZ  HZ   sing N N 297 
PHE OXT HXT  sing N N 298 
PRO N   CA   sing N N 299 
PRO N   CD   sing N N 300 
PRO N   H    sing N N 301 
PRO CA  C    sing N N 302 
PRO CA  CB   sing N N 303 
PRO CA  HA   sing N N 304 
PRO C   O    doub N N 305 
PRO C   OXT  sing N N 306 
PRO CB  CG   sing N N 307 
PRO CB  HB2  sing N N 308 
PRO CB  HB3  sing N N 309 
PRO CG  CD   sing N N 310 
PRO CG  HG2  sing N N 311 
PRO CG  HG3  sing N N 312 
PRO CD  HD2  sing N N 313 
PRO CD  HD3  sing N N 314 
PRO OXT HXT  sing N N 315 
SER N   CA   sing N N 316 
SER N   H    sing N N 317 
SER N   H2   sing N N 318 
SER CA  C    sing N N 319 
SER CA  CB   sing N N 320 
SER CA  HA   sing N N 321 
SER C   O    doub N N 322 
SER C   OXT  sing N N 323 
SER CB  OG   sing N N 324 
SER CB  HB2  sing N N 325 
SER CB  HB3  sing N N 326 
SER OG  HG   sing N N 327 
SER OXT HXT  sing N N 328 
THR N   CA   sing N N 329 
THR N   H    sing N N 330 
THR N   H2   sing N N 331 
THR CA  C    sing N N 332 
THR CA  CB   sing N N 333 
THR CA  HA   sing N N 334 
THR C   O    doub N N 335 
THR C   OXT  sing N N 336 
THR CB  OG1  sing N N 337 
THR CB  CG2  sing N N 338 
THR CB  HB   sing N N 339 
THR OG1 HG1  sing N N 340 
THR CG2 HG21 sing N N 341 
THR CG2 HG22 sing N N 342 
THR CG2 HG23 sing N N 343 
THR OXT HXT  sing N N 344 
TYR N   CA   sing N N 345 
TYR N   H    sing N N 346 
TYR N   H2   sing N N 347 
TYR CA  C    sing N N 348 
TYR CA  CB   sing N N 349 
TYR CA  HA   sing N N 350 
TYR C   O    doub N N 351 
TYR C   OXT  sing N N 352 
TYR CB  CG   sing N N 353 
TYR CB  HB2  sing N N 354 
TYR CB  HB3  sing N N 355 
TYR CG  CD1  doub Y N 356 
TYR CG  CD2  sing Y N 357 
TYR CD1 CE1  sing Y N 358 
TYR CD1 HD1  sing N N 359 
TYR CD2 CE2  doub Y N 360 
TYR CD2 HD2  sing N N 361 
TYR CE1 CZ   doub Y N 362 
TYR CE1 HE1  sing N N 363 
TYR CE2 CZ   sing Y N 364 
TYR CE2 HE2  sing N N 365 
TYR CZ  OH   sing N N 366 
TYR OH  HH   sing N N 367 
TYR OXT HXT  sing N N 368 
VAL N   CA   sing N N 369 
VAL N   H    sing N N 370 
VAL N   H2   sing N N 371 
VAL CA  C    sing N N 372 
VAL CA  CB   sing N N 373 
VAL CA  HA   sing N N 374 
VAL C   O    doub N N 375 
VAL C   OXT  sing N N 376 
VAL CB  CG1  sing N N 377 
VAL CB  CG2  sing N N 378 
VAL CB  HB   sing N N 379 
VAL CG1 HG11 sing N N 380 
VAL CG1 HG12 sing N N 381 
VAL CG1 HG13 sing N N 382 
VAL CG2 HG21 sing N N 383 
VAL CG2 HG22 sing N N 384 
VAL CG2 HG23 sing N N 385 
VAL OXT HXT  sing N N 386 
# 
_pdbx_initial_refinement_model.id               1 
_pdbx_initial_refinement_model.entity_id_list   ? 
_pdbx_initial_refinement_model.type             'experimental model' 
_pdbx_initial_refinement_model.source_name      PDB 
_pdbx_initial_refinement_model.accession_code   1NTV 
_pdbx_initial_refinement_model.details          'PDB ENTRY 1NTV' 
# 
_atom_sites.entry_id                    1NU2 
_atom_sites.fract_transf_matrix[1][1]   -0.02032247 
_atom_sites.fract_transf_matrix[1][2]   0.01327809 
_atom_sites.fract_transf_matrix[1][3]   0.01307095 
_atom_sites.fract_transf_matrix[2][1]   -0.00914744 
_atom_sites.fract_transf_matrix[2][2]   0.00483034 
_atom_sites.fract_transf_matrix[2][3]   -0.01912915 
_atom_sites.fract_transf_matrix[3][1]   -0.00588957 
_atom_sites.fract_transf_matrix[3][2]   -0.00944002 
_atom_sites.fract_transf_matrix[3][3]   0.00043264 
_atom_sites.fract_transf_vector[1]      0.094143 
_atom_sites.fract_transf_vector[2]      0.057140 
_atom_sites.fract_transf_vector[3]      0.125213 
# 
loop_
_atom_type.symbol 
C 
N 
O 
P 
S 
# 
loop_
_atom_site.group_PDB 
_atom_site.id 
_atom_site.type_symbol 
_atom_site.label_atom_id 
_atom_site.label_alt_id 
_atom_site.label_comp_id 
_atom_site.label_asym_id 
_atom_site.label_entity_id 
_atom_site.label_seq_id 
_atom_site.pdbx_PDB_ins_code 
_atom_site.Cartn_x 
_atom_site.Cartn_y 
_atom_site.Cartn_z 
_atom_site.occupancy 
_atom_site.B_iso_or_equiv 
_atom_site.pdbx_formal_charge 
_atom_site.auth_seq_id 
_atom_site.auth_comp_id 
_atom_site.auth_asym_id 
_atom_site.auth_atom_id 
_atom_site.pdbx_PDB_model_num 
ATOM   1    N N   . GLY A 1 1   ? 12.303  -10.267 -13.177 1.00 35.66 ? 23  GLY A N   1 
ATOM   2    C CA  . GLY A 1 1   ? 13.205  -10.924 -12.188 1.00 35.52 ? 23  GLY A CA  1 
ATOM   3    C C   . GLY A 1 1   ? 14.218  -9.950  -11.618 1.00 36.12 ? 23  GLY A C   1 
ATOM   4    O O   . GLY A 1 1   ? 15.369  -9.895  -12.056 1.00 35.69 ? 23  GLY A O   1 
ATOM   5    N N   . GLN A 1 2   ? 13.793  -9.177  -10.628 1.00 35.61 ? 24  GLN A N   1 
ATOM   6    C CA  . GLN A 1 2   ? 14.678  -8.199  -10.013 1.00 36.36 ? 24  GLN A CA  1 
ATOM   7    C C   . GLN A 1 2   ? 15.488  -8.789  -8.874  1.00 33.70 ? 24  GLN A C   1 
ATOM   8    O O   . GLN A 1 2   ? 15.108  -9.797  -8.280  1.00 34.35 ? 24  GLN A O   1 
ATOM   9    C CB  . GLN A 1 2   ? 13.869  -6.996  -9.511  1.00 38.25 ? 24  GLN A CB  1 
ATOM   10   C CG  . GLN A 1 2   ? 12.563  -7.362  -8.816  1.00 41.13 ? 24  GLN A CG  1 
ATOM   11   C CD  . GLN A 1 2   ? 11.706  -6.143  -8.491  1.00 43.82 ? 24  GLN A CD  1 
ATOM   12   O OE1 . GLN A 1 2   ? 11.986  -5.400  -7.548  1.00 43.21 ? 24  GLN A OE1 1 
ATOM   13   N NE2 . GLN A 1 2   ? 10.660  -5.929  -9.285  1.00 44.23 ? 24  GLN A NE2 1 
ATOM   14   N N   . ASP A 1 3   ? 16.618  -8.157  -8.584  1.00 33.02 ? 25  ASP A N   1 
ATOM   15   C CA  . ASP A 1 3   ? 17.482  -8.592  -7.499  1.00 31.63 ? 25  ASP A CA  1 
ATOM   16   C C   . ASP A 1 3   ? 16.857  -8.103  -6.195  1.00 29.49 ? 25  ASP A C   1 
ATOM   17   O O   . ASP A 1 3   ? 16.547  -6.920  -6.054  1.00 27.73 ? 25  ASP A O   1 
ATOM   18   C CB  . ASP A 1 3   ? 18.879  -7.995  -7.685  1.00 33.69 ? 25  ASP A CB  1 
ATOM   19   C CG  . ASP A 1 3   ? 19.773  -8.210  -6.481  1.00 36.32 ? 25  ASP A CG  1 
ATOM   20   O OD1 . ASP A 1 3   ? 19.769  -9.325  -5.922  1.00 39.86 ? 25  ASP A OD1 1 
ATOM   21   O OD2 . ASP A 1 3   ? 20.486  -7.264  -6.099  1.00 38.99 ? 25  ASP A OD2 1 
ATOM   22   N N   . ARG A 1 4   ? 16.658  -9.013  -5.248  1.00 26.62 ? 26  ARG A N   1 
ATOM   23   C CA  . ARG A 1 4   ? 16.053  -8.639  -3.980  1.00 25.77 ? 26  ARG A CA  1 
ATOM   24   C C   . ARG A 1 4   ? 17.000  -8.817  -2.802  1.00 23.40 ? 26  ARG A C   1 
ATOM   25   O O   . ARG A 1 4   ? 16.570  -9.083  -1.681  1.00 23.83 ? 26  ARG A O   1 
ATOM   26   C CB  . ARG A 1 4   ? 14.770  -9.448  -3.752  1.00 25.39 ? 26  ARG A CB  1 
ATOM   27   C CG  . ARG A 1 4   ? 13.735  -9.301  -4.868  1.00 27.74 ? 26  ARG A CG  1 
ATOM   28   C CD  . ARG A 1 4   ? 12.467  -10.081 -4.541  1.00 28.16 ? 26  ARG A CD  1 
ATOM   29   N NE  . ARG A 1 4   ? 11.561  -10.181 -5.684  1.00 29.57 ? 26  ARG A NE  1 
ATOM   30   C CZ  . ARG A 1 4   ? 10.831  -9.179  -6.167  1.00 32.47 ? 26  ARG A CZ  1 
ATOM   31   N NH1 . ARG A 1 4   ? 10.886  -7.974  -5.611  1.00 33.59 ? 26  ARG A NH1 1 
ATOM   32   N NH2 . ARG A 1 4   ? 10.041  -9.381  -7.212  1.00 32.66 ? 26  ARG A NH2 1 
ATOM   33   N N   . SER A 1 5   ? 18.296  -8.675  -3.056  1.00 23.56 ? 27  SER A N   1 
ATOM   34   C CA  . SER A 1 5   ? 19.272  -8.808  -1.985  1.00 23.40 ? 27  SER A CA  1 
ATOM   35   C C   . SER A 1 5   ? 19.062  -7.663  -0.999  1.00 22.55 ? 27  SER A C   1 
ATOM   36   O O   . SER A 1 5   ? 18.486  -6.630  -1.343  1.00 20.48 ? 27  SER A O   1 
ATOM   37   C CB  . SER A 1 5   ? 20.701  -8.777  -2.546  1.00 24.46 ? 27  SER A CB  1 
ATOM   38   O OG  . SER A 1 5   ? 20.989  -7.544  -3.182  1.00 25.30 ? 27  SER A OG  1 
ATOM   39   N N   . GLU A 1 6   ? 19.534  -7.844  0.227   1.00 22.69 ? 28  GLU A N   1 
ATOM   40   C CA  . GLU A 1 6   ? 19.371  -6.824  1.254   1.00 22.97 ? 28  GLU A CA  1 
ATOM   41   C C   . GLU A 1 6   ? 19.952  -5.464  0.858   1.00 21.59 ? 28  GLU A C   1 
ATOM   42   O O   . GLU A 1 6   ? 19.290  -4.435  0.999   1.00 19.77 ? 28  GLU A O   1 
ATOM   43   C CB  . GLU A 1 6   ? 20.012  -7.289  2.559   1.00 24.15 ? 28  GLU A CB  1 
ATOM   44   C CG  . GLU A 1 6   ? 19.617  -6.456  3.760   1.00 26.45 ? 28  GLU A CG  1 
ATOM   45   C CD  . GLU A 1 6   ? 20.337  -6.885  5.020   1.00 28.54 ? 28  GLU A CD  1 
ATOM   46   O OE1 . GLU A 1 6   ? 21.475  -6.425  5.240   1.00 30.20 ? 28  GLU A OE1 1 
ATOM   47   O OE2 . GLU A 1 6   ? 19.769  -7.690  5.787   1.00 29.24 ? 28  GLU A OE2 1 
ATOM   48   N N   . ALA A 1 7   ? 21.187  -5.456  0.363   1.00 20.91 ? 29  ALA A N   1 
ATOM   49   C CA  . ALA A 1 7   ? 21.830  -4.206  -0.027  1.00 21.13 ? 29  ALA A CA  1 
ATOM   50   C C   . ALA A 1 7   ? 21.052  -3.504  -1.138  1.00 20.92 ? 29  ALA A C   1 
ATOM   51   O O   . ALA A 1 7   ? 20.917  -2.286  -1.132  1.00 20.51 ? 29  ALA A O   1 
ATOM   52   C CB  . ALA A 1 7   ? 23.265  -4.470  -0.475  1.00 23.72 ? 29  ALA A CB  1 
ATOM   53   N N   . THR A 1 8   ? 20.528  -4.276  -2.083  1.00 20.41 ? 30  THR A N   1 
ATOM   54   C CA  . THR A 1 8   ? 19.769  -3.700  -3.190  1.00 20.06 ? 30  THR A CA  1 
ATOM   55   C C   . THR A 1 8   ? 18.449  -3.127  -2.694  1.00 18.99 ? 30  THR A C   1 
ATOM   56   O O   . THR A 1 8   ? 18.069  -2.020  -3.074  1.00 20.24 ? 30  THR A O   1 
ATOM   57   C CB  . THR A 1 8   ? 19.477  -4.748  -4.275  1.00 19.75 ? 30  THR A CB  1 
ATOM   58   O OG1 . THR A 1 8   ? 20.714  -5.211  -4.829  1.00 24.05 ? 30  THR A OG1 1 
ATOM   59   C CG2 . THR A 1 8   ? 18.624  -4.146  -5.388  1.00 22.82 ? 30  THR A CG2 1 
ATOM   60   N N   . LEU A 1 9   ? 17.751  -3.879  -1.848  1.00 15.77 ? 31  LEU A N   1 
ATOM   61   C CA  . LEU A 1 9   ? 16.478  -3.419  -1.307  1.00 16.61 ? 31  LEU A CA  1 
ATOM   62   C C   . LEU A 1 9   ? 16.675  -2.125  -0.525  1.00 15.89 ? 31  LEU A C   1 
ATOM   63   O O   . LEU A 1 9   ? 15.877  -1.203  -0.632  1.00 14.51 ? 31  LEU A O   1 
ATOM   64   C CB  . LEU A 1 9   ? 15.847  -4.486  -0.397  1.00 16.62 ? 31  LEU A CB  1 
ATOM   65   C CG  . LEU A 1 9   ? 15.357  -5.781  -1.063  1.00 20.11 ? 31  LEU A CG  1 
ATOM   66   C CD1 . LEU A 1 9   ? 14.679  -6.683  -0.028  1.00 19.53 ? 31  LEU A CD1 1 
ATOM   67   C CD2 . LEU A 1 9   ? 14.365  -5.442  -2.183  1.00 19.58 ? 31  LEU A CD2 1 
ATOM   68   N N   . ILE A 1 10  ? 17.741  -2.054  0.265   1.00 15.94 ? 32  ILE A N   1 
ATOM   69   C CA  . ILE A 1 10  ? 17.996  -0.852  1.043   1.00 17.04 ? 32  ILE A CA  1 
ATOM   70   C C   . ILE A 1 10  ? 18.106  0.363   0.128   1.00 17.76 ? 32  ILE A C   1 
ATOM   71   O O   . ILE A 1 10  ? 17.496  1.398   0.389   1.00 16.41 ? 32  ILE A O   1 
ATOM   72   C CB  . ILE A 1 10  ? 19.287  -0.985  1.890   1.00 18.07 ? 32  ILE A CB  1 
ATOM   73   C CG1 . ILE A 1 10  ? 19.086  -2.046  2.976   1.00 18.09 ? 32  ILE A CG1 1 
ATOM   74   C CG2 . ILE A 1 10  ? 19.631  0.354   2.529   1.00 20.29 ? 32  ILE A CG2 1 
ATOM   75   C CD1 . ILE A 1 10  ? 20.262  -2.180  3.924   1.00 20.58 ? 32  ILE A CD1 1 
ATOM   76   N N   . LYS A 1 11  ? 18.880  0.245   -0.949  1.00 18.80 ? 33  LYS A N   1 
ATOM   77   C CA  . LYS A 1 11  ? 19.026  1.364   -1.879  1.00 19.20 ? 33  LYS A CA  1 
ATOM   78   C C   . LYS A 1 11  ? 17.692  1.650   -2.558  1.00 18.97 ? 33  LYS A C   1 
ATOM   79   O O   . LYS A 1 11  ? 17.350  2.803   -2.839  1.00 18.46 ? 33  LYS A O   1 
ATOM   80   C CB  . LYS A 1 11  ? 20.109  1.058   -2.923  1.00 22.40 ? 33  LYS A CB  1 
ATOM   81   C CG  . LYS A 1 11  ? 21.530  1.196   -2.370  1.00 25.89 ? 33  LYS A CG  1 
ATOM   82   C CD  . LYS A 1 11  ? 22.610  0.977   -3.429  1.00 30.39 ? 33  LYS A CD  1 
ATOM   83   C CE  . LYS A 1 11  ? 22.676  -0.472  -3.881  1.00 33.52 ? 33  LYS A CE  1 
ATOM   84   N NZ  . LYS A 1 11  ? 23.869  -0.730  -4.742  1.00 35.36 ? 33  LYS A NZ  1 
ATOM   85   N N   . ARG A 1 12  ? 16.920  0.594   -2.782  1.00 18.66 ? 34  ARG A N   1 
ATOM   86   C CA  . ARG A 1 12  ? 15.625  0.721   -3.427  1.00 16.46 ? 34  ARG A CA  1 
ATOM   87   C C   . ARG A 1 12  ? 14.614  1.521   -2.594  1.00 16.88 ? 34  ARG A C   1 
ATOM   88   O O   . ARG A 1 12  ? 13.939  2.404   -3.117  1.00 14.61 ? 34  ARG A O   1 
ATOM   89   C CB  . ARG A 1 12  ? 15.076  -0.679  -3.741  1.00 18.43 ? 34  ARG A CB  1 
ATOM   90   C CG  . ARG A 1 12  ? 13.841  -0.713  -4.641  1.00 18.70 ? 34  ARG A CG  1 
ATOM   91   C CD  . ARG A 1 12  ? 13.401  -2.148  -4.937  1.00 17.28 ? 34  ARG A CD  1 
ATOM   92   N NE  . ARG A 1 12  ? 12.175  -2.201  -5.736  1.00 16.06 ? 34  ARG A NE  1 
ATOM   93   C CZ  . ARG A 1 12  ? 12.107  -1.907  -7.033  1.00 16.84 ? 34  ARG A CZ  1 
ATOM   94   N NH1 . ARG A 1 12  ? 13.197  -1.542  -7.693  1.00 16.09 ? 34  ARG A NH1 1 
ATOM   95   N NH2 . ARG A 1 12  ? 10.941  -1.974  -7.674  1.00 15.07 ? 34  ARG A NH2 1 
ATOM   96   N N   . PHE A 1 13  ? 14.535  1.243   -1.293  1.00 15.82 ? 35  PHE A N   1 
ATOM   97   C CA  . PHE A 1 13  ? 13.562  1.917   -0.432  1.00 16.42 ? 35  PHE A CA  1 
ATOM   98   C C   . PHE A 1 13  ? 14.007  3.178   0.318   1.00 17.85 ? 35  PHE A C   1 
ATOM   99   O O   . PHE A 1 13  ? 13.185  3.868   0.918   1.00 18.19 ? 35  PHE A O   1 
ATOM   100  C CB  . PHE A 1 13  ? 12.989  0.901   0.566   1.00 15.80 ? 35  PHE A CB  1 
ATOM   101  C CG  . PHE A 1 13  ? 12.358  -0.291  -0.086  1.00 14.16 ? 35  PHE A CG  1 
ATOM   102  C CD1 . PHE A 1 13  ? 12.777  -1.577  0.239   1.00 13.39 ? 35  PHE A CD1 1 
ATOM   103  C CD2 . PHE A 1 13  ? 11.362  -0.132  -1.046  1.00 12.65 ? 35  PHE A CD2 1 
ATOM   104  C CE1 . PHE A 1 13  ? 12.214  -2.693  -0.382  1.00 13.25 ? 35  PHE A CE1 1 
ATOM   105  C CE2 . PHE A 1 13  ? 10.794  -1.235  -1.671  1.00 13.60 ? 35  PHE A CE2 1 
ATOM   106  C CZ  . PHE A 1 13  ? 11.219  -2.521  -1.344  1.00 10.89 ? 35  PHE A CZ  1 
ATOM   107  N N   . LYS A 1 14  ? 15.291  3.498   0.280   1.00 19.72 ? 36  LYS A N   1 
ATOM   108  C CA  . LYS A 1 14  ? 15.774  4.681   0.983   1.00 21.09 ? 36  LYS A CA  1 
ATOM   109  C C   . LYS A 1 14  ? 15.295  5.967   0.310   1.00 21.02 ? 36  LYS A C   1 
ATOM   110  O O   . LYS A 1 14  ? 15.010  5.984   -0.890  1.00 21.22 ? 36  LYS A O   1 
ATOM   111  C CB  . LYS A 1 14  ? 17.303  4.665   1.045   1.00 23.94 ? 36  LYS A CB  1 
ATOM   112  C CG  . LYS A 1 14  ? 17.975  4.839   -0.303  1.00 28.93 ? 36  LYS A CG  1 
ATOM   113  C CD  . LYS A 1 14  ? 19.440  4.416   -0.261  1.00 34.40 ? 36  LYS A CD  1 
ATOM   114  C CE  . LYS A 1 14  ? 20.207  5.126   0.840   1.00 38.35 ? 36  LYS A CE  1 
ATOM   115  N NZ  . LYS A 1 14  ? 21.645  4.744   0.830   1.00 41.75 ? 36  LYS A NZ  1 
ATOM   116  N N   . GLY A 1 15  ? 15.203  7.040   1.092   1.00 20.16 ? 37  GLY A N   1 
ATOM   117  C CA  . GLY A 1 15  ? 14.774  8.318   0.550   1.00 21.01 ? 37  GLY A CA  1 
ATOM   118  C C   . GLY A 1 15  ? 13.355  8.298   0.021   1.00 19.67 ? 37  GLY A C   1 
ATOM   119  O O   . GLY A 1 15  ? 12.431  7.870   0.715   1.00 20.59 ? 37  GLY A O   1 
ATOM   120  N N   . GLU A 1 16  ? 13.175  8.761   -1.212  1.00 19.17 ? 38  GLU A N   1 
ATOM   121  C CA  . GLU A 1 16  ? 11.850  8.788   -1.825  1.00 20.18 ? 38  GLU A CA  1 
ATOM   122  C C   . GLU A 1 16  ? 11.336  7.378   -2.108  1.00 17.41 ? 38  GLU A C   1 
ATOM   123  O O   . GLU A 1 16  ? 10.131  7.162   -2.233  1.00 17.20 ? 38  GLU A O   1 
ATOM   124  C CB  . GLU A 1 16  ? 11.883  9.605   -3.121  1.00 22.90 ? 38  GLU A CB  1 
ATOM   125  C CG  . GLU A 1 16  ? 12.023  11.109  -2.881  1.00 32.32 ? 38  GLU A CG  1 
ATOM   126  C CD  . GLU A 1 16  ? 12.188  11.900  -4.167  1.00 36.20 ? 38  GLU A CD  1 
ATOM   127  O OE1 . GLU A 1 16  ? 11.323  11.773  -5.061  1.00 40.17 ? 38  GLU A OE1 1 
ATOM   128  O OE2 . GLU A 1 16  ? 13.183  12.651  -4.280  1.00 38.63 ? 38  GLU A OE2 1 
ATOM   129  N N   . GLY A 1 17  ? 12.254  6.427   -2.213  1.00 15.58 ? 39  GLY A N   1 
ATOM   130  C CA  . GLY A 1 17  ? 11.864  5.050   -2.460  1.00 15.58 ? 39  GLY A CA  1 
ATOM   131  C C   . GLY A 1 17  ? 11.416  4.752   -3.875  1.00 15.13 ? 39  GLY A C   1 
ATOM   132  O O   . GLY A 1 17  ? 11.905  5.351   -4.831  1.00 14.03 ? 39  GLY A O   1 
ATOM   133  N N   . VAL A 1 18  ? 10.466  3.829   -4.006  1.00 14.19 ? 40  VAL A N   1 
ATOM   134  C CA  . VAL A 1 18  ? 9.958   3.424   -5.317  1.00 15.75 ? 40  VAL A CA  1 
ATOM   135  C C   . VAL A 1 18  ? 8.643   4.121   -5.645  1.00 14.87 ? 40  VAL A C   1 
ATOM   136  O O   . VAL A 1 18  ? 7.717   4.117   -4.842  1.00 14.62 ? 40  VAL A O   1 
ATOM   137  C CB  . VAL A 1 18  ? 9.740   1.898   -5.362  1.00 16.97 ? 40  VAL A CB  1 
ATOM   138  C CG1 . VAL A 1 18  ? 9.443   1.455   -6.791  1.00 16.66 ? 40  VAL A CG1 1 
ATOM   139  C CG2 . VAL A 1 18  ? 10.973  1.185   -4.821  1.00 20.18 ? 40  VAL A CG2 1 
ATOM   140  N N   . ARG A 1 19  ? 8.551   4.713   -6.832  1.00 14.73 ? 41  ARG A N   1 
ATOM   141  C CA  . ARG A 1 19  ? 7.332   5.423   -7.209  1.00 15.18 ? 41  ARG A CA  1 
ATOM   142  C C   . ARG A 1 19  ? 6.553   4.690   -8.296  1.00 13.85 ? 41  ARG A C   1 
ATOM   143  O O   . ARG A 1 19  ? 7.134   4.213   -9.267  1.00 13.11 ? 41  ARG A O   1 
ATOM   144  C CB  . ARG A 1 19  ? 7.685   6.841   -7.673  1.00 20.19 ? 41  ARG A CB  1 
ATOM   145  C CG  . ARG A 1 19  ? 6.559   7.584   -8.373  1.00 25.81 ? 41  ARG A CG  1 
ATOM   146  C CD  . ARG A 1 19  ? 6.986   9.002   -8.744  1.00 28.45 ? 41  ARG A CD  1 
ATOM   147  N NE  . ARG A 1 19  ? 6.045   9.625   -9.671  1.00 34.97 ? 41  ARG A NE  1 
ATOM   148  C CZ  . ARG A 1 19  ? 5.969   10.935  -9.895  1.00 35.68 ? 41  ARG A CZ  1 
ATOM   149  N NH1 . ARG A 1 19  ? 6.776   11.773  -9.253  1.00 34.30 ? 41  ARG A NH1 1 
ATOM   150  N NH2 . ARG A 1 19  ? 5.086   11.409  -10.767 1.00 37.72 ? 41  ARG A NH2 1 
ATOM   151  N N   . TYR A 1 20  ? 5.239   4.599   -8.112  1.00 12.51 ? 42  TYR A N   1 
ATOM   152  C CA  . TYR A 1 20  ? 4.355   3.930   -9.066  1.00 14.88 ? 42  TYR A CA  1 
ATOM   153  C C   . TYR A 1 20  ? 3.191   4.816   -9.480  1.00 16.14 ? 42  TYR A C   1 
ATOM   154  O O   . TYR A 1 20  ? 2.601   5.512   -8.650  1.00 16.49 ? 42  TYR A O   1 
ATOM   155  C CB  . TYR A 1 20  ? 3.766   2.658   -8.461  1.00 14.85 ? 42  TYR A CB  1 
ATOM   156  C CG  . TYR A 1 20  ? 4.731   1.515   -8.308  1.00 13.49 ? 42  TYR A CG  1 
ATOM   157  C CD1 . TYR A 1 20  ? 5.371   1.271   -7.091  1.00 12.85 ? 42  TYR A CD1 1 
ATOM   158  C CD2 . TYR A 1 20  ? 4.973   0.647   -9.372  1.00 12.33 ? 42  TYR A CD2 1 
ATOM   159  C CE1 . TYR A 1 20  ? 6.223   0.178   -6.937  1.00 13.15 ? 42  TYR A CE1 1 
ATOM   160  C CE2 . TYR A 1 20  ? 5.828   -0.437  -9.234  1.00 14.44 ? 42  TYR A CE2 1 
ATOM   161  C CZ  . TYR A 1 20  ? 6.447   -0.670  -8.014  1.00 14.69 ? 42  TYR A CZ  1 
ATOM   162  O OH  . TYR A 1 20  ? 7.283   -1.757  -7.891  1.00 12.85 ? 42  TYR A OH  1 
ATOM   163  N N   . LYS A 1 21  ? 2.861   4.778   -10.768 1.00 15.63 ? 43  LYS A N   1 
ATOM   164  C CA  . LYS A 1 21  ? 1.743   5.549   -11.294 1.00 16.26 ? 43  LYS A CA  1 
ATOM   165  C C   . LYS A 1 21  ? 0.467   4.748   -11.017 1.00 14.77 ? 43  LYS A C   1 
ATOM   166  O O   . LYS A 1 21  ? 0.459   3.521   -11.129 1.00 15.03 ? 43  LYS A O   1 
ATOM   167  C CB  . LYS A 1 21  ? 1.923   5.768   -12.798 1.00 18.99 ? 43  LYS A CB  1 
ATOM   168  C CG  . LYS A 1 21  ? 0.825   6.581   -13.466 1.00 21.52 ? 43  LYS A CG  1 
ATOM   169  C CD  . LYS A 1 21  ? 1.228   6.935   -14.897 1.00 24.54 ? 43  LYS A CD  1 
ATOM   170  C CE  . LYS A 1 21  ? 0.093   7.607   -15.651 1.00 27.05 ? 43  LYS A CE  1 
ATOM   171  N NZ  . LYS A 1 21  ? -1.059  6.684   -15.820 1.00 31.33 ? 43  LYS A NZ  1 
ATOM   172  N N   . ALA A 1 22  ? -0.608  5.434   -10.643 1.00 15.42 ? 44  ALA A N   1 
ATOM   173  C CA  . ALA A 1 22  ? -1.856  4.746   -10.336 1.00 15.23 ? 44  ALA A CA  1 
ATOM   174  C C   . ALA A 1 22  ? -3.038  5.693   -10.183 1.00 15.88 ? 44  ALA A C   1 
ATOM   175  O O   . ALA A 1 22  ? -2.943  6.886   -10.463 1.00 14.74 ? 44  ALA A O   1 
ATOM   176  C CB  . ALA A 1 22  ? -1.681  3.924   -9.052  1.00 14.95 ? 44  ALA A CB  1 
ATOM   177  N N   . LYS A 1 23  ? -4.157  5.130   -9.739  1.00 16.26 ? 45  LYS A N   1 
ATOM   178  C CA  . LYS A 1 23  ? -5.376  5.886   -9.508  1.00 16.05 ? 45  LYS A CA  1 
ATOM   179  C C   . LYS A 1 23  ? -5.940  5.413   -8.181  1.00 16.63 ? 45  LYS A C   1 
ATOM   180  O O   . LYS A 1 23  ? -5.856  4.231   -7.853  1.00 15.32 ? 45  LYS A O   1 
ATOM   181  C CB  . LYS A 1 23  ? -6.384  5.633   -10.635 1.00 15.97 ? 45  LYS A CB  1 
ATOM   182  C CG  . LYS A 1 23  ? -5.915  6.134   -11.986 1.00 17.65 ? 45  LYS A CG  1 
ATOM   183  C CD  . LYS A 1 23  ? -6.930  5.852   -13.082 1.00 18.95 ? 45  LYS A CD  1 
ATOM   184  C CE  . LYS A 1 23  ? -6.390  6.298   -14.427 1.00 20.79 ? 45  LYS A CE  1 
ATOM   185  N NZ  . LYS A 1 23  ? -7.277  5.853   -15.536 1.00 24.08 ? 45  LYS A NZ  1 
ATOM   186  N N   . LEU A 1 24  ? -6.488  6.341   -7.405  1.00 15.97 ? 46  LEU A N   1 
ATOM   187  C CA  . LEU A 1 24  ? -7.058  5.991   -6.115  1.00 17.52 ? 46  LEU A CA  1 
ATOM   188  C C   . LEU A 1 24  ? -8.473  5.478   -6.324  1.00 17.22 ? 46  LEU A C   1 
ATOM   189  O O   . LEU A 1 24  ? -9.318  6.184   -6.862  1.00 17.82 ? 46  LEU A O   1 
ATOM   190  C CB  . LEU A 1 24  ? -7.077  7.216   -5.187  1.00 17.31 ? 46  LEU A CB  1 
ATOM   191  C CG  . LEU A 1 24  ? -7.696  7.041   -3.794  1.00 17.50 ? 46  LEU A CG  1 
ATOM   192  C CD1 . LEU A 1 24  ? -7.015  5.903   -3.062  1.00 16.94 ? 46  LEU A CD1 1 
ATOM   193  C CD2 . LEU A 1 24  ? -7.559  8.342   -3.005  1.00 20.91 ? 46  LEU A CD2 1 
ATOM   194  N N   . ILE A 1 25  ? -8.727  4.239   -5.921  1.00 16.28 ? 47  ILE A N   1 
ATOM   195  C CA  . ILE A 1 25  ? -10.067 3.684   -6.062  1.00 16.61 ? 47  ILE A CA  1 
ATOM   196  C C   . ILE A 1 25  ? -10.926 4.281   -4.952  1.00 16.29 ? 47  ILE A C   1 
ATOM   197  O O   . ILE A 1 25  ? -12.036 4.749   -5.204  1.00 14.99 ? 47  ILE A O   1 
ATOM   198  C CB  . ILE A 1 25  ? -10.055 2.146   -5.953  1.00 14.81 ? 47  ILE A CB  1 
ATOM   199  C CG1 . ILE A 1 25  ? -9.288  1.558   -7.146  1.00 17.07 ? 47  ILE A CG1 1 
ATOM   200  C CG2 . ILE A 1 25  ? -11.494 1.610   -5.911  1.00 19.40 ? 47  ILE A CG2 1 
ATOM   201  C CD1 . ILE A 1 25  ? -9.162  0.050   -7.144  1.00 16.33 ? 47  ILE A CD1 1 
ATOM   202  N N   . GLY A 1 26  ? -10.394 4.280   -3.730  1.00 16.56 ? 48  GLY A N   1 
ATOM   203  C CA  . GLY A 1 26  ? -11.117 4.842   -2.605  1.00 16.22 ? 48  GLY A CA  1 
ATOM   204  C C   . GLY A 1 26  ? -10.598 4.341   -1.272  1.00 17.54 ? 48  GLY A C   1 
ATOM   205  O O   . GLY A 1 26  ? -9.722  3.485   -1.220  1.00 18.26 ? 48  GLY A O   1 
ATOM   206  N N   . ILE A 1 27  ? -11.129 4.891   -0.188  1.00 17.52 ? 49  ILE A N   1 
ATOM   207  C CA  . ILE A 1 27  ? -10.728 4.477   1.149   1.00 17.88 ? 49  ILE A CA  1 
ATOM   208  C C   . ILE A 1 27  ? -12.001 4.116   1.906   1.00 18.54 ? 49  ILE A C   1 
ATOM   209  O O   . ILE A 1 27  ? -12.945 4.909   1.974   1.00 18.62 ? 49  ILE A O   1 
ATOM   210  C CB  . ILE A 1 27  ? -9.975  5.596   1.885   1.00 18.13 ? 49  ILE A CB  1 
ATOM   211  C CG1 . ILE A 1 27  ? -8.765  6.040   1.047   1.00 20.12 ? 49  ILE A CG1 1 
ATOM   212  C CG2 . ILE A 1 27  ? -9.515  5.096   3.256   1.00 16.55 ? 49  ILE A CG2 1 
ATOM   213  C CD1 . ILE A 1 27  ? -7.951  7.189   1.675   1.00 21.98 ? 49  ILE A CD1 1 
ATOM   214  N N   . ASP A 1 28  ? -12.006 2.919   2.482   1.00 20.15 ? 50  ASP A N   1 
ATOM   215  C CA  . ASP A 1 28  ? -13.159 2.389   3.207   1.00 22.45 ? 50  ASP A CA  1 
ATOM   216  C C   . ASP A 1 28  ? -12.799 2.074   4.659   1.00 22.53 ? 50  ASP A C   1 
ATOM   217  O O   . ASP A 1 28  ? -11.692 1.632   4.947   1.00 23.53 ? 50  ASP A O   1 
ATOM   218  C CB  . ASP A 1 28  ? -13.620 1.100   2.515   1.00 22.25 ? 50  ASP A CB  1 
ATOM   219  C CG  . ASP A 1 28  ? -14.965 0.603   3.014   1.00 25.46 ? 50  ASP A CG  1 
ATOM   220  O OD1 . ASP A 1 28  ? -15.262 -0.593  2.808   1.00 25.13 ? 50  ASP A OD1 1 
ATOM   221  O OD2 . ASP A 1 28  ? -15.729 1.401   3.594   1.00 24.81 ? 50  ASP A OD2 1 
ATOM   222  N N   . GLU A 1 29  ? -13.734 2.300   5.571   1.00 23.22 ? 51  GLU A N   1 
ATOM   223  C CA  . GLU A 1 29  ? -13.491 1.982   6.969   1.00 24.14 ? 51  GLU A CA  1 
ATOM   224  C C   . GLU A 1 29  ? -13.838 0.501   7.140   1.00 24.11 ? 51  GLU A C   1 
ATOM   225  O O   . GLU A 1 29  ? -14.884 0.044   6.672   1.00 23.58 ? 51  GLU A O   1 
ATOM   226  C CB  . GLU A 1 29  ? -14.360 2.869   7.870   1.00 27.30 ? 51  GLU A CB  1 
ATOM   227  C CG  . GLU A 1 29  ? -13.956 4.347   7.812   1.00 32.00 ? 51  GLU A CG  1 
ATOM   228  C CD  . GLU A 1 29  ? -14.829 5.259   8.660   1.00 34.91 ? 51  GLU A CD  1 
ATOM   229  O OE1 . GLU A 1 29  ? -14.891 5.069   9.893   1.00 36.33 ? 51  GLU A OE1 1 
ATOM   230  O OE2 . GLU A 1 29  ? -15.449 6.177   8.086   1.00 37.94 ? 51  GLU A OE2 1 
ATOM   231  N N   . VAL A 1 30  ? -12.942 -0.259  7.763   1.00 23.58 ? 52  VAL A N   1 
ATOM   232  C CA  . VAL A 1 30  ? -13.168 -1.684  7.974   1.00 23.07 ? 52  VAL A CA  1 
ATOM   233  C C   . VAL A 1 30  ? -13.077 -2.035  9.455   1.00 24.01 ? 52  VAL A C   1 
ATOM   234  O O   . VAL A 1 30  ? -12.438 -1.322  10.234  1.00 25.08 ? 52  VAL A O   1 
ATOM   235  C CB  . VAL A 1 30  ? -12.172 -2.543  7.151   1.00 22.77 ? 52  VAL A CB  1 
ATOM   236  C CG1 . VAL A 1 30  ? -12.485 -2.405  5.664   1.00 22.31 ? 52  VAL A CG1 1 
ATOM   237  C CG2 . VAL A 1 30  ? -10.740 -2.115  7.432   1.00 21.41 ? 52  VAL A CG2 1 
ATOM   238  N N   . SER A 1 31  ? -13.713 -3.138  9.839   1.00 23.98 ? 53  SER A N   1 
ATOM   239  C CA  . SER A 1 31  ? -13.765 -3.544  11.243  1.00 24.69 ? 53  SER A CA  1 
ATOM   240  C C   . SER A 1 31  ? -12.572 -4.281  11.835  1.00 24.72 ? 53  SER A C   1 
ATOM   241  O O   . SER A 1 31  ? -12.482 -4.422  13.058  1.00 24.80 ? 53  SER A O   1 
ATOM   242  C CB  . SER A 1 31  ? -15.029 -4.374  11.484  1.00 27.24 ? 53  SER A CB  1 
ATOM   243  O OG  . SER A 1 31  ? -15.028 -5.543  10.684  1.00 30.63 ? 53  SER A OG  1 
ATOM   244  N N   . ALA A 1 32  ? -11.656 -4.754  10.999  1.00 21.55 ? 54  ALA A N   1 
ATOM   245  C CA  . ALA A 1 32  ? -10.497 -5.477  11.515  1.00 20.99 ? 54  ALA A CA  1 
ATOM   246  C C   . ALA A 1 32  ? -9.197  -5.024  10.856  1.00 20.14 ? 54  ALA A C   1 
ATOM   247  O O   . ALA A 1 32  ? -9.218  -4.265  9.891   1.00 20.25 ? 54  ALA A O   1 
ATOM   248  C CB  . ALA A 1 32  ? -10.691 -6.978  11.317  1.00 20.68 ? 54  ALA A CB  1 
ATOM   249  N N   . ALA A 1 33  ? -8.075  -5.503  11.381  1.00 19.29 ? 55  ALA A N   1 
ATOM   250  C CA  . ALA A 1 33  ? -6.762  -5.142  10.858  1.00 19.78 ? 55  ALA A CA  1 
ATOM   251  C C   . ALA A 1 33  ? -6.297  -6.032  9.715   1.00 19.74 ? 55  ALA A C   1 
ATOM   252  O O   . ALA A 1 33  ? -5.314  -5.717  9.043   1.00 18.12 ? 55  ALA A O   1 
ATOM   253  C CB  . ALA A 1 33  ? -5.744  -5.183  11.972  1.00 20.44 ? 55  ALA A CB  1 
ATOM   254  N N   . ARG A 1 34  ? -6.999  -7.139  9.488   1.00 20.84 ? 56  ARG A N   1 
ATOM   255  C CA  . ARG A 1 34  ? -6.594  -8.070  8.442   1.00 22.58 ? 56  ARG A CA  1 
ATOM   256  C C   . ARG A 1 34  ? -7.714  -9.005  8.001   1.00 23.92 ? 56  ARG A C   1 
ATOM   257  O O   . ARG A 1 34  ? -8.797  -9.022  8.590   1.00 24.16 ? 56  ARG A O   1 
ATOM   258  C CB  . ARG A 1 34  ? -5.416  -8.905  8.946   1.00 23.64 ? 56  ARG A CB  1 
ATOM   259  C CG  . ARG A 1 34  ? -5.751  -9.732  10.188  1.00 26.39 ? 56  ARG A CG  1 
ATOM   260  C CD  . ARG A 1 34  ? -4.517  -10.388 10.788  1.00 29.63 ? 56  ARG A CD  1 
ATOM   261  N NE  . ARG A 1 34  ? -3.550  -9.399  11.262  1.00 32.26 ? 56  ARG A NE  1 
ATOM   262  C CZ  . ARG A 1 34  ? -3.709  -8.647  12.345  1.00 32.77 ? 56  ARG A CZ  1 
ATOM   263  N NH1 . ARG A 1 34  ? -4.802  -8.767  13.090  1.00 35.56 ? 56  ARG A NH1 1 
ATOM   264  N NH2 . ARG A 1 34  ? -2.775  -7.764  12.681  1.00 33.11 ? 56  ARG A NH2 1 
ATOM   265  N N   . GLY A 1 35  ? -7.439  -9.789  6.964   1.00 25.12 ? 57  GLY A N   1 
ATOM   266  C CA  . GLY A 1 35  ? -8.430  -10.726 6.470   1.00 26.95 ? 57  GLY A CA  1 
ATOM   267  C C   . GLY A 1 35  ? -8.637  -10.638 4.974   1.00 27.93 ? 57  GLY A C   1 
ATOM   268  O O   . GLY A 1 35  ? -8.939  -9.570  4.440   1.00 26.51 ? 57  GLY A O   1 
ATOM   269  N N   . ASP A 1 36  ? -8.475  -11.771 4.301   1.00 28.31 ? 58  ASP A N   1 
ATOM   270  C CA  . ASP A 1 36  ? -8.648  -11.837 2.858   1.00 30.78 ? 58  ASP A CA  1 
ATOM   271  C C   . ASP A 1 36  ? -10.061 -11.421 2.471   1.00 29.16 ? 58  ASP A C   1 
ATOM   272  O O   . ASP A 1 36  ? -10.255 -10.566 1.613   1.00 28.42 ? 58  ASP A O   1 
ATOM   273  C CB  . ASP A 1 36  ? -8.357  -13.261 2.371   1.00 35.04 ? 58  ASP A CB  1 
ATOM   274  C CG  . ASP A 1 36  ? -8.597  -13.431 0.885   1.00 38.40 ? 58  ASP A CG  1 
ATOM   275  O OD1 . ASP A 1 36  ? -8.033  -12.644 0.097   1.00 40.28 ? 58  ASP A OD1 1 
ATOM   276  O OD2 . ASP A 1 36  ? -9.349  -14.354 0.504   1.00 42.81 ? 58  ASP A OD2 1 
ATOM   277  N N   . LYS A 1 37  ? -11.048 -12.026 3.118   1.00 29.78 ? 59  LYS A N   1 
ATOM   278  C CA  . LYS A 1 37  ? -12.451 -11.726 2.844   1.00 29.37 ? 59  LYS A CA  1 
ATOM   279  C C   . LYS A 1 37  ? -12.773 -10.266 3.159   1.00 28.53 ? 59  LYS A C   1 
ATOM   280  O O   . LYS A 1 37  ? -13.455 -9.590  2.392   1.00 28.48 ? 59  LYS A O   1 
ATOM   281  C CB  . LYS A 1 37  ? -13.351 -12.648 3.675   1.00 31.86 ? 59  LYS A CB  1 
ATOM   282  C CG  . LYS A 1 37  ? -14.845 -12.396 3.508   1.00 34.79 ? 59  LYS A CG  1 
ATOM   283  C CD  . LYS A 1 37  ? -15.320 -12.707 2.096   1.00 37.34 ? 59  LYS A CD  1 
ATOM   284  C CE  . LYS A 1 37  ? -16.832 -12.540 1.981   1.00 38.52 ? 59  LYS A CE  1 
ATOM   285  N NZ  . LYS A 1 37  ? -17.320 -12.791 0.599   1.00 40.11 ? 59  LYS A NZ  1 
ATOM   286  N N   . LEU A 1 38  ? -12.284 -9.795  4.299   1.00 27.33 ? 60  LEU A N   1 
ATOM   287  C CA  . LEU A 1 38  ? -12.500 -8.416  4.724   1.00 25.53 ? 60  LEU A CA  1 
ATOM   288  C C   . LEU A 1 38  ? -12.079 -7.440  3.625   1.00 24.30 ? 60  LEU A C   1 
ATOM   289  O O   . LEU A 1 38  ? -12.813 -6.513  3.285   1.00 22.73 ? 60  LEU A O   1 
ATOM   290  C CB  . LEU A 1 38  ? -11.687 -8.127  5.986   1.00 26.10 ? 60  LEU A CB  1 
ATOM   291  C CG  . LEU A 1 38  ? -11.826 -6.732  6.604   1.00 28.93 ? 60  LEU A CG  1 
ATOM   292  C CD1 . LEU A 1 38  ? -13.174 -6.608  7.297   1.00 28.46 ? 60  LEU A CD1 1 
ATOM   293  C CD2 . LEU A 1 38  ? -10.702 -6.511  7.597   1.00 28.60 ? 60  LEU A CD2 1 
ATOM   294  N N   . CYS A 1 39  ? -10.895 -7.659  3.061   1.00 22.87 ? 61  CYS A N   1 
ATOM   295  C CA  . CYS A 1 39  ? -10.391 -6.772  2.019   1.00 22.97 ? 61  CYS A CA  1 
ATOM   296  C C   . CYS A 1 39  ? -11.107 -6.922  0.686   1.00 21.77 ? 61  CYS A C   1 
ATOM   297  O O   . CYS A 1 39  ? -11.346 -5.938  -0.007  1.00 19.13 ? 61  CYS A O   1 
ATOM   298  C CB  . CYS A 1 39  ? -8.891  -6.992  1.816   1.00 21.46 ? 61  CYS A CB  1 
ATOM   299  S SG  . CYS A 1 39  ? -7.893  -6.526  3.237   1.00 21.13 ? 61  CYS A SG  1 
ATOM   300  N N   . GLN A 1 40  ? -11.443 -8.151  0.314   1.00 23.03 ? 62  GLN A N   1 
ATOM   301  C CA  . GLN A 1 40  ? -12.118 -8.350  -0.955  1.00 23.98 ? 62  GLN A CA  1 
ATOM   302  C C   . GLN A 1 40  ? -13.505 -7.717  -0.927  1.00 22.66 ? 62  GLN A C   1 
ATOM   303  O O   . GLN A 1 40  ? -13.933 -7.124  -1.915  1.00 22.81 ? 62  GLN A O   1 
ATOM   304  C CB  . GLN A 1 40  ? -12.203 -9.839  -1.293  1.00 25.48 ? 62  GLN A CB  1 
ATOM   305  C CG  . GLN A 1 40  ? -12.468 -10.109 -2.773  1.00 29.79 ? 62  GLN A CG  1 
ATOM   306  C CD  . GLN A 1 40  ? -11.594 -9.261  -3.694  1.00 31.68 ? 62  GLN A CD  1 
ATOM   307  O OE1 . GLN A 1 40  ? -10.370 -9.201  -3.536  1.00 31.90 ? 62  GLN A OE1 1 
ATOM   308  N NE2 . GLN A 1 40  ? -12.223 -8.604  -4.664  1.00 33.45 ? 62  GLN A NE2 1 
ATOM   309  N N   . ASP A 1 41  ? -14.197 -7.829  0.205   1.00 24.13 ? 63  ASP A N   1 
ATOM   310  C CA  . ASP A 1 41  ? -15.526 -7.239  0.337   1.00 23.91 ? 63  ASP A CA  1 
ATOM   311  C C   . ASP A 1 41  ? -15.416 -5.716  0.260   1.00 24.31 ? 63  ASP A C   1 
ATOM   312  O O   . ASP A 1 41  ? -16.249 -5.051  -0.363  1.00 22.87 ? 63  ASP A O   1 
ATOM   313  C CB  . ASP A 1 41  ? -16.176 -7.636  1.670   1.00 25.77 ? 63  ASP A CB  1 
ATOM   314  C CG  . ASP A 1 41  ? -16.473 -9.131  1.758   1.00 28.33 ? 63  ASP A CG  1 
ATOM   315  O OD1 . ASP A 1 41  ? -16.682 -9.761  0.698   1.00 29.19 ? 63  ASP A OD1 1 
ATOM   316  O OD2 . ASP A 1 41  ? -16.500 -9.672  2.887   1.00 28.86 ? 63  ASP A OD2 1 
ATOM   317  N N   . SER A 1 42  ? -14.378 -5.164  0.887   1.00 21.04 ? 64  SER A N   1 
ATOM   318  C CA  . SER A 1 42  ? -14.169 -3.721  0.876   1.00 21.17 ? 64  SER A CA  1 
ATOM   319  C C   . SER A 1 42  ? -13.826 -3.235  -0.528  1.00 20.47 ? 64  SER A C   1 
ATOM   320  O O   . SER A 1 42  ? -14.306 -2.187  -0.965  1.00 21.85 ? 64  SER A O   1 
ATOM   321  C CB  . SER A 1 42  ? -13.042 -3.344  1.843   1.00 21.02 ? 64  SER A CB  1 
ATOM   322  O OG  . SER A 1 42  ? -12.926 -1.938  1.959   1.00 20.78 ? 64  SER A OG  1 
ATOM   323  N N   . MET A 1 43  ? -12.992 -3.995  -1.234  1.00 20.67 ? 65  MET A N   1 
ATOM   324  C CA  . MET A 1 43  ? -12.594 -3.629  -2.592  1.00 19.76 ? 65  MET A CA  1 
ATOM   325  C C   . MET A 1 43  ? -13.831 -3.598  -3.479  1.00 21.55 ? 65  MET A C   1 
ATOM   326  O O   . MET A 1 43  ? -14.043 -2.652  -4.238  1.00 20.47 ? 65  MET A O   1 
ATOM   327  C CB  . MET A 1 43  ? -11.591 -4.648  -3.145  1.00 20.64 ? 65  MET A CB  1 
ATOM   328  C CG  . MET A 1 43  ? -11.118 -4.368  -4.570  1.00 19.45 ? 65  MET A CG  1 
ATOM   329  S SD  . MET A 1 43  ? -10.319 -2.759  -4.785  1.00 20.10 ? 65  MET A SD  1 
ATOM   330  C CE  . MET A 1 43  ? -8.662  -3.135  -4.252  1.00 18.44 ? 65  MET A CE  1 
ATOM   331  N N   . MET A 1 44  ? -14.650 -4.639  -3.377  1.00 22.60 ? 66  MET A N   1 
ATOM   332  C CA  . MET A 1 44  ? -15.865 -4.729  -4.182  1.00 26.36 ? 66  MET A CA  1 
ATOM   333  C C   . MET A 1 44  ? -16.782 -3.536  -3.931  1.00 24.45 ? 66  MET A C   1 
ATOM   334  O O   . MET A 1 44  ? -17.378 -3.005  -4.859  1.00 25.29 ? 66  MET A O   1 
ATOM   335  C CB  . MET A 1 44  ? -16.606 -6.032  -3.878  1.00 29.11 ? 66  MET A CB  1 
ATOM   336  C CG  . MET A 1 44  ? -17.905 -6.194  -4.638  1.00 36.90 ? 66  MET A CG  1 
ATOM   337  S SD  . MET A 1 44  ? -18.578 -7.853  -4.472  1.00 46.42 ? 66  MET A SD  1 
ATOM   338  C CE  . MET A 1 44  ? -18.072 -8.571  -6.047  1.00 44.24 ? 66  MET A CE  1 
ATOM   339  N N   . LYS A 1 45  ? -16.883 -3.114  -2.675  1.00 25.68 ? 67  LYS A N   1 
ATOM   340  C CA  . LYS A 1 45  ? -17.730 -1.979  -2.313  1.00 25.36 ? 67  LYS A CA  1 
ATOM   341  C C   . LYS A 1 45  ? -17.197 -0.682  -2.920  1.00 25.22 ? 67  LYS A C   1 
ATOM   342  O O   . LYS A 1 45  ? -17.934 0.070   -3.565  1.00 22.70 ? 67  LYS A O   1 
ATOM   343  C CB  . LYS A 1 45  ? -17.803 -1.846  -0.787  1.00 27.22 ? 67  LYS A CB  1 
ATOM   344  C CG  . LYS A 1 45  ? -18.465 -0.560  -0.299  1.00 29.73 ? 67  LYS A CG  1 
ATOM   345  C CD  . LYS A 1 45  ? -18.317 -0.393  1.214   1.00 32.94 ? 67  LYS A CD  1 
ATOM   346  C CE  . LYS A 1 45  ? -18.719 1.010   1.661   1.00 32.36 ? 67  LYS A CE  1 
ATOM   347  N NZ  . LYS A 1 45  ? -18.582 1.210   3.137   1.00 35.40 ? 67  LYS A NZ  1 
ATOM   348  N N   . LEU A 1 46  ? -15.910 -0.426  -2.715  1.00 23.77 ? 68  LEU A N   1 
ATOM   349  C CA  . LEU A 1 46  ? -15.289 0.779   -3.245  1.00 22.69 ? 68  LEU A CA  1 
ATOM   350  C C   . LEU A 1 46  ? -15.395 0.830   -4.762  1.00 22.82 ? 68  LEU A C   1 
ATOM   351  O O   . LEU A 1 46  ? -15.643 1.886   -5.330  1.00 23.29 ? 68  LEU A O   1 
ATOM   352  C CB  . LEU A 1 46  ? -13.824 0.862   -2.806  1.00 19.26 ? 68  LEU A CB  1 
ATOM   353  C CG  . LEU A 1 46  ? -13.628 1.047   -1.300  1.00 19.53 ? 68  LEU A CG  1 
ATOM   354  C CD1 . LEU A 1 46  ? -12.144 0.985   -0.949  1.00 20.48 ? 68  LEU A CD1 1 
ATOM   355  C CD2 . LEU A 1 46  ? -14.225 2.383   -0.873  1.00 21.05 ? 68  LEU A CD2 1 
ATOM   356  N N   . LYS A 1 47  ? -15.211 -0.307  -5.426  1.00 24.02 ? 69  LYS A N   1 
ATOM   357  C CA  . LYS A 1 47  ? -15.329 -0.333  -6.880  1.00 24.96 ? 69  LYS A CA  1 
ATOM   358  C C   . LYS A 1 47  ? -16.777 -0.089  -7.277  1.00 24.89 ? 69  LYS A C   1 
ATOM   359  O O   . LYS A 1 47  ? -17.051 0.555   -8.291  1.00 26.77 ? 69  LYS A O   1 
ATOM   360  C CB  . LYS A 1 47  ? -14.833 -1.667  -7.444  1.00 25.22 ? 69  LYS A CB  1 
ATOM   361  C CG  . LYS A 1 47  ? -13.319 -1.767  -7.465  1.00 24.26 ? 69  LYS A CG  1 
ATOM   362  C CD  . LYS A 1 47  ? -12.830 -3.032  -8.148  1.00 24.05 ? 69  LYS A CD  1 
ATOM   363  C CE  . LYS A 1 47  ? -11.318 -2.983  -8.335  1.00 26.89 ? 69  LYS A CE  1 
ATOM   364  N NZ  . LYS A 1 47  ? -10.794 -4.139  -9.118  1.00 26.30 ? 69  LYS A NZ  1 
ATOM   365  N N   . GLY A 1 48  ? -17.705 -0.597  -6.472  1.00 24.09 ? 70  GLY A N   1 
ATOM   366  C CA  . GLY A 1 48  ? -19.111 -0.381  -6.759  1.00 25.72 ? 70  GLY A CA  1 
ATOM   367  C C   . GLY A 1 48  ? -19.390 1.112   -6.791  1.00 25.50 ? 70  GLY A C   1 
ATOM   368  O O   . GLY A 1 48  ? -20.118 1.607   -7.651  1.00 26.56 ? 70  GLY A O   1 
ATOM   369  N N   . VAL A 1 49  ? -18.795 1.841   -5.851  1.00 26.24 ? 71  VAL A N   1 
ATOM   370  C CA  . VAL A 1 49  ? -18.977 3.288   -5.786  1.00 27.23 ? 71  VAL A CA  1 
ATOM   371  C C   . VAL A 1 49  ? -18.359 3.939   -7.019  1.00 27.77 ? 71  VAL A C   1 
ATOM   372  O O   . VAL A 1 49  ? -18.960 4.819   -7.641  1.00 27.46 ? 71  VAL A O   1 
ATOM   373  C CB  . VAL A 1 49  ? -18.318 3.882   -4.524  1.00 27.98 ? 71  VAL A CB  1 
ATOM   374  C CG1 . VAL A 1 49  ? -18.450 5.396   -4.530  1.00 29.12 ? 71  VAL A CG1 1 
ATOM   375  C CG2 . VAL A 1 49  ? -18.976 3.308   -3.278  1.00 28.45 ? 71  VAL A CG2 1 
ATOM   376  N N   . VAL A 1 50  ? -17.155 3.501   -7.371  1.00 27.04 ? 72  VAL A N   1 
ATOM   377  C CA  . VAL A 1 50  ? -16.461 4.034   -8.538  1.00 27.85 ? 72  VAL A CA  1 
ATOM   378  C C   . VAL A 1 50  ? -17.306 3.851   -9.796  1.00 28.67 ? 72  VAL A C   1 
ATOM   379  O O   . VAL A 1 50  ? -17.438 4.768   -10.604 1.00 28.04 ? 72  VAL A O   1 
ATOM   380  C CB  . VAL A 1 50  ? -15.100 3.329   -8.750  1.00 28.54 ? 72  VAL A CB  1 
ATOM   381  C CG1 . VAL A 1 50  ? -14.479 3.772   -10.067 1.00 29.05 ? 72  VAL A CG1 1 
ATOM   382  C CG2 . VAL A 1 50  ? -14.163 3.649   -7.592  1.00 30.24 ? 72  VAL A CG2 1 
ATOM   383  N N   . ALA A 1 51  ? -17.873 2.659   -9.959  1.00 28.97 ? 73  ALA A N   1 
ATOM   384  C CA  . ALA A 1 51  ? -18.697 2.366   -11.127 1.00 30.62 ? 73  ALA A CA  1 
ATOM   385  C C   . ALA A 1 51  ? -19.908 3.287   -11.173 1.00 31.65 ? 73  ALA A C   1 
ATOM   386  O O   . ALA A 1 51  ? -20.299 3.759   -12.241 1.00 31.89 ? 73  ALA A O   1 
ATOM   387  C CB  . ALA A 1 51  ? -19.145 0.902   -11.104 1.00 29.20 ? 73  ALA A CB  1 
ATOM   388  N N   . GLY A 1 52  ? -20.495 3.544   -10.009 1.00 32.23 ? 74  GLY A N   1 
ATOM   389  C CA  . GLY A 1 52  ? -21.655 4.411   -9.946  1.00 33.74 ? 74  GLY A CA  1 
ATOM   390  C C   . GLY A 1 52  ? -21.328 5.846   -10.312 1.00 33.91 ? 74  GLY A C   1 
ATOM   391  O O   . GLY A 1 52  ? -22.153 6.552   -10.885 1.00 33.25 ? 74  GLY A O   1 
ATOM   392  N N   . ALA A 1 53  ? -20.120 6.284   -9.976  1.00 35.13 ? 75  ALA A N   1 
ATOM   393  C CA  . ALA A 1 53  ? -19.698 7.645   -10.279 1.00 36.28 ? 75  ALA A CA  1 
ATOM   394  C C   . ALA A 1 53  ? -19.292 7.754   -11.743 1.00 37.06 ? 75  ALA A C   1 
ATOM   395  O O   . ALA A 1 53  ? -19.476 8.799   -12.370 1.00 36.96 ? 75  ALA A O   1 
ATOM   396  C CB  . ALA A 1 53  ? -18.536 8.044   -9.381  1.00 36.55 ? 75  ALA A CB  1 
ATOM   397  N N   . ARG A 1 54  ? -18.739 6.672   -12.283 1.00 38.41 ? 76  ARG A N   1 
ATOM   398  C CA  . ARG A 1 54  ? -18.313 6.650   -13.676 1.00 41.14 ? 76  ARG A CA  1 
ATOM   399  C C   . ARG A 1 54  ? -19.523 6.733   -14.598 1.00 42.12 ? 76  ARG A C   1 
ATOM   400  O O   . ARG A 1 54  ? -19.452 7.321   -15.679 1.00 41.08 ? 76  ARG A O   1 
ATOM   401  C CB  . ARG A 1 54  ? -17.521 5.376   -13.979 1.00 41.86 ? 76  ARG A CB  1 
ATOM   402  C CG  . ARG A 1 54  ? -17.017 5.302   -15.411 1.00 44.44 ? 76  ARG A CG  1 
ATOM   403  C CD  . ARG A 1 54  ? -16.138 6.504   -15.748 1.00 47.15 ? 76  ARG A CD  1 
ATOM   404  N NE  . ARG A 1 54  ? -15.829 6.581   -17.173 1.00 50.04 ? 76  ARG A NE  1 
ATOM   405  C CZ  . ARG A 1 54  ? -16.739 6.759   -18.126 1.00 50.70 ? 76  ARG A CZ  1 
ATOM   406  N NH1 . ARG A 1 54  ? -16.370 6.818   -19.398 1.00 51.34 ? 76  ARG A NH1 1 
ATOM   407  N NH2 . ARG A 1 54  ? -18.020 6.881   -17.809 1.00 52.21 ? 76  ARG A NH2 1 
ATOM   408  N N   . SER A 1 55  ? -20.634 6.143   -14.165 1.00 43.52 ? 77  SER A N   1 
ATOM   409  C CA  . SER A 1 55  ? -21.862 6.171   -14.953 1.00 44.21 ? 77  SER A CA  1 
ATOM   410  C C   . SER A 1 55  ? -22.352 7.613   -15.026 1.00 43.73 ? 77  SER A C   1 
ATOM   411  O O   . SER A 1 55  ? -23.157 7.969   -15.890 1.00 44.57 ? 77  SER A O   1 
ATOM   412  C CB  . SER A 1 55  ? -22.935 5.292   -14.304 1.00 44.46 ? 77  SER A CB  1 
ATOM   413  O OG  . SER A 1 55  ? -23.307 5.799   -13.036 1.00 44.90 ? 77  SER A OG  1 
ATOM   414  N N   . LYS A 1 56  ? -21.863 8.436   -14.106 1.00 43.10 ? 78  LYS A N   1 
ATOM   415  C CA  . LYS A 1 56  ? -22.232 9.841   -14.065 1.00 43.29 ? 78  LYS A CA  1 
ATOM   416  C C   . LYS A 1 56  ? -21.101 10.688  -14.639 1.00 42.21 ? 78  LYS A C   1 
ATOM   417  O O   . LYS A 1 56  ? -21.077 11.907  -14.479 1.00 42.71 ? 78  LYS A O   1 
ATOM   418  C CB  . LYS A 1 56  ? -22.542 10.269  -12.628 1.00 44.69 ? 78  LYS A CB  1 
ATOM   419  C CG  . LYS A 1 56  ? -23.802 9.631   -12.059 1.00 47.45 ? 78  LYS A CG  1 
ATOM   420  C CD  . LYS A 1 56  ? -24.112 10.149  -10.660 1.00 49.98 ? 78  LYS A CD  1 
ATOM   421  C CE  . LYS A 1 56  ? -25.466 9.645   -10.167 1.00 53.12 ? 78  LYS A CE  1 
ATOM   422  N NZ  . LYS A 1 56  ? -25.542 8.153   -10.127 1.00 55.18 ? 78  LYS A NZ  1 
ATOM   423  N N   . GLY A 1 57  ? -20.160 10.023  -15.301 1.00 40.77 ? 79  GLY A N   1 
ATOM   424  C CA  . GLY A 1 57  ? -19.045 10.721  -15.915 1.00 39.49 ? 79  GLY A CA  1 
ATOM   425  C C   . GLY A 1 57  ? -17.891 11.105  -15.009 1.00 38.36 ? 79  GLY A C   1 
ATOM   426  O O   . GLY A 1 57  ? -17.087 11.963  -15.376 1.00 38.61 ? 79  GLY A O   1 
ATOM   427  N N   . GLU A 1 58  ? -17.799 10.492  -13.833 1.00 36.93 ? 80  GLU A N   1 
ATOM   428  C CA  . GLU A 1 58  ? -16.708 10.798  -12.912 1.00 36.39 ? 80  GLU A CA  1 
ATOM   429  C C   . GLU A 1 58  ? -15.522 9.880   -13.183 1.00 33.82 ? 80  GLU A C   1 
ATOM   430  O O   . GLU A 1 58  ? -15.659 8.840   -13.830 1.00 33.95 ? 80  GLU A O   1 
ATOM   431  C CB  . GLU A 1 58  ? -17.152 10.635  -11.456 1.00 39.23 ? 80  GLU A CB  1 
ATOM   432  C CG  . GLU A 1 58  ? -18.205 11.632  -11.001 1.00 43.78 ? 80  GLU A CG  1 
ATOM   433  C CD  . GLU A 1 58  ? -18.385 11.637  -9.495  1.00 46.93 ? 80  GLU A CD  1 
ATOM   434  O OE1 . GLU A 1 58  ? -17.432 12.025  -8.786  1.00 48.19 ? 80  GLU A OE1 1 
ATOM   435  O OE2 . GLU A 1 58  ? -19.470 11.242  -9.017  1.00 49.32 ? 80  GLU A OE2 1 
ATOM   436  N N   . HIS A 1 59  ? -14.354 10.268  -12.689 1.00 29.55 ? 81  HIS A N   1 
ATOM   437  C CA  . HIS A 1 59  ? -13.150 9.474   -12.894 1.00 26.95 ? 81  HIS A CA  1 
ATOM   438  C C   . HIS A 1 59  ? -12.367 9.367   -11.596 1.00 24.73 ? 81  HIS A C   1 
ATOM   439  O O   . HIS A 1 59  ? -12.460 10.239  -10.729 1.00 24.12 ? 81  HIS A O   1 
ATOM   440  C CB  . HIS A 1 59  ? -12.263 10.126  -13.956 1.00 29.09 ? 81  HIS A CB  1 
ATOM   441  C CG  . HIS A 1 59  ? -12.967 10.395  -15.251 1.00 31.10 ? 81  HIS A CG  1 
ATOM   442  N ND1 . HIS A 1 59  ? -13.323 9.393   -16.127 1.00 32.93 ? 81  HIS A ND1 1 
ATOM   443  C CD2 . HIS A 1 59  ? -13.374 11.556  -15.817 1.00 32.86 ? 81  HIS A CD2 1 
ATOM   444  C CE1 . HIS A 1 59  ? -13.922 9.926   -17.180 1.00 33.92 ? 81  HIS A CE1 1 
ATOM   445  N NE2 . HIS A 1 59  ? -13.965 11.236  -17.016 1.00 32.97 ? 81  HIS A NE2 1 
ATOM   446  N N   . LYS A 1 60  ? -11.595 8.297   -11.467 1.00 21.74 ? 82  LYS A N   1 
ATOM   447  C CA  . LYS A 1 60  ? -10.777 8.100   -10.279 1.00 20.78 ? 82  LYS A CA  1 
ATOM   448  C C   . LYS A 1 60  ? -9.639  9.108   -10.295 1.00 19.80 ? 82  LYS A C   1 
ATOM   449  O O   . LYS A 1 60  ? -9.135  9.477   -11.363 1.00 18.53 ? 82  LYS A O   1 
ATOM   450  C CB  . LYS A 1 60  ? -10.214 6.675   -10.253 1.00 19.66 ? 82  LYS A CB  1 
ATOM   451  C CG  . LYS A 1 60  ? -11.276 5.592   -10.189 1.00 22.24 ? 82  LYS A CG  1 
ATOM   452  C CD  . LYS A 1 60  ? -10.678 4.208   -9.918  1.00 20.70 ? 82  LYS A CD  1 
ATOM   453  C CE  . LYS A 1 60  ? -9.826  3.724   -11.077 1.00 21.95 ? 82  LYS A CE  1 
ATOM   454  N NZ  . LYS A 1 60  ? -10.624 3.580   -12.325 1.00 19.87 ? 82  LYS A NZ  1 
ATOM   455  N N   . GLN A 1 61  ? -9.235  9.557   -9.112  1.00 18.64 ? 83  GLN A N   1 
ATOM   456  C CA  . GLN A 1 61  ? -8.150  10.523  -9.011  1.00 18.28 ? 83  GLN A CA  1 
ATOM   457  C C   . GLN A 1 61  ? -6.836  9.908   -9.483  1.00 17.54 ? 83  GLN A C   1 
ATOM   458  O O   . GLN A 1 61  ? -6.507  8.779   -9.117  1.00 18.84 ? 83  GLN A O   1 
ATOM   459  C CB  . GLN A 1 61  ? -7.986  10.993  -7.562  1.00 15.30 ? 83  GLN A CB  1 
ATOM   460  C CG  . GLN A 1 61  ? -6.920  12.069  -7.388  1.00 19.47 ? 83  GLN A CG  1 
ATOM   461  C CD  . GLN A 1 61  ? -6.563  12.324  -5.930  1.00 20.87 ? 83  GLN A CD  1 
ATOM   462  O OE1 . GLN A 1 61  ? -5.689  13.142  -5.625  1.00 20.93 ? 83  GLN A OE1 1 
ATOM   463  N NE2 . GLN A 1 61  ? -7.237  11.624  -5.023  1.00 18.37 ? 83  GLN A NE2 1 
ATOM   464  N N   . LYS A 1 62  ? -6.094  10.644  -10.304 1.00 16.62 ? 84  LYS A N   1 
ATOM   465  C CA  . LYS A 1 62  ? -4.797  10.180  -10.784 1.00 17.24 ? 84  LYS A CA  1 
ATOM   466  C C   . LYS A 1 62  ? -3.776  10.471  -9.687  1.00 15.42 ? 84  LYS A C   1 
ATOM   467  O O   . LYS A 1 62  ? -3.691  11.591  -9.191  1.00 14.96 ? 84  LYS A O   1 
ATOM   468  C CB  . LYS A 1 62  ? -4.390  10.917  -12.059 1.00 18.38 ? 84  LYS A CB  1 
ATOM   469  C CG  . LYS A 1 62  ? -5.218  10.554  -13.287 1.00 22.03 ? 84  LYS A CG  1 
ATOM   470  C CD  . LYS A 1 62  ? -4.695  11.284  -14.513 1.00 25.63 ? 84  LYS A CD  1 
ATOM   471  C CE  . LYS A 1 62  ? -5.451  10.883  -15.774 1.00 26.53 ? 84  LYS A CE  1 
ATOM   472  N NZ  . LYS A 1 62  ? -6.881  11.275  -15.695 1.00 30.25 ? 84  LYS A NZ  1 
ATOM   473  N N   . ILE A 1 63  ? -3.003  9.460   -9.309  1.00 14.58 ? 85  ILE A N   1 
ATOM   474  C CA  . ILE A 1 63  ? -2.002  9.622   -8.255  1.00 14.33 ? 85  ILE A CA  1 
ATOM   475  C C   . ILE A 1 63  ? -0.723  8.883   -8.589  1.00 15.14 ? 85  ILE A C   1 
ATOM   476  O O   . ILE A 1 63  ? -0.608  8.236   -9.621  1.00 14.81 ? 85  ILE A O   1 
ATOM   477  C CB  . ILE A 1 63  ? -2.487  8.996   -6.920  1.00 13.42 ? 85  ILE A CB  1 
ATOM   478  C CG1 . ILE A 1 63  ? -2.722  7.489   -7.129  1.00 14.79 ? 85  ILE A CG1 1 
ATOM   479  C CG2 . ILE A 1 63  ? -3.746  9.689   -6.436  1.00 15.45 ? 85  ILE A CG2 1 
ATOM   480  C CD1 . ILE A 1 63  ? -2.903  6.667   -5.825  1.00 10.58 ? 85  ILE A CD1 1 
ATOM   481  N N   . PHE A 1 64  ? 0.250   9.017   -7.701  1.00 16.90 ? 86  PHE A N   1 
ATOM   482  C CA  . PHE A 1 64  ? 1.463   8.238   -7.806  1.00 16.56 ? 86  PHE A CA  1 
ATOM   483  C C   . PHE A 1 64  ? 1.766   7.927   -6.349  1.00 17.64 ? 86  PHE A C   1 
ATOM   484  O O   . PHE A 1 64  ? 1.643   8.794   -5.467  1.00 17.28 ? 86  PHE A O   1 
ATOM   485  C CB  . PHE A 1 64  ? 2.606   8.957   -8.554  1.00 20.87 ? 86  PHE A CB  1 
ATOM   486  C CG  . PHE A 1 64  ? 3.155   10.171  -7.874  1.00 19.18 ? 86  PHE A CG  1 
ATOM   487  C CD1 . PHE A 1 64  ? 4.068   10.055  -6.833  1.00 23.73 ? 86  PHE A CD1 1 
ATOM   488  C CD2 . PHE A 1 64  ? 2.843   11.440  -8.353  1.00 19.93 ? 86  PHE A CD2 1 
ATOM   489  C CE1 . PHE A 1 64  ? 4.670   11.187  -6.281  1.00 21.19 ? 86  PHE A CE1 1 
ATOM   490  C CE2 . PHE A 1 64  ? 3.436   12.577  -7.808  1.00 22.11 ? 86  PHE A CE2 1 
ATOM   491  C CZ  . PHE A 1 64  ? 4.356   12.450  -6.771  1.00 21.98 ? 86  PHE A CZ  1 
ATOM   492  N N   . LEU A 1 65  ? 2.048   6.662   -6.075  1.00 14.36 ? 87  LEU A N   1 
ATOM   493  C CA  . LEU A 1 65  ? 2.333   6.266   -4.708  1.00 16.74 ? 87  LEU A CA  1 
ATOM   494  C C   . LEU A 1 65  ? 3.774   5.838   -4.584  1.00 16.22 ? 87  LEU A C   1 
ATOM   495  O O   . LEU A 1 65  ? 4.376   5.341   -5.538  1.00 17.60 ? 87  LEU A O   1 
ATOM   496  C CB  . LEU A 1 65  ? 1.419   5.123   -4.267  1.00 19.13 ? 87  LEU A CB  1 
ATOM   497  C CG  . LEU A 1 65  ? 1.525   3.743   -4.921  1.00 22.94 ? 87  LEU A CG  1 
ATOM   498  C CD1 . LEU A 1 65  ? 0.801   2.727   -4.054  1.00 25.94 ? 87  LEU A CD1 1 
ATOM   499  C CD2 . LEU A 1 65  ? 0.923   3.777   -6.315  1.00 25.18 ? 87  LEU A CD2 1 
ATOM   500  N N   . THR A 1 66  ? 4.343   6.055   -3.410  1.00 15.14 ? 88  THR A N   1 
ATOM   501  C CA  . THR A 1 66  ? 5.714   5.659   -3.192  1.00 13.62 ? 88  THR A CA  1 
ATOM   502  C C   . THR A 1 66  ? 5.767   4.665   -2.047  1.00 14.46 ? 88  THR A C   1 
ATOM   503  O O   . THR A 1 66  ? 4.939   4.691   -1.130  1.00 13.27 ? 88  THR A O   1 
ATOM   504  C CB  . THR A 1 66  ? 6.612   6.853   -2.852  1.00 13.89 ? 88  THR A CB  1 
ATOM   505  O OG1 . THR A 1 66  ? 6.219   7.411   -1.591  1.00 13.72 ? 88  THR A OG1 1 
ATOM   506  C CG2 . THR A 1 66  ? 6.514   7.916   -3.948  1.00 15.14 ? 88  THR A CG2 1 
ATOM   507  N N   . ILE A 1 67  ? 6.744   3.778   -2.142  1.00 13.31 ? 89  ILE A N   1 
ATOM   508  C CA  . ILE A 1 67  ? 6.987   2.754   -1.142  1.00 13.22 ? 89  ILE A CA  1 
ATOM   509  C C   . ILE A 1 67  ? 8.408   3.063   -0.692  1.00 11.50 ? 89  ILE A C   1 
ATOM   510  O O   . ILE A 1 67  ? 9.343   3.040   -1.497  1.00 12.47 ? 89  ILE A O   1 
ATOM   511  C CB  . ILE A 1 67  ? 6.912   1.348   -1.772  1.00 11.89 ? 89  ILE A CB  1 
ATOM   512  C CG1 . ILE A 1 67  ? 5.517   1.124   -2.363  1.00 16.43 ? 89  ILE A CG1 1 
ATOM   513  C CG2 . ILE A 1 67  ? 7.234   0.281   -0.731  1.00 14.04 ? 89  ILE A CG2 1 
ATOM   514  C CD1 . ILE A 1 67  ? 5.389   -0.161  -3.146  1.00 14.75 ? 89  ILE A CD1 1 
ATOM   515  N N   . SER A 1 68  ? 8.565   3.386   0.586   1.00 13.03 ? 90  SER A N   1 
ATOM   516  C CA  . SER A 1 68  ? 9.880   3.719   1.120   1.00 12.55 ? 90  SER A CA  1 
ATOM   517  C C   . SER A 1 68  ? 9.927   3.365   2.598   1.00 12.52 ? 90  SER A C   1 
ATOM   518  O O   . SER A 1 68  ? 8.962   2.839   3.139   1.00 12.64 ? 90  SER A O   1 
ATOM   519  C CB  . SER A 1 68  ? 10.155  5.214   0.946   1.00 13.34 ? 90  SER A CB  1 
ATOM   520  O OG  . SER A 1 68  ? 9.345   5.981   1.817   1.00 13.31 ? 90  SER A OG  1 
ATOM   521  N N   . PHE A 1 69  ? 11.043  3.654   3.256   1.00 12.80 ? 91  PHE A N   1 
ATOM   522  C CA  . PHE A 1 69  ? 11.134  3.353   4.679   1.00 14.91 ? 91  PHE A CA  1 
ATOM   523  C C   . PHE A 1 69  ? 10.097  4.188   5.423   1.00 14.93 ? 91  PHE A C   1 
ATOM   524  O O   . PHE A 1 69  ? 9.784   3.923   6.586   1.00 15.91 ? 91  PHE A O   1 
ATOM   525  C CB  . PHE A 1 69  ? 12.545  3.645   5.197   1.00 15.08 ? 91  PHE A CB  1 
ATOM   526  C CG  . PHE A 1 69  ? 13.553  2.595   4.815   1.00 17.25 ? 91  PHE A CG  1 
ATOM   527  C CD1 . PHE A 1 69  ? 14.540  2.865   3.872   1.00 16.75 ? 91  PHE A CD1 1 
ATOM   528  C CD2 . PHE A 1 69  ? 13.512  1.332   5.404   1.00 15.53 ? 91  PHE A CD2 1 
ATOM   529  C CE1 . PHE A 1 69  ? 15.482  1.886   3.518   1.00 19.32 ? 91  PHE A CE1 1 
ATOM   530  C CE2 . PHE A 1 69  ? 14.440  0.350   5.061   1.00 18.12 ? 91  PHE A CE2 1 
ATOM   531  C CZ  . PHE A 1 69  ? 15.431  0.630   4.112   1.00 18.11 ? 91  PHE A CZ  1 
ATOM   532  N N   . GLY A 1 70  ? 9.552   5.187   4.733   1.00 13.25 ? 92  GLY A N   1 
ATOM   533  C CA  . GLY A 1 70  ? 8.532   6.034   5.327   1.00 14.27 ? 92  GLY A CA  1 
ATOM   534  C C   . GLY A 1 70  ? 7.151   5.423   5.151   1.00 13.81 ? 92  GLY A C   1 
ATOM   535  O O   . GLY A 1 70  ? 6.140   6.019   5.513   1.00 14.82 ? 92  GLY A O   1 
ATOM   536  N N   . GLY A 1 71  ? 7.105   4.222   4.588   1.00 13.50 ? 93  GLY A N   1 
ATOM   537  C CA  . GLY A 1 71  ? 5.827   3.558   4.388   1.00 13.60 ? 93  GLY A CA  1 
ATOM   538  C C   . GLY A 1 71  ? 5.255   3.826   3.013   1.00 13.09 ? 93  GLY A C   1 
ATOM   539  O O   . GLY A 1 71  ? 5.991   3.891   2.028   1.00 13.63 ? 93  GLY A O   1 
ATOM   540  N N   . ILE A 1 72  ? 3.936   3.973   2.945   1.00 12.53 ? 94  ILE A N   1 
ATOM   541  C CA  . ILE A 1 72  ? 3.250   4.255   1.691   1.00 11.74 ? 94  ILE A CA  1 
ATOM   542  C C   . ILE A 1 72  ? 2.765   5.701   1.679   1.00 13.36 ? 94  ILE A C   1 
ATOM   543  O O   . ILE A 1 72  ? 2.091   6.145   2.612   1.00 12.13 ? 94  ILE A O   1 
ATOM   544  C CB  . ILE A 1 72  ? 2.016   3.345   1.503   1.00 13.14 ? 94  ILE A CB  1 
ATOM   545  C CG1 . ILE A 1 72  ? 2.457   1.881   1.447   1.00 11.83 ? 94  ILE A CG1 1 
ATOM   546  C CG2 . ILE A 1 72  ? 1.266   3.727   0.231   1.00 13.05 ? 94  ILE A CG2 1 
ATOM   547  C CD1 . ILE A 1 72  ? 1.296   0.902   1.405   1.00 17.92 ? 94  ILE A CD1 1 
ATOM   548  N N   . LYS A 1 73  ? 3.118   6.434   0.627   1.00 13.43 ? 95  LYS A N   1 
ATOM   549  C CA  . LYS A 1 73  ? 2.682   7.814   0.489   1.00 13.84 ? 95  LYS A CA  1 
ATOM   550  C C   . LYS A 1 73  ? 1.917   7.950   -0.821  1.00 15.46 ? 95  LYS A C   1 
ATOM   551  O O   . LYS A 1 73  ? 2.321   7.391   -1.838  1.00 15.01 ? 95  LYS A O   1 
ATOM   552  C CB  . LYS A 1 73  ? 3.887   8.758   0.495   1.00 13.61 ? 95  LYS A CB  1 
ATOM   553  C CG  . LYS A 1 73  ? 4.632   8.761   1.829   1.00 14.01 ? 95  LYS A CG  1 
ATOM   554  C CD  . LYS A 1 73  ? 5.882   9.608   1.776   1.00 17.79 ? 95  LYS A CD  1 
ATOM   555  C CE  . LYS A 1 73  ? 6.577   9.685   3.146   1.00 17.03 ? 95  LYS A CE  1 
ATOM   556  N NZ  . LYS A 1 73  ? 7.859   10.446  3.042   1.00 19.10 ? 95  LYS A NZ  1 
ATOM   557  N N   . ILE A 1 74  ? 0.806   8.674   -0.789  1.00 13.83 ? 96  ILE A N   1 
ATOM   558  C CA  . ILE A 1 74  ? 0.011   8.876   -1.997  1.00 13.32 ? 96  ILE A CA  1 
ATOM   559  C C   . ILE A 1 74  ? 0.063   10.351  -2.354  1.00 13.85 ? 96  ILE A C   1 
ATOM   560  O O   . ILE A 1 74  ? -0.263  11.216  -1.535  1.00 13.07 ? 96  ILE A O   1 
ATOM   561  C CB  . ILE A 1 74  ? -1.448  8.406   -1.781  1.00 11.85 ? 96  ILE A CB  1 
ATOM   562  C CG1 . ILE A 1 74  ? -1.458  6.881   -1.638  1.00 13.02 ? 96  ILE A CG1 1 
ATOM   563  C CG2 . ILE A 1 74  ? -2.347  8.848   -2.955  1.00 10.32 ? 96  ILE A CG2 1 
ATOM   564  C CD1 . ILE A 1 74  ? -2.803  6.292   -1.229  1.00 16.32 ? 96  ILE A CD1 1 
ATOM   565  N N   . PHE A 1 75  ? 0.508   10.635  -3.573  1.00 13.39 ? 97  PHE A N   1 
ATOM   566  C CA  . PHE A 1 75  ? 0.618   12.009  -4.049  1.00 12.82 ? 97  PHE A CA  1 
ATOM   567  C C   . PHE A 1 75  ? -0.356  12.268  -5.194  1.00 14.70 ? 97  PHE A C   1 
ATOM   568  O O   . PHE A 1 75  ? -0.611  11.389  -6.016  1.00 14.15 ? 97  PHE A O   1 
ATOM   569  C CB  . PHE A 1 75  ? 2.032   12.301  -4.570  1.00 14.07 ? 97  PHE A CB  1 
ATOM   570  C CG  . PHE A 1 75  ? 3.130   12.095  -3.561  1.00 16.39 ? 97  PHE A CG  1 
ATOM   571  C CD1 . PHE A 1 75  ? 3.591   10.813  -3.256  1.00 17.09 ? 97  PHE A CD1 1 
ATOM   572  C CD2 . PHE A 1 75  ? 3.736   13.184  -2.951  1.00 15.19 ? 97  PHE A CD2 1 
ATOM   573  C CE1 . PHE A 1 75  ? 4.642   10.625  -2.365  1.00 15.30 ? 97  PHE A CE1 1 
ATOM   574  C CE2 . PHE A 1 75  ? 4.792   13.008  -2.053  1.00 16.90 ? 97  PHE A CE2 1 
ATOM   575  C CZ  . PHE A 1 75  ? 5.245   11.720  -1.763  1.00 14.92 ? 97  PHE A CZ  1 
ATOM   576  N N   . ASP A 1 76  ? -0.903  13.477  -5.247  1.00 15.16 ? 98  ASP A N   1 
ATOM   577  C CA  . ASP A 1 76  ? -1.808  13.837  -6.334  1.00 13.61 ? 98  ASP A CA  1 
ATOM   578  C C   . ASP A 1 76  ? -0.910  14.014  -7.559  1.00 11.82 ? 98  ASP A C   1 
ATOM   579  O O   . ASP A 1 76  ? 0.081   14.733  -7.491  1.00 12.40 ? 98  ASP A O   1 
ATOM   580  C CB  . ASP A 1 76  ? -2.522  15.147  -6.004  1.00 14.16 ? 98  ASP A CB  1 
ATOM   581  C CG  . ASP A 1 76  ? -3.374  15.634  -7.142  1.00 14.42 ? 98  ASP A CG  1 
ATOM   582  O OD1 . ASP A 1 76  ? -2.988  16.634  -7.785  1.00 14.84 ? 98  ASP A OD1 1 
ATOM   583  O OD2 . ASP A 1 76  ? -4.418  15.006  -7.393  1.00 15.42 ? 98  ASP A OD2 1 
ATOM   584  N N   . GLU A 1 77  ? -1.247  13.373  -8.675  1.00 12.50 ? 99  GLU A N   1 
ATOM   585  C CA  . GLU A 1 77  ? -0.401  13.461  -9.865  1.00 14.97 ? 99  GLU A CA  1 
ATOM   586  C C   . GLU A 1 77  ? -0.284  14.851  -10.481 1.00 14.31 ? 99  GLU A C   1 
ATOM   587  O O   . GLU A 1 77  ? 0.815   15.300  -10.811 1.00 14.66 ? 99  GLU A O   1 
ATOM   588  C CB  . GLU A 1 77  ? -0.870  12.474  -10.946 1.00 15.91 ? 99  GLU A CB  1 
ATOM   589  C CG  . GLU A 1 77  ? 0.046   12.451  -12.177 1.00 19.74 ? 99  GLU A CG  1 
ATOM   590  C CD  . GLU A 1 77  ? -0.394  11.459  -13.240 1.00 23.60 ? 99  GLU A CD  1 
ATOM   591  O OE1 . GLU A 1 77  ? -1.462  11.669  -13.850 1.00 26.53 ? 99  GLU A OE1 1 
ATOM   592  O OE2 . GLU A 1 77  ? 0.334   10.469  -13.473 1.00 28.16 ? 99  GLU A OE2 1 
ATOM   593  N N   . LYS A 1 78  ? -1.415  15.528  -10.633 1.00 14.85 ? 100 LYS A N   1 
ATOM   594  C CA  . LYS A 1 78  ? -1.440  16.856  -11.232 1.00 14.58 ? 100 LYS A CA  1 
ATOM   595  C C   . LYS A 1 78  ? -0.626  17.927  -10.501 1.00 16.57 ? 100 LYS A C   1 
ATOM   596  O O   . LYS A 1 78  ? -0.026  18.796  -11.140 1.00 16.78 ? 100 LYS A O   1 
ATOM   597  C CB  . LYS A 1 78  ? -2.889  17.330  -11.376 1.00 17.22 ? 100 LYS A CB  1 
ATOM   598  C CG  . LYS A 1 78  ? -3.691  16.585  -12.436 1.00 16.96 ? 100 LYS A CG  1 
ATOM   599  C CD  . LYS A 1 78  ? -5.163  16.989  -12.397 1.00 17.40 ? 100 LYS A CD  1 
ATOM   600  C CE  . LYS A 1 78  ? -5.995  16.124  -13.336 1.00 19.28 ? 100 LYS A CE  1 
ATOM   601  N NZ  . LYS A 1 78  ? -7.426  16.562  -13.397 1.00 23.41 ? 100 LYS A NZ  1 
ATOM   602  N N   . THR A 1 79  ? -0.596  17.865  -9.172  1.00 16.31 ? 101 THR A N   1 
ATOM   603  C CA  . THR A 1 79  ? 0.137   18.862  -8.382  1.00 14.85 ? 101 THR A CA  1 
ATOM   604  C C   . THR A 1 79  ? 1.385   18.339  -7.671  1.00 15.93 ? 101 THR A C   1 
ATOM   605  O O   . THR A 1 79  ? 2.233   19.128  -7.242  1.00 15.78 ? 101 THR A O   1 
ATOM   606  C CB  . THR A 1 79  ? -0.754  19.467  -7.292  1.00 14.17 ? 101 THR A CB  1 
ATOM   607  O OG1 . THR A 1 79  ? -1.111  18.441  -6.356  1.00 13.58 ? 101 THR A OG1 1 
ATOM   608  C CG2 . THR A 1 79  ? -2.028  20.058  -7.905  1.00 14.57 ? 101 THR A CG2 1 
ATOM   609  N N   . GLY A 1 80  ? 1.485   17.022  -7.529  1.00 15.54 ? 102 GLY A N   1 
ATOM   610  C CA  . GLY A 1 80  ? 2.629   16.446  -6.840  1.00 16.52 ? 102 GLY A CA  1 
ATOM   611  C C   . GLY A 1 80  ? 2.525   16.546  -5.326  1.00 16.16 ? 102 GLY A C   1 
ATOM   612  O O   . GLY A 1 80  ? 3.452   16.164  -4.615  1.00 18.23 ? 102 GLY A O   1 
ATOM   613  N N   . ALA A 1 81  ? 1.402   17.055  -4.823  1.00 15.61 ? 103 ALA A N   1 
ATOM   614  C CA  . ALA A 1 81  ? 1.225   17.219  -3.378  1.00 16.95 ? 103 ALA A CA  1 
ATOM   615  C C   . ALA A 1 81  ? 0.904   15.926  -2.632  1.00 16.00 ? 103 ALA A C   1 
ATOM   616  O O   . ALA A 1 81  ? 0.126   15.098  -3.099  1.00 15.54 ? 103 ALA A O   1 
ATOM   617  C CB  . ALA A 1 81  ? 0.133   18.248  -3.092  1.00 14.53 ? 103 ALA A CB  1 
ATOM   618  N N   . LEU A 1 82  ? 1.505   15.768  -1.460  1.00 14.91 ? 104 LEU A N   1 
ATOM   619  C CA  . LEU A 1 82  ? 1.277   14.587  -0.638  1.00 16.66 ? 104 LEU A CA  1 
ATOM   620  C C   . LEU A 1 82  ? -0.145  14.644  -0.094  1.00 16.46 ? 104 LEU A C   1 
ATOM   621  O O   . LEU A 1 82  ? -0.543  15.645  0.495   1.00 16.63 ? 104 LEU A O   1 
ATOM   622  C CB  . LEU A 1 82  ? 2.277   14.569  0.518   1.00 16.12 ? 104 LEU A CB  1 
ATOM   623  C CG  . LEU A 1 82  ? 2.163   13.449  1.558   1.00 18.92 ? 104 LEU A CG  1 
ATOM   624  C CD1 . LEU A 1 82  ? 2.378   12.084  0.914   1.00 14.80 ? 104 LEU A CD1 1 
ATOM   625  C CD2 . LEU A 1 82  ? 3.211   13.689  2.639   1.00 18.99 ? 104 LEU A CD2 1 
ATOM   626  N N   . GLN A 1 83  ? -0.921  13.583  -0.283  1.00 15.61 ? 105 GLN A N   1 
ATOM   627  C CA  . GLN A 1 83  ? -2.288  13.597  0.218   1.00 17.43 ? 105 GLN A CA  1 
ATOM   628  C C   . GLN A 1 83  ? -2.560  12.579  1.312   1.00 16.79 ? 105 GLN A C   1 
ATOM   629  O O   . GLN A 1 83  ? -3.445  12.771  2.143   1.00 16.34 ? 105 GLN A O   1 
ATOM   630  C CB  . GLN A 1 83  ? -3.286  13.379  -0.920  1.00 21.23 ? 105 GLN A CB  1 
ATOM   631  C CG  . GLN A 1 83  ? -3.217  14.429  -2.013  1.00 27.02 ? 105 GLN A CG  1 
ATOM   632  C CD  . GLN A 1 83  ? -4.548  14.618  -2.717  1.00 28.67 ? 105 GLN A CD  1 
ATOM   633  O OE1 . GLN A 1 83  ? -5.252  13.655  -3.010  1.00 28.82 ? 105 GLN A OE1 1 
ATOM   634  N NE2 . GLN A 1 83  ? -4.893  15.872  -3.000  1.00 30.57 ? 105 GLN A NE2 1 
ATOM   635  N N   . HIS A 1 84  ? -1.805  11.490  1.304   1.00 15.08 ? 106 HIS A N   1 
ATOM   636  C CA  . HIS A 1 84  ? -1.982  10.442  2.294   1.00 16.94 ? 106 HIS A CA  1 
ATOM   637  C C   . HIS A 1 84  ? -0.612  9.886   2.627   1.00 17.58 ? 106 HIS A C   1 
ATOM   638  O O   . HIS A 1 84  ? 0.237   9.721   1.748   1.00 17.11 ? 106 HIS A O   1 
ATOM   639  C CB  . HIS A 1 84  ? -2.863  9.317   1.733   1.00 18.38 ? 106 HIS A CB  1 
ATOM   640  C CG  . HIS A 1 84  ? -4.261  9.748   1.402   1.00 16.96 ? 106 HIS A CG  1 
ATOM   641  N ND1 . HIS A 1 84  ? -5.195  10.019  2.366   1.00 17.75 ? 106 HIS A ND1 1 
ATOM   642  C CD2 . HIS A 1 84  ? -4.864  9.960   0.208   1.00 17.61 ? 106 HIS A CD2 1 
ATOM   643  C CE1 . HIS A 1 84  ? -6.333  10.382  1.783   1.00 19.62 ? 106 HIS A CE1 1 
ATOM   644  N NE2 . HIS A 1 84  ? -6.154  10.354  0.481   1.00 19.93 ? 106 HIS A NE2 1 
ATOM   645  N N   . HIS A 1 85  ? -0.397  9.604   3.901   1.00 16.86 ? 107 HIS A N   1 
ATOM   646  C CA  . HIS A 1 85  ? 0.873   9.056   4.338   1.00 15.74 ? 107 HIS A CA  1 
ATOM   647  C C   . HIS A 1 85  ? 0.579   8.028   5.419   1.00 16.21 ? 107 HIS A C   1 
ATOM   648  O O   . HIS A 1 85  ? 0.022   8.351   6.464   1.00 14.02 ? 107 HIS A O   1 
ATOM   649  C CB  . HIS A 1 85  ? 1.771   10.176  4.870   1.00 17.26 ? 107 HIS A CB  1 
ATOM   650  C CG  . HIS A 1 85  ? 3.053   9.689   5.471   1.00 20.07 ? 107 HIS A CG  1 
ATOM   651  N ND1 . HIS A 1 85  ? 3.626   8.484   5.134   1.00 19.60 ? 107 HIS A ND1 1 
ATOM   652  C CD2 . HIS A 1 85  ? 3.889   10.268  6.368   1.00 19.36 ? 107 HIS A CD2 1 
ATOM   653  C CE1 . HIS A 1 85  ? 4.762   8.337   5.797   1.00 18.71 ? 107 HIS A CE1 1 
ATOM   654  N NE2 . HIS A 1 85  ? 4.943   9.404   6.549   1.00 23.40 ? 107 HIS A NE2 1 
ATOM   655  N N   . HIS A 1 86  ? 0.909   6.775   5.138   1.00 14.23 ? 108 HIS A N   1 
ATOM   656  C CA  . HIS A 1 86  ? 0.684   5.713   6.101   1.00 14.40 ? 108 HIS A CA  1 
ATOM   657  C C   . HIS A 1 86  ? 2.028   5.075   6.410   1.00 14.54 ? 108 HIS A C   1 
ATOM   658  O O   . HIS A 1 86  ? 2.625   4.422   5.560   1.00 15.05 ? 108 HIS A O   1 
ATOM   659  C CB  . HIS A 1 86  ? -0.316  4.714   5.521   1.00 15.06 ? 108 HIS A CB  1 
ATOM   660  C CG  . HIS A 1 86  ? -1.631  5.340   5.167   1.00 15.85 ? 108 HIS A CG  1 
ATOM   661  N ND1 . HIS A 1 86  ? -2.380  6.051   6.075   1.00 18.69 ? 108 HIS A ND1 1 
ATOM   662  C CD2 . HIS A 1 86  ? -2.299  5.410   3.989   1.00 15.79 ? 108 HIS A CD2 1 
ATOM   663  C CE1 . HIS A 1 86  ? -3.455  6.539   5.477   1.00 18.31 ? 108 HIS A CE1 1 
ATOM   664  N NE2 . HIS A 1 86  ? -3.426  6.163   4.210   1.00 20.24 ? 108 HIS A NE2 1 
ATOM   665  N N   . ALA A 1 87  ? 2.516   5.300   7.626   1.00 15.50 ? 109 ALA A N   1 
ATOM   666  C CA  . ALA A 1 87  ? 3.811   4.769   8.038   1.00 16.50 ? 109 ALA A CA  1 
ATOM   667  C C   . ALA A 1 87  ? 3.805   3.248   8.095   1.00 15.55 ? 109 ALA A C   1 
ATOM   668  O O   . ALA A 1 87  ? 2.760   2.619   8.238   1.00 13.56 ? 109 ALA A O   1 
ATOM   669  C CB  . ALA A 1 87  ? 4.215   5.343   9.395   1.00 16.34 ? 109 ALA A CB  1 
ATOM   670  N N   . VAL A 1 88  ? 4.992   2.663   7.979   1.00 17.20 ? 110 VAL A N   1 
ATOM   671  C CA  . VAL A 1 88  ? 5.132   1.216   8.008   1.00 17.10 ? 110 VAL A CA  1 
ATOM   672  C C   . VAL A 1 88  ? 4.411   0.596   9.209   1.00 17.30 ? 110 VAL A C   1 
ATOM   673  O O   . VAL A 1 88  ? 3.690   -0.398  9.065   1.00 16.86 ? 110 VAL A O   1 
ATOM   674  C CB  . VAL A 1 88  ? 6.622   0.820   8.033   1.00 18.34 ? 110 VAL A CB  1 
ATOM   675  C CG1 . VAL A 1 88  ? 6.760   -0.667  8.253   1.00 19.88 ? 110 VAL A CG1 1 
ATOM   676  C CG2 . VAL A 1 88  ? 7.280   1.214   6.707   1.00 19.18 ? 110 VAL A CG2 1 
ATOM   677  N N   . HIS A 1 89  ? 4.573   1.197   10.385  1.00 16.09 ? 111 HIS A N   1 
ATOM   678  C CA  . HIS A 1 89  ? 3.948   0.648   11.585  1.00 18.75 ? 111 HIS A CA  1 
ATOM   679  C C   . HIS A 1 89  ? 2.420   0.731   11.631  1.00 17.71 ? 111 HIS A C   1 
ATOM   680  O O   . HIS A 1 89  ? 1.796   0.083   12.477  1.00 16.58 ? 111 HIS A O   1 
ATOM   681  C CB  . HIS A 1 89  ? 4.532   1.303   12.842  1.00 20.34 ? 111 HIS A CB  1 
ATOM   682  C CG  . HIS A 1 89  ? 4.087   2.720   13.047  1.00 22.23 ? 111 HIS A CG  1 
ATOM   683  N ND1 . HIS A 1 89  ? 4.782   3.795   12.543  1.00 23.54 ? 111 HIS A ND1 1 
ATOM   684  C CD2 . HIS A 1 89  ? 3.004   3.225   13.678  1.00 21.61 ? 111 HIS A CD2 1 
ATOM   685  C CE1 . HIS A 1 89  ? 4.142   4.911   12.858  1.00 21.95 ? 111 HIS A CE1 1 
ATOM   686  N NE2 . HIS A 1 89  ? 3.063   4.594   13.544  1.00 23.94 ? 111 HIS A NE2 1 
ATOM   687  N N   . GLU A 1 90  ? 1.824   1.515   10.731  1.00 16.52 ? 112 GLU A N   1 
ATOM   688  C CA  . GLU A 1 90  ? 0.367   1.673   10.674  1.00 17.80 ? 112 GLU A CA  1 
ATOM   689  C C   . GLU A 1 90  ? -0.275  0.755   9.634   1.00 16.80 ? 112 GLU A C   1 
ATOM   690  O O   . GLU A 1 90  ? -1.498  0.652   9.569   1.00 17.37 ? 112 GLU A O   1 
ATOM   691  C CB  . GLU A 1 90  ? -0.019  3.109   10.300  1.00 20.16 ? 112 GLU A CB  1 
ATOM   692  C CG  . GLU A 1 90  ? 0.580   4.203   11.132  1.00 25.47 ? 112 GLU A CG  1 
ATOM   693  C CD  . GLU A 1 90  ? 0.095   5.577   10.691  1.00 29.76 ? 112 GLU A CD  1 
ATOM   694  O OE1 . GLU A 1 90  ? 0.256   5.921   9.496   1.00 24.02 ? 112 GLU A OE1 1 
ATOM   695  O OE2 . GLU A 1 90  ? -0.456  6.309   11.544  1.00 31.82 ? 112 GLU A OE2 1 
ATOM   696  N N   . ILE A 1 91  ? 0.541   0.120   8.801   1.00 14.56 ? 113 ILE A N   1 
ATOM   697  C CA  . ILE A 1 91  ? 0.017   -0.771  7.772   1.00 14.81 ? 113 ILE A CA  1 
ATOM   698  C C   . ILE A 1 91  ? -0.020  -2.175  8.352   1.00 14.57 ? 113 ILE A C   1 
ATOM   699  O O   . ILE A 1 91  ? 1.009   -2.714  8.743   1.00 14.49 ? 113 ILE A O   1 
ATOM   700  C CB  . ILE A 1 91  ? 0.911   -0.792  6.523   1.00 15.49 ? 113 ILE A CB  1 
ATOM   701  C CG1 . ILE A 1 91  ? 1.174   0.637   6.042   1.00 16.15 ? 113 ILE A CG1 1 
ATOM   702  C CG2 . ILE A 1 91  ? 0.239   -1.611  5.425   1.00 13.80 ? 113 ILE A CG2 1 
ATOM   703  C CD1 . ILE A 1 91  ? -0.069  1.374   5.638   1.00 21.96 ? 113 ILE A CD1 1 
ATOM   704  N N   . SER A 1 92  ? -1.200  -2.776  8.391   1.00 15.37 ? 114 SER A N   1 
ATOM   705  C CA  . SER A 1 92  ? -1.315  -4.104  8.972   1.00 17.14 ? 114 SER A CA  1 
ATOM   706  C C   . SER A 1 92  ? -1.457  -5.274  8.006   1.00 17.64 ? 114 SER A C   1 
ATOM   707  O O   . SER A 1 92  ? -1.067  -6.396  8.333   1.00 16.49 ? 114 SER A O   1 
ATOM   708  C CB  . SER A 1 92  ? -2.494  -4.123  9.944   1.00 15.70 ? 114 SER A CB  1 
ATOM   709  O OG  . SER A 1 92  ? -3.703  -3.827  9.266   1.00 17.30 ? 114 SER A OG  1 
ATOM   710  N N   . TYR A 1 93  ? -1.981  -5.023  6.811   1.00 15.73 ? 115 TYR A N   1 
ATOM   711  C CA  . TYR A 1 93  ? -2.223  -6.131  5.892   1.00 17.13 ? 115 TYR A CA  1 
ATOM   712  C C   . TYR A 1 93  ? -2.263  -5.666  4.436   1.00 16.80 ? 115 TYR A C   1 
ATOM   713  O O   . TYR A 1 93  ? -2.814  -4.609  4.132   1.00 17.20 ? 115 TYR A O   1 
ATOM   714  C CB  . TYR A 1 93  ? -3.572  -6.752  6.285   1.00 19.01 ? 115 TYR A CB  1 
ATOM   715  C CG  . TYR A 1 93  ? -3.952  -8.052  5.612   1.00 18.16 ? 115 TYR A CG  1 
ATOM   716  C CD1 . TYR A 1 93  ? -3.329  -9.250  5.957   1.00 18.69 ? 115 TYR A CD1 1 
ATOM   717  C CD2 . TYR A 1 93  ? -4.971  -8.087  4.660   1.00 19.43 ? 115 TYR A CD2 1 
ATOM   718  C CE1 . TYR A 1 93  ? -3.716  -10.455 5.374   1.00 20.22 ? 115 TYR A CE1 1 
ATOM   719  C CE2 . TYR A 1 93  ? -5.367  -9.282  4.069   1.00 20.67 ? 115 TYR A CE2 1 
ATOM   720  C CZ  . TYR A 1 93  ? -4.736  -10.464 4.431   1.00 21.78 ? 115 TYR A CZ  1 
ATOM   721  O OH  . TYR A 1 93  ? -5.132  -11.644 3.846   1.00 24.51 ? 115 TYR A OH  1 
ATOM   722  N N   . ILE A 1 94  ? -1.669  -6.450  3.543   1.00 16.11 ? 116 ILE A N   1 
ATOM   723  C CA  . ILE A 1 94  ? -1.667  -6.121  2.120   1.00 17.36 ? 116 ILE A CA  1 
ATOM   724  C C   . ILE A 1 94  ? -2.504  -7.167  1.404   1.00 17.20 ? 116 ILE A C   1 
ATOM   725  O O   . ILE A 1 94  ? -2.383  -8.361  1.680   1.00 16.94 ? 116 ILE A O   1 
ATOM   726  C CB  . ILE A 1 94  ? -0.244  -6.147  1.525   1.00 14.92 ? 116 ILE A CB  1 
ATOM   727  C CG1 . ILE A 1 94  ? 0.664   -5.166  2.273   1.00 19.23 ? 116 ILE A CG1 1 
ATOM   728  C CG2 . ILE A 1 94  ? -0.300  -5.806  0.043   1.00 15.98 ? 116 ILE A CG2 1 
ATOM   729  C CD1 . ILE A 1 94  ? 0.139   -3.740  2.317   1.00 18.48 ? 116 ILE A CD1 1 
ATOM   730  N N   . ALA A 1 95  ? -3.350  -6.732  0.481   1.00 19.08 ? 117 ALA A N   1 
ATOM   731  C CA  . ALA A 1 95  ? -4.193  -7.679  -0.228  1.00 20.84 ? 117 ALA A CA  1 
ATOM   732  C C   . ALA A 1 95  ? -4.325  -7.365  -1.707  1.00 23.12 ? 117 ALA A C   1 
ATOM   733  O O   . ALA A 1 95  ? -4.601  -6.231  -2.091  1.00 22.79 ? 117 ALA A O   1 
ATOM   734  C CB  . ALA A 1 95  ? -5.577  -7.711  0.406   1.00 21.44 ? 117 ALA A CB  1 
ATOM   735  N N   . LYS A 1 96  ? -4.129  -8.381  -2.539  1.00 24.17 ? 118 LYS A N   1 
ATOM   736  C CA  . LYS A 1 96  ? -4.271  -8.198  -3.970  1.00 26.91 ? 118 LYS A CA  1 
ATOM   737  C C   . LYS A 1 96  ? -5.739  -8.418  -4.287  1.00 27.53 ? 118 LYS A C   1 
ATOM   738  O O   . LYS A 1 96  ? -6.446  -9.107  -3.552  1.00 27.99 ? 118 LYS A O   1 
ATOM   739  C CB  . LYS A 1 96  ? -3.424  -9.211  -4.739  1.00 29.87 ? 118 LYS A CB  1 
ATOM   740  C CG  . LYS A 1 96  ? -3.479  -9.024  -6.244  1.00 34.43 ? 118 LYS A CG  1 
ATOM   741  C CD  . LYS A 1 96  ? -2.470  -9.918  -6.956  1.00 37.78 ? 118 LYS A CD  1 
ATOM   742  C CE  . LYS A 1 96  ? -2.560  -9.749  -8.465  1.00 37.91 ? 118 LYS A CE  1 
ATOM   743  N NZ  . LYS A 1 96  ? -3.927  -10.093 -8.964  1.00 38.74 ? 118 LYS A NZ  1 
ATOM   744  N N   . ASP A 1 97  ? -6.199  -7.815  -5.373  1.00 26.79 ? 119 ASP A N   1 
ATOM   745  C CA  . ASP A 1 97  ? -7.579  -7.962  -5.802  1.00 27.63 ? 119 ASP A CA  1 
ATOM   746  C C   . ASP A 1 97  ? -7.591  -9.198  -6.706  1.00 27.42 ? 119 ASP A C   1 
ATOM   747  O O   . ASP A 1 97  ? -7.086  -9.151  -7.824  1.00 24.96 ? 119 ASP A O   1 
ATOM   748  C CB  . ASP A 1 97  ? -7.997  -6.720  -6.587  1.00 27.90 ? 119 ASP A CB  1 
ATOM   749  C CG  . ASP A 1 97  ? -9.461  -6.721  -6.954  1.00 30.59 ? 119 ASP A CG  1 
ATOM   750  O OD1 . ASP A 1 97  ? -10.132 -7.759  -6.759  1.00 32.36 ? 119 ASP A OD1 1 
ATOM   751  O OD2 . ASP A 1 97  ? -9.939  -5.671  -7.431  1.00 28.77 ? 119 ASP A OD2 1 
ATOM   752  N N   . ILE A 1 98  ? -8.150  -10.301 -6.214  1.00 28.82 ? 120 ILE A N   1 
ATOM   753  C CA  . ILE A 1 98  ? -8.187  -11.535 -6.994  1.00 28.82 ? 120 ILE A CA  1 
ATOM   754  C C   . ILE A 1 98  ? -8.995  -11.433 -8.278  1.00 27.42 ? 120 ILE A C   1 
ATOM   755  O O   . ILE A 1 98  ? -8.947  -12.331 -9.114  1.00 26.39 ? 120 ILE A O   1 
ATOM   756  C CB  . ILE A 1 98  ? -8.711  -12.736 -6.156  1.00 30.72 ? 120 ILE A CB  1 
ATOM   757  C CG1 . ILE A 1 98  ? -9.772  -12.275 -5.157  1.00 30.72 ? 120 ILE A CG1 1 
ATOM   758  C CG2 . ILE A 1 98  ? -7.552  -13.411 -5.443  1.00 32.12 ? 120 ILE A CG2 1 
ATOM   759  C CD1 . ILE A 1 98  ? -11.086 -11.890 -5.787  1.00 31.82 ? 120 ILE A CD1 1 
ATOM   760  N N   . THR A 1 99  ? -9.724  -10.337 -8.444  1.00 26.49 ? 121 THR A N   1 
ATOM   761  C CA  . THR A 1 99  ? -10.521 -10.149 -9.651  1.00 26.09 ? 121 THR A CA  1 
ATOM   762  C C   . THR A 1 99  ? -9.881  -9.125  -10.579 1.00 24.73 ? 121 THR A C   1 
ATOM   763  O O   . THR A 1 99  ? -10.393 -8.872  -11.667 1.00 22.79 ? 121 THR A O   1 
ATOM   764  C CB  . THR A 1 99  ? -11.936 -9.631  -9.319  1.00 28.90 ? 121 THR A CB  1 
ATOM   765  O OG1 . THR A 1 99  ? -11.839 -8.305  -8.782  1.00 30.27 ? 121 THR A OG1 1 
ATOM   766  C CG2 . THR A 1 99  ? -12.617 -10.535 -8.303  1.00 29.43 ? 121 THR A CG2 1 
ATOM   767  N N   . ASP A 1 100 ? -8.763  -8.535  -10.158 1.00 24.58 ? 122 ASP A N   1 
ATOM   768  C CA  . ASP A 1 100 ? -8.114  -7.502  -10.966 1.00 23.27 ? 122 ASP A CA  1 
ATOM   769  C C   . ASP A 1 100 ? -6.596  -7.519  -10.803 1.00 23.65 ? 122 ASP A C   1 
ATOM   770  O O   . ASP A 1 100 ? -6.079  -7.171  -9.739  1.00 21.82 ? 122 ASP A O   1 
ATOM   771  C CB  . ASP A 1 100 ? -8.664  -6.129  -10.549 1.00 23.97 ? 122 ASP A CB  1 
ATOM   772  C CG  . ASP A 1 100 ? -8.226  -5.008  -11.476 1.00 23.76 ? 122 ASP A CG  1 
ATOM   773  O OD1 . ASP A 1 100 ? -7.329  -5.233  -12.321 1.00 22.95 ? 122 ASP A OD1 1 
ATOM   774  O OD2 . ASP A 1 100 ? -8.774  -3.890  -11.345 1.00 22.95 ? 122 ASP A OD2 1 
ATOM   775  N N   . HIS A 1 101 ? -5.875  -7.909  -11.853 1.00 22.38 ? 123 HIS A N   1 
ATOM   776  C CA  . HIS A 1 101 ? -4.423  -7.951  -11.751 1.00 22.65 ? 123 HIS A CA  1 
ATOM   777  C C   . HIS A 1 101 ? -3.800  -6.553  -11.710 1.00 20.83 ? 123 HIS A C   1 
ATOM   778  O O   . HIS A 1 101 ? -2.586  -6.421  -11.573 1.00 20.59 ? 123 HIS A O   1 
ATOM   779  C CB  . HIS A 1 101 ? -3.809  -8.770  -12.896 1.00 26.23 ? 123 HIS A CB  1 
ATOM   780  C CG  . HIS A 1 101 ? -3.879  -8.107  -14.237 1.00 30.01 ? 123 HIS A CG  1 
ATOM   781  N ND1 . HIS A 1 101 ? -5.070  -7.864  -14.894 1.00 34.17 ? 123 HIS A ND1 1 
ATOM   782  C CD2 . HIS A 1 101 ? -2.900  -7.661  -15.060 1.00 32.61 ? 123 HIS A CD2 1 
ATOM   783  C CE1 . HIS A 1 101 ? -4.818  -7.298  -16.061 1.00 33.82 ? 123 HIS A CE1 1 
ATOM   784  N NE2 . HIS A 1 101 ? -3.509  -7.164  -16.187 1.00 31.80 ? 123 HIS A NE2 1 
ATOM   785  N N   . ARG A 1 102 ? -4.630  -5.516  -11.820 1.00 17.58 ? 124 ARG A N   1 
ATOM   786  C CA  . ARG A 1 102 ? -4.139  -4.139  -11.781 1.00 18.51 ? 124 ARG A CA  1 
ATOM   787  C C   . ARG A 1 102 ? -4.690  -3.357  -10.589 1.00 16.40 ? 124 ARG A C   1 
ATOM   788  O O   . ARG A 1 102 ? -4.829  -2.141  -10.648 1.00 16.73 ? 124 ARG A O   1 
ATOM   789  C CB  . ARG A 1 102 ? -4.479  -3.402  -13.084 1.00 17.62 ? 124 ARG A CB  1 
ATOM   790  C CG  . ARG A 1 102 ? -3.622  -3.816  -14.279 1.00 21.40 ? 124 ARG A CG  1 
ATOM   791  C CD  . ARG A 1 102 ? -3.999  -3.017  -15.523 1.00 21.83 ? 124 ARG A CD  1 
ATOM   792  N NE  . ARG A 1 102 ? -3.950  -1.581  -15.273 1.00 23.11 ? 124 ARG A NE  1 
ATOM   793  C CZ  . ARG A 1 102 ? -4.907  -0.731  -15.637 1.00 26.10 ? 124 ARG A CZ  1 
ATOM   794  N NH1 . ARG A 1 102 ? -5.988  -1.176  -16.274 1.00 27.45 ? 124 ARG A NH1 1 
ATOM   795  N NH2 . ARG A 1 102 ? -4.800  0.556   -15.348 1.00 24.47 ? 124 ARG A NH2 1 
ATOM   796  N N   . ALA A 1 103 ? -5.021  -4.061  -9.514  1.00 16.09 ? 125 ALA A N   1 
ATOM   797  C CA  . ALA A 1 103 ? -5.526  -3.401  -8.319  1.00 16.10 ? 125 ALA A CA  1 
ATOM   798  C C   . ALA A 1 103 ? -5.122  -4.173  -7.071  1.00 16.70 ? 125 ALA A C   1 
ATOM   799  O O   . ALA A 1 103 ? -4.944  -5.393  -7.108  1.00 16.44 ? 125 ALA A O   1 
ATOM   800  C CB  . ALA A 1 103 ? -7.043  -3.264  -8.387  1.00 18.32 ? 125 ALA A CB  1 
ATOM   801  N N   . PHE A 1 104 ? -4.948  -3.442  -5.974  1.00 16.78 ? 126 PHE A N   1 
ATOM   802  C CA  . PHE A 1 104 ? -4.583  -4.024  -4.691  1.00 14.70 ? 126 PHE A CA  1 
ATOM   803  C C   . PHE A 1 104 ? -5.002  -3.011  -3.636  1.00 14.93 ? 126 PHE A C   1 
ATOM   804  O O   . PHE A 1 104 ? -5.427  -1.901  -3.964  1.00 14.51 ? 126 PHE A O   1 
ATOM   805  C CB  . PHE A 1 104 ? -3.071  -4.277  -4.604  1.00 15.16 ? 126 PHE A CB  1 
ATOM   806  C CG  . PHE A 1 104 ? -2.262  -3.057  -4.229  1.00 15.28 ? 126 PHE A CG  1 
ATOM   807  C CD1 . PHE A 1 104 ? -1.860  -2.848  -2.915  1.00 16.27 ? 126 PHE A CD1 1 
ATOM   808  C CD2 . PHE A 1 104 ? -1.906  -2.118  -5.196  1.00 16.00 ? 126 PHE A CD2 1 
ATOM   809  C CE1 . PHE A 1 104 ? -1.109  -1.711  -2.565  1.00 13.96 ? 126 PHE A CE1 1 
ATOM   810  C CE2 . PHE A 1 104 ? -1.162  -0.985  -4.865  1.00 14.55 ? 126 PHE A CE2 1 
ATOM   811  C CZ  . PHE A 1 104 ? -0.759  -0.780  -3.542  1.00 17.33 ? 126 PHE A CZ  1 
ATOM   812  N N   . GLY A 1 105 ? -4.895  -3.394  -2.372  1.00 13.60 ? 127 GLY A N   1 
ATOM   813  C CA  . GLY A 1 105 ? -5.262  -2.477  -1.313  1.00 14.34 ? 127 GLY A CA  1 
ATOM   814  C C   . GLY A 1 105 ? -4.511  -2.842  -0.057  1.00 15.16 ? 127 GLY A C   1 
ATOM   815  O O   . GLY A 1 105 ? -3.828  -3.864  -0.015  1.00 15.87 ? 127 GLY A O   1 
ATOM   816  N N   . TYR A 1 106 ? -4.630  -2.014  0.969   1.00 14.35 ? 128 TYR A N   1 
ATOM   817  C CA  . TYR A 1 106 ? -3.956  -2.292  2.231   1.00 15.35 ? 128 TYR A CA  1 
ATOM   818  C C   . TYR A 1 106 ? -4.768  -1.740  3.383   1.00 15.10 ? 128 TYR A C   1 
ATOM   819  O O   . TYR A 1 106 ? -5.489  -0.756  3.228   1.00 15.18 ? 128 TYR A O   1 
ATOM   820  C CB  . TYR A 1 106 ? -2.538  -1.697  2.230   1.00 14.28 ? 128 TYR A CB  1 
ATOM   821  C CG  . TYR A 1 106 ? -2.460  -0.197  2.059   1.00 16.64 ? 128 TYR A CG  1 
ATOM   822  C CD1 . TYR A 1 106 ? -2.448  0.654   3.167   1.00 16.27 ? 128 TYR A CD1 1 
ATOM   823  C CD2 . TYR A 1 106 ? -2.369  0.376   0.789   1.00 15.50 ? 128 TYR A CD2 1 
ATOM   824  C CE1 . TYR A 1 106 ? -2.342  2.038   3.014   1.00 15.87 ? 128 TYR A CE1 1 
ATOM   825  C CE2 . TYR A 1 106 ? -2.261  1.766   0.624   1.00 16.67 ? 128 TYR A CE2 1 
ATOM   826  C CZ  . TYR A 1 106 ? -2.245  2.587   1.743   1.00 15.38 ? 128 TYR A CZ  1 
ATOM   827  O OH  . TYR A 1 106 ? -2.095  3.942   1.592   1.00 16.16 ? 128 TYR A OH  1 
ATOM   828  N N   . VAL A 1 107 ? -4.666  -2.388  4.538   1.00 14.73 ? 129 VAL A N   1 
ATOM   829  C CA  . VAL A 1 107 ? -5.397  -1.941  5.711   1.00 13.61 ? 129 VAL A CA  1 
ATOM   830  C C   . VAL A 1 107 ? -4.434  -1.164  6.591   1.00 13.19 ? 129 VAL A C   1 
ATOM   831  O O   . VAL A 1 107 ? -3.335  -1.632  6.862   1.00 13.68 ? 129 VAL A O   1 
ATOM   832  C CB  . VAL A 1 107 ? -5.961  -3.134  6.518   1.00 13.16 ? 129 VAL A CB  1 
ATOM   833  C CG1 . VAL A 1 107 ? -6.834  -2.612  7.667   1.00 13.39 ? 129 VAL A CG1 1 
ATOM   834  C CG2 . VAL A 1 107 ? -6.756  -4.064  5.598   1.00 11.24 ? 129 VAL A CG2 1 
ATOM   835  N N   . CYS A 1 108 ? -4.828  0.031   7.017   1.00 12.25 ? 130 CYS A N   1 
ATOM   836  C CA  . CYS A 1 108 ? -3.964  0.833   7.866   1.00 15.23 ? 130 CYS A CA  1 
ATOM   837  C C   . CYS A 1 108 ? -4.735  1.400   9.060   1.00 16.44 ? 130 CYS A C   1 
ATOM   838  O O   . CYS A 1 108 ? -5.968  1.407   9.066   1.00 18.42 ? 130 CYS A O   1 
ATOM   839  C CB  . CYS A 1 108 ? -3.328  1.970   7.057   1.00 15.01 ? 130 CYS A CB  1 
ATOM   840  S SG  . CYS A 1 108 ? -4.493  3.128   6.316   1.00 18.58 ? 130 CYS A SG  1 
ATOM   841  N N   . GLY A 1 109 ? -3.997  1.861   10.066  1.00 16.80 ? 131 GLY A N   1 
ATOM   842  C CA  . GLY A 1 109 ? -4.614  2.418   11.256  1.00 18.05 ? 131 GLY A CA  1 
ATOM   843  C C   . GLY A 1 109 ? -4.440  1.524   12.472  1.00 19.93 ? 131 GLY A C   1 
ATOM   844  O O   . GLY A 1 109 ? -4.076  0.356   12.343  1.00 18.37 ? 131 GLY A O   1 
ATOM   845  N N   . LYS A 1 110 ? -4.679  2.079   13.658  1.00 20.82 ? 132 LYS A N   1 
ATOM   846  C CA  . LYS A 1 110 ? -4.578  1.320   14.903  1.00 25.23 ? 132 LYS A CA  1 
ATOM   847  C C   . LYS A 1 110 ? -5.934  0.690   15.197  1.00 27.00 ? 132 LYS A C   1 
ATOM   848  O O   . LYS A 1 110 ? -6.900  0.906   14.464  1.00 26.50 ? 132 LYS A O   1 
ATOM   849  C CB  . LYS A 1 110 ? -4.192  2.235   16.076  1.00 27.35 ? 132 LYS A CB  1 
ATOM   850  C CG  . LYS A 1 110 ? -2.694  2.480   16.259  1.00 30.88 ? 132 LYS A CG  1 
ATOM   851  C CD  . LYS A 1 110 ? -2.112  3.331   15.153  1.00 32.61 ? 132 LYS A CD  1 
ATOM   852  C CE  . LYS A 1 110 ? -0.621  3.575   15.369  1.00 34.94 ? 132 LYS A CE  1 
ATOM   853  N NZ  . LYS A 1 110 ? 0.179   2.313   15.311  1.00 34.01 ? 132 LYS A NZ  1 
ATOM   854  N N   . GLU A 1 111 ? -6.011  -0.077  16.280  1.00 29.72 ? 133 GLU A N   1 
ATOM   855  C CA  . GLU A 1 111 ? -7.256  -0.731  16.663  1.00 30.94 ? 133 GLU A CA  1 
ATOM   856  C C   . GLU A 1 111 ? -8.406  0.273   16.729  1.00 30.24 ? 133 GLU A C   1 
ATOM   857  O O   . GLU A 1 111 ? -8.263  1.360   17.285  1.00 30.59 ? 133 GLU A O   1 
ATOM   858  C CB  . GLU A 1 111 ? -7.098  -1.411  18.026  1.00 34.59 ? 133 GLU A CB  1 
ATOM   859  C CG  . GLU A 1 111 ? -8.314  -2.221  18.455  1.00 39.97 ? 133 GLU A CG  1 
ATOM   860  C CD  . GLU A 1 111 ? -8.174  -2.785  19.855  1.00 43.05 ? 133 GLU A CD  1 
ATOM   861  O OE1 . GLU A 1 111 ? -8.070  -1.983  20.810  1.00 46.07 ? 133 GLU A OE1 1 
ATOM   862  O OE2 . GLU A 1 111 ? -8.165  -4.028  19.999  1.00 44.58 ? 133 GLU A OE2 1 
ATOM   863  N N   . GLY A 1 112 ? -9.545  -0.099  16.154  1.00 29.46 ? 134 GLY A N   1 
ATOM   864  C CA  . GLY A 1 112 ? -10.703 0.777   16.166  1.00 29.14 ? 134 GLY A CA  1 
ATOM   865  C C   . GLY A 1 112 ? -10.704 1.845   15.084  1.00 27.88 ? 134 GLY A C   1 
ATOM   866  O O   . GLY A 1 112 ? -11.684 2.575   14.941  1.00 27.95 ? 134 GLY A O   1 
ATOM   867  N N   . ASN A 1 113 ? -9.617  1.938   14.320  1.00 25.67 ? 135 ASN A N   1 
ATOM   868  C CA  . ASN A 1 113 ? -9.522  2.940   13.258  1.00 24.06 ? 135 ASN A CA  1 
ATOM   869  C C   . ASN A 1 113 ? -8.945  2.346   11.971  1.00 23.01 ? 135 ASN A C   1 
ATOM   870  O O   . ASN A 1 113 ? -8.169  3.001   11.272  1.00 23.12 ? 135 ASN A O   1 
ATOM   871  C CB  . ASN A 1 113 ? -8.636  4.106   13.716  1.00 25.27 ? 135 ASN A CB  1 
ATOM   872  C CG  . ASN A 1 113 ? -8.624  5.262   12.726  1.00 25.50 ? 135 ASN A CG  1 
ATOM   873  O OD1 . ASN A 1 113 ? -7.600  5.919   12.537  1.00 27.68 ? 135 ASN A OD1 1 
ATOM   874  N ND2 . ASN A 1 113 ? -9.765  5.523   12.104  1.00 23.24 ? 135 ASN A ND2 1 
ATOM   875  N N   . HIS A 1 114 ? -9.328  1.113   11.657  1.00 20.76 ? 136 HIS A N   1 
ATOM   876  C CA  . HIS A 1 114 ? -8.833  0.447   10.458  1.00 20.29 ? 136 HIS A CA  1 
ATOM   877  C C   . HIS A 1 114 ? -9.511  0.954   9.192   1.00 18.98 ? 136 HIS A C   1 
ATOM   878  O O   . HIS A 1 114 ? -10.730 1.118   9.146   1.00 17.15 ? 136 HIS A O   1 
ATOM   879  C CB  . HIS A 1 114 ? -9.049  -1.066  10.563  1.00 19.75 ? 136 HIS A CB  1 
ATOM   880  C CG  . HIS A 1 114 ? -8.493  -1.670  11.816  1.00 19.97 ? 136 HIS A CG  1 
ATOM   881  N ND1 . HIS A 1 114 ? -7.148  -1.693  12.095  1.00 21.12 ? 136 HIS A ND1 1 
ATOM   882  C CD2 . HIS A 1 114 ? -9.112  -2.249  12.873  1.00 20.92 ? 136 HIS A CD2 1 
ATOM   883  C CE1 . HIS A 1 114 ? -6.954  -2.261  13.276  1.00 21.21 ? 136 HIS A CE1 1 
ATOM   884  N NE2 . HIS A 1 114 ? -8.128  -2.606  13.766  1.00 22.22 ? 136 HIS A NE2 1 
ATOM   885  N N   . ARG A 1 115 ? -8.705  1.195   8.166   1.00 18.34 ? 137 ARG A N   1 
ATOM   886  C CA  . ARG A 1 115 ? -9.215  1.662   6.884   1.00 18.95 ? 137 ARG A CA  1 
ATOM   887  C C   . ARG A 1 115 ? -8.553  0.866   5.770   1.00 17.34 ? 137 ARG A C   1 
ATOM   888  O O   . ARG A 1 115 ? -7.371  0.535   5.858   1.00 18.51 ? 137 ARG A O   1 
ATOM   889  C CB  . ARG A 1 115 ? -8.911  3.149   6.692   1.00 20.45 ? 137 ARG A CB  1 
ATOM   890  C CG  . ARG A 1 115 ? -9.614  4.063   7.686   1.00 22.52 ? 137 ARG A CG  1 
ATOM   891  C CD  . ARG A 1 115 ? -9.311  5.518   7.388   1.00 25.57 ? 137 ARG A CD  1 
ATOM   892  N NE  . ARG A 1 115 ? -7.914  5.846   7.659   1.00 27.32 ? 137 ARG A NE  1 
ATOM   893  C CZ  . ARG A 1 115 ? -7.266  6.860   7.093   1.00 28.80 ? 137 ARG A CZ  1 
ATOM   894  N NH1 . ARG A 1 115 ? -7.888  7.643   6.223   1.00 29.34 ? 137 ARG A NH1 1 
ATOM   895  N NH2 . ARG A 1 115 ? -5.997  7.097   7.402   1.00 29.46 ? 137 ARG A NH2 1 
ATOM   896  N N   . PHE A 1 116 ? -9.327  0.536   4.741   1.00 16.29 ? 138 PHE A N   1 
ATOM   897  C CA  . PHE A 1 116 ? -8.796  -0.189  3.596   1.00 15.15 ? 138 PHE A CA  1 
ATOM   898  C C   . PHE A 1 116 ? -8.621  0.826   2.471   1.00 14.38 ? 138 PHE A C   1 
ATOM   899  O O   . PHE A 1 116 ? -9.582  1.470   2.054   1.00 16.06 ? 138 PHE A O   1 
ATOM   900  C CB  . PHE A 1 116 ? -9.766  -1.283  3.139   1.00 17.12 ? 138 PHE A CB  1 
ATOM   901  C CG  . PHE A 1 116 ? -9.273  -2.080  1.962   1.00 15.74 ? 138 PHE A CG  1 
ATOM   902  C CD1 . PHE A 1 116 ? -8.153  -2.901  2.080   1.00 18.45 ? 138 PHE A CD1 1 
ATOM   903  C CD2 . PHE A 1 116 ? -9.926  -2.017  0.739   1.00 16.39 ? 138 PHE A CD2 1 
ATOM   904  C CE1 . PHE A 1 116 ? -7.694  -3.651  0.995   1.00 16.62 ? 138 PHE A CE1 1 
ATOM   905  C CE2 . PHE A 1 116 ? -9.472  -2.766  -0.357  1.00 17.59 ? 138 PHE A CE2 1 
ATOM   906  C CZ  . PHE A 1 116 ? -8.358  -3.581  -0.228  1.00 17.20 ? 138 PHE A CZ  1 
ATOM   907  N N   . VAL A 1 117 ? -7.388  0.969   2.000   1.00 14.57 ? 139 VAL A N   1 
ATOM   908  C CA  . VAL A 1 117 ? -7.064  1.886   0.918   1.00 13.42 ? 139 VAL A CA  1 
ATOM   909  C C   . VAL A 1 117 ? -6.944  1.047   -0.350  1.00 14.59 ? 139 VAL A C   1 
ATOM   910  O O   . VAL A 1 117 ? -6.132  0.127   -0.404  1.00 16.11 ? 139 VAL A O   1 
ATOM   911  C CB  . VAL A 1 117 ? -5.728  2.593   1.187   1.00 12.40 ? 139 VAL A CB  1 
ATOM   912  C CG1 . VAL A 1 117 ? -5.368  3.485   0.010   1.00 14.16 ? 139 VAL A CG1 1 
ATOM   913  C CG2 . VAL A 1 117 ? -5.824  3.419   2.474   1.00 13.58 ? 139 VAL A CG2 1 
ATOM   914  N N   . ALA A 1 118 ? -7.748  1.368   -1.361  1.00 14.95 ? 140 ALA A N   1 
ATOM   915  C CA  . ALA A 1 118 ? -7.767  0.615   -2.621  1.00 13.24 ? 140 ALA A CA  1 
ATOM   916  C C   . ALA A 1 118 ? -7.095  1.371   -3.759  1.00 14.30 ? 140 ALA A C   1 
ATOM   917  O O   . ALA A 1 118 ? -7.442  2.517   -4.039  1.00 15.48 ? 140 ALA A O   1 
ATOM   918  C CB  . ALA A 1 118 ? -9.196  0.290   -2.996  1.00 15.25 ? 140 ALA A CB  1 
ATOM   919  N N   . ILE A 1 119 ? -6.159  0.705   -4.434  1.00 13.81 ? 141 ILE A N   1 
ATOM   920  C CA  . ILE A 1 119 ? -5.394  1.318   -5.514  1.00 14.32 ? 141 ILE A CA  1 
ATOM   921  C C   . ILE A 1 119 ? -5.504  0.598   -6.867  1.00 13.99 ? 141 ILE A C   1 
ATOM   922  O O   . ILE A 1 119 ? -5.431  -0.627  -6.935  1.00 15.87 ? 141 ILE A O   1 
ATOM   923  C CB  . ILE A 1 119 ? -3.892  1.358   -5.130  1.00 13.64 ? 141 ILE A CB  1 
ATOM   924  C CG1 . ILE A 1 119 ? -3.717  1.971   -3.737  1.00 14.45 ? 141 ILE A CG1 1 
ATOM   925  C CG2 . ILE A 1 119 ? -3.101  2.121   -6.179  1.00 14.88 ? 141 ILE A CG2 1 
ATOM   926  C CD1 . ILE A 1 119 ? -4.177  3.395   -3.628  1.00 16.24 ? 141 ILE A CD1 1 
ATOM   927  N N   . LYS A 1 120 ? -5.662  1.369   -7.941  1.00 15.15 ? 142 LYS A N   1 
ATOM   928  C CA  . LYS A 1 120 ? -5.713  0.812   -9.297  1.00 17.07 ? 142 LYS A CA  1 
ATOM   929  C C   . LYS A 1 120 ? -4.399  1.206   -9.975  1.00 15.91 ? 142 LYS A C   1 
ATOM   930  O O   . LYS A 1 120 ? -4.245  2.338   -10.432 1.00 17.41 ? 142 LYS A O   1 
ATOM   931  C CB  . LYS A 1 120 ? -6.881  1.400   -10.093 1.00 19.80 ? 142 LYS A CB  1 
ATOM   932  C CG  . LYS A 1 120 ? -7.065  0.759   -11.464 1.00 22.52 ? 142 LYS A CG  1 
ATOM   933  C CD  . LYS A 1 120 ? -7.562  -0.674  -11.314 1.00 24.73 ? 142 LYS A CD  1 
ATOM   934  C CE  . LYS A 1 120 ? -7.464  -1.449  -12.622 1.00 29.91 ? 142 LYS A CE  1 
ATOM   935  N NZ  . LYS A 1 120 ? -8.247  -0.815  -13.707 1.00 31.20 ? 142 LYS A NZ  1 
ATOM   936  N N   . THR A 1 121 ? -3.455  0.274   -10.046 1.00 15.74 ? 143 THR A N   1 
ATOM   937  C CA  . THR A 1 121 ? -2.151  0.553   -10.644 1.00 15.75 ? 143 THR A CA  1 
ATOM   938  C C   . THR A 1 121 ? -2.205  0.720   -12.166 1.00 16.96 ? 143 THR A C   1 
ATOM   939  O O   . THR A 1 121 ? -3.051  0.119   -12.837 1.00 17.65 ? 143 THR A O   1 
ATOM   940  C CB  . THR A 1 121 ? -1.145  -0.559  -10.292 1.00 16.14 ? 143 THR A CB  1 
ATOM   941  O OG1 . THR A 1 121 ? -1.699  -1.834  -10.642 1.00 17.82 ? 143 THR A OG1 1 
ATOM   942  C CG2 . THR A 1 121 ? -0.843  -0.546  -8.792  1.00 16.99 ? 143 THR A CG2 1 
ATOM   943  N N   . ALA A 1 122 ? -1.305  1.542   -12.704 1.00 17.59 ? 144 ALA A N   1 
ATOM   944  C CA  . ALA A 1 122 ? -1.249  1.779   -14.148 1.00 19.69 ? 144 ALA A CA  1 
ATOM   945  C C   . ALA A 1 122 ? -0.814  0.485   -14.820 1.00 20.97 ? 144 ALA A C   1 
ATOM   946  O O   . ALA A 1 122 ? -1.399  0.055   -15.816 1.00 21.89 ? 144 ALA A O   1 
ATOM   947  C CB  . ALA A 1 122 ? -0.261  2.892   -14.463 1.00 19.78 ? 144 ALA A CB  1 
ATOM   948  N N   . GLN A 1 123 ? 0.234   -0.117  -14.273 1.00 22.02 ? 145 GLN A N   1 
ATOM   949  C CA  . GLN A 1 123 ? 0.753   -1.385  -14.776 1.00 24.05 ? 145 GLN A CA  1 
ATOM   950  C C   . GLN A 1 123 ? 0.256   -2.462  -13.806 1.00 23.20 ? 145 GLN A C   1 
ATOM   951  O O   . GLN A 1 123 ? -0.638  -2.195  -13.002 1.00 22.11 ? 145 GLN A O   1 
ATOM   952  C CB  . GLN A 1 123 ? 2.281   -1.348  -14.809 1.00 28.11 ? 145 GLN A CB  1 
ATOM   953  C CG  . GLN A 1 123 ? 2.838   -0.358  -15.827 1.00 35.81 ? 145 GLN A CG  1 
ATOM   954  C CD  . GLN A 1 123 ? 4.336   -0.156  -15.691 1.00 39.98 ? 145 GLN A CD  1 
ATOM   955  O OE1 . GLN A 1 123 ? 4.816   0.332   -14.665 1.00 43.29 ? 145 GLN A OE1 1 
ATOM   956  N NE2 . GLN A 1 123 ? 5.085   -0.532  -16.726 1.00 41.67 ? 145 GLN A NE2 1 
ATOM   957  N N   . ALA A 1 124 ? 0.819   -3.665  -13.872 1.00 20.61 ? 146 ALA A N   1 
ATOM   958  C CA  . ALA A 1 124 ? 0.393   -4.746  -12.981 1.00 22.17 ? 146 ALA A CA  1 
ATOM   959  C C   . ALA A 1 124 ? 0.623   -4.384  -11.510 1.00 20.07 ? 146 ALA A C   1 
ATOM   960  O O   . ALA A 1 124 ? 1.580   -3.693  -11.180 1.00 21.68 ? 146 ALA A O   1 
ATOM   961  C CB  . ALA A 1 124 ? 1.138   -6.028  -13.324 1.00 21.43 ? 146 ALA A CB  1 
ATOM   962  N N   . ALA A 1 125 ? -0.249  -4.865  -10.628 1.00 19.96 ? 147 ALA A N   1 
ATOM   963  C CA  . ALA A 1 125 ? -0.125  -4.575  -9.200  1.00 19.28 ? 147 ALA A CA  1 
ATOM   964  C C   . ALA A 1 125 ? 0.943   -5.417  -8.508  1.00 18.23 ? 147 ALA A C   1 
ATOM   965  O O   . ALA A 1 125 ? 1.519   -4.998  -7.503  1.00 18.38 ? 147 ALA A O   1 
ATOM   966  C CB  . ALA A 1 125 ? -1.473  -4.779  -8.504  1.00 19.36 ? 147 ALA A CB  1 
ATOM   967  N N   . GLU A 1 126 ? 1.215   -6.598  -9.052  1.00 18.12 ? 148 GLU A N   1 
ATOM   968  C CA  . GLU A 1 126 ? 2.194   -7.507  -8.461  1.00 18.51 ? 148 GLU A CA  1 
ATOM   969  C C   . GLU A 1 126 ? 3.516   -6.881  -7.995  1.00 17.95 ? 148 GLU A C   1 
ATOM   970  O O   . GLU A 1 126 ? 3.923   -7.084  -6.850  1.00 18.48 ? 148 GLU A O   1 
ATOM   971  C CB  . GLU A 1 126 ? 2.476   -8.666  -9.416  1.00 22.73 ? 148 GLU A CB  1 
ATOM   972  C CG  . GLU A 1 126 ? 3.480   -9.662  -8.869  1.00 28.44 ? 148 GLU A CG  1 
ATOM   973  C CD  . GLU A 1 126 ? 3.468   -10.966 -9.629  1.00 33.74 ? 148 GLU A CD  1 
ATOM   974  O OE1 . GLU A 1 126 ? 3.720   -10.948 -10.851 1.00 35.49 ? 148 GLU A OE1 1 
ATOM   975  O OE2 . GLU A 1 126 ? 3.204   -12.010 -9.000  1.00 38.33 ? 148 GLU A OE2 1 
ATOM   976  N N   . PRO A 1 127 ? 4.215   -6.127  -8.868  1.00 17.17 ? 149 PRO A N   1 
ATOM   977  C CA  . PRO A 1 127 ? 5.481   -5.523  -8.425  1.00 16.96 ? 149 PRO A CA  1 
ATOM   978  C C   . PRO A 1 127 ? 5.344   -4.611  -7.205  1.00 14.89 ? 149 PRO A C   1 
ATOM   979  O O   . PRO A 1 127 ? 6.270   -4.489  -6.395  1.00 13.87 ? 149 PRO A O   1 
ATOM   980  C CB  . PRO A 1 127 ? 5.961   -4.756  -9.663  1.00 17.04 ? 149 PRO A CB  1 
ATOM   981  C CG  . PRO A 1 127 ? 4.678   -4.437  -10.389 1.00 20.38 ? 149 PRO A CG  1 
ATOM   982  C CD  . PRO A 1 127 ? 3.903   -5.734  -10.252 1.00 18.13 ? 149 PRO A CD  1 
ATOM   983  N N   . VAL A 1 128 ? 4.196   -3.956  -7.086  1.00 13.36 ? 150 VAL A N   1 
ATOM   984  C CA  . VAL A 1 128 ? 3.953   -3.061  -5.962  1.00 13.28 ? 150 VAL A CA  1 
ATOM   985  C C   . VAL A 1 128 ? 3.754   -3.880  -4.696  1.00 14.90 ? 150 VAL A C   1 
ATOM   986  O O   . VAL A 1 128 ? 4.318   -3.570  -3.642  1.00 14.02 ? 150 VAL A O   1 
ATOM   987  C CB  . VAL A 1 128 ? 2.703   -2.197  -6.187  1.00 13.95 ? 150 VAL A CB  1 
ATOM   988  C CG1 . VAL A 1 128 ? 2.568   -1.175  -5.067  1.00 15.60 ? 150 VAL A CG1 1 
ATOM   989  C CG2 . VAL A 1 128 ? 2.792   -1.506  -7.538  1.00 12.62 ? 150 VAL A CG2 1 
ATOM   990  N N   . ILE A 1 129 ? 2.940   -4.924  -4.799  1.00 14.66 ? 151 ILE A N   1 
ATOM   991  C CA  . ILE A 1 129 ? 2.677   -5.788  -3.655  1.00 14.66 ? 151 ILE A CA  1 
ATOM   992  C C   . ILE A 1 129 ? 3.987   -6.433  -3.203  1.00 15.04 ? 151 ILE A C   1 
ATOM   993  O O   . ILE A 1 129 ? 4.262   -6.521  -2.007  1.00 14.39 ? 151 ILE A O   1 
ATOM   994  C CB  . ILE A 1 129 ? 1.647   -6.886  -4.016  1.00 16.83 ? 151 ILE A CB  1 
ATOM   995  C CG1 . ILE A 1 129 ? 0.317   -6.240  -4.415  1.00 17.92 ? 151 ILE A CG1 1 
ATOM   996  C CG2 . ILE A 1 129 ? 1.418   -7.808  -2.824  1.00 15.98 ? 151 ILE A CG2 1 
ATOM   997  C CD1 . ILE A 1 129 ? -0.678  -7.219  -5.003  1.00 20.99 ? 151 ILE A CD1 1 
ATOM   998  N N   . LEU A 1 130 ? 4.806   -6.861  -4.162  1.00 15.37 ? 152 LEU A N   1 
ATOM   999  C CA  . LEU A 1 130 ? 6.083   -7.484  -3.832  1.00 16.61 ? 152 LEU A CA  1 
ATOM   1000 C C   . LEU A 1 130 ? 7.064   -6.495  -3.203  1.00 16.11 ? 152 LEU A C   1 
ATOM   1001 O O   . LEU A 1 130 ? 7.880   -6.883  -2.363  1.00 16.65 ? 152 LEU A O   1 
ATOM   1002 C CB  . LEU A 1 130 ? 6.705   -8.138  -5.072  1.00 18.33 ? 152 LEU A CB  1 
ATOM   1003 C CG  . LEU A 1 130 ? 5.954   -9.382  -5.558  1.00 20.21 ? 152 LEU A CG  1 
ATOM   1004 C CD1 . LEU A 1 130 ? 6.692   -10.012 -6.734  1.00 23.55 ? 152 LEU A CD1 1 
ATOM   1005 C CD2 . LEU A 1 130 ? 5.827   -10.382 -4.422  1.00 21.96 ? 152 LEU A CD2 1 
ATOM   1006 N N   . ASP A 1 131 ? 6.998   -5.226  -3.599  1.00 15.07 ? 153 ASP A N   1 
ATOM   1007 C CA  . ASP A 1 131 ? 7.870   -4.228  -2.996  1.00 13.58 ? 153 ASP A CA  1 
ATOM   1008 C C   . ASP A 1 131 ? 7.464   -4.063  -1.530  1.00 14.83 ? 153 ASP A C   1 
ATOM   1009 O O   . ASP A 1 131 ? 8.314   -3.929  -0.653  1.00 12.33 ? 153 ASP A O   1 
ATOM   1010 C CB  . ASP A 1 131 ? 7.766   -2.877  -3.724  1.00 14.60 ? 153 ASP A CB  1 
ATOM   1011 C CG  . ASP A 1 131 ? 8.796   -2.732  -4.829  1.00 15.27 ? 153 ASP A CG  1 
ATOM   1012 O OD1 . ASP A 1 131 ? 9.854   -3.377  -4.718  1.00 16.75 ? 153 ASP A OD1 1 
ATOM   1013 O OD2 . ASP A 1 131 ? 8.564   -1.969  -5.791  1.00 17.84 ? 153 ASP A OD2 1 
ATOM   1014 N N   . LEU A 1 132 ? 6.161   -4.071  -1.269  1.00 13.90 ? 154 LEU A N   1 
ATOM   1015 C CA  . LEU A 1 132 ? 5.676   -3.936  0.096   1.00 13.29 ? 154 LEU A CA  1 
ATOM   1016 C C   . LEU A 1 132 ? 6.136   -5.139  0.920   1.00 14.52 ? 154 LEU A C   1 
ATOM   1017 O O   . LEU A 1 132 ? 6.598   -4.980  2.050   1.00 14.40 ? 154 LEU A O   1 
ATOM   1018 C CB  . LEU A 1 132 ? 4.146   -3.815  0.111   1.00 13.45 ? 154 LEU A CB  1 
ATOM   1019 C CG  . LEU A 1 132 ? 3.613   -2.470  -0.402  1.00 13.77 ? 154 LEU A CG  1 
ATOM   1020 C CD1 . LEU A 1 132 ? 2.126   -2.538  -0.673  1.00 14.56 ? 154 LEU A CD1 1 
ATOM   1021 C CD2 . LEU A 1 132 ? 3.925   -1.402  0.624   1.00 16.98 ? 154 LEU A CD2 1 
ATOM   1022 N N   . ARG A 1 133 ? 6.027   -6.337  0.352   1.00 13.42 ? 155 ARG A N   1 
ATOM   1023 C CA  . ARG A 1 133 ? 6.467   -7.540  1.051   1.00 16.39 ? 155 ARG A CA  1 
ATOM   1024 C C   . ARG A 1 133 ? 7.949   -7.438  1.407   1.00 16.45 ? 155 ARG A C   1 
ATOM   1025 O O   . ARG A 1 133 ? 8.340   -7.692  2.550   1.00 13.98 ? 155 ARG A O   1 
ATOM   1026 C CB  . ARG A 1 133 ? 6.264   -8.781  0.179   1.00 20.71 ? 155 ARG A CB  1 
ATOM   1027 C CG  . ARG A 1 133 ? 6.721   -10.065 0.857   1.00 24.42 ? 155 ARG A CG  1 
ATOM   1028 C CD  . ARG A 1 133 ? 6.950   -11.174 -0.148  1.00 28.99 ? 155 ARG A CD  1 
ATOM   1029 N NE  . ARG A 1 133 ? 8.006   -10.830 -1.098  1.00 32.24 ? 155 ARG A NE  1 
ATOM   1030 C CZ  . ARG A 1 133 ? 8.434   -11.640 -2.062  1.00 33.04 ? 155 ARG A CZ  1 
ATOM   1031 N NH1 . ARG A 1 133 ? 7.896   -12.843 -2.201  1.00 33.75 ? 155 ARG A NH1 1 
ATOM   1032 N NH2 . ARG A 1 133 ? 9.394   -11.247 -2.891  1.00 33.73 ? 155 ARG A NH2 1 
ATOM   1033 N N   . ASP A 1 134 ? 8.768   -7.073  0.421   1.00 15.01 ? 156 ASP A N   1 
ATOM   1034 C CA  . ASP A 1 134 ? 10.208  -6.943  0.623   1.00 15.60 ? 156 ASP A CA  1 
ATOM   1035 C C   . ASP A 1 134 ? 10.541  -5.836  1.624   1.00 14.87 ? 156 ASP A C   1 
ATOM   1036 O O   . ASP A 1 134 ? 11.446  -5.984  2.445   1.00 14.50 ? 156 ASP A O   1 
ATOM   1037 C CB  . ASP A 1 134 ? 10.922  -6.650  -0.709  1.00 16.01 ? 156 ASP A CB  1 
ATOM   1038 C CG  . ASP A 1 134 ? 10.826  -7.807  -1.706  1.00 18.21 ? 156 ASP A CG  1 
ATOM   1039 O OD1 . ASP A 1 134 ? 10.543  -8.950  -1.293  1.00 15.78 ? 156 ASP A OD1 1 
ATOM   1040 O OD2 . ASP A 1 134 ? 11.052  -7.572  -2.912  1.00 18.92 ? 156 ASP A OD2 1 
ATOM   1041 N N   . LEU A 1 135 ? 9.821   -4.720  1.544   1.00 15.18 ? 157 LEU A N   1 
ATOM   1042 C CA  . LEU A 1 135 ? 10.057  -3.600  2.456   1.00 14.39 ? 157 LEU A CA  1 
ATOM   1043 C C   . LEU A 1 135 ? 9.825   -4.028  3.910   1.00 14.77 ? 157 LEU A C   1 
ATOM   1044 O O   . LEU A 1 135 ? 10.682  -3.830  4.774   1.00 15.46 ? 157 LEU A O   1 
ATOM   1045 C CB  . LEU A 1 135 ? 9.113   -2.445  2.125   1.00 13.46 ? 157 LEU A CB  1 
ATOM   1046 C CG  . LEU A 1 135 ? 9.127   -1.277  3.124   1.00 14.86 ? 157 LEU A CG  1 
ATOM   1047 C CD1 . LEU A 1 135 ? 10.454  -0.542  3.028   1.00 15.84 ? 157 LEU A CD1 1 
ATOM   1048 C CD2 . LEU A 1 135 ? 7.983   -0.327  2.829   1.00 15.32 ? 157 LEU A CD2 1 
ATOM   1049 N N   . PHE A 1 136 ? 8.658   -4.606  4.166   1.00 14.33 ? 158 PHE A N   1 
ATOM   1050 C CA  . PHE A 1 136 ? 8.299   -5.050  5.510   1.00 15.87 ? 158 PHE A CA  1 
ATOM   1051 C C   . PHE A 1 136 ? 9.282   -6.080  6.068   1.00 16.05 ? 158 PHE A C   1 
ATOM   1052 O O   . PHE A 1 136 ? 9.713   -5.970  7.216   1.00 16.90 ? 158 PHE A O   1 
ATOM   1053 C CB  . PHE A 1 136 ? 6.879   -5.628  5.500   1.00 15.85 ? 158 PHE A CB  1 
ATOM   1054 C CG  . PHE A 1 136 ? 5.804   -4.618  5.158   1.00 18.06 ? 158 PHE A CG  1 
ATOM   1055 C CD1 . PHE A 1 136 ? 4.521   -5.044  4.809   1.00 18.95 ? 158 PHE A CD1 1 
ATOM   1056 C CD2 . PHE A 1 136 ? 6.062   -3.252  5.212   1.00 17.11 ? 158 PHE A CD2 1 
ATOM   1057 C CE1 . PHE A 1 136 ? 3.517   -4.123  4.510   1.00 19.26 ? 158 PHE A CE1 1 
ATOM   1058 C CE2 . PHE A 1 136 ? 5.057   -2.318  4.914   1.00 18.77 ? 158 PHE A CE2 1 
ATOM   1059 C CZ  . PHE A 1 136 ? 3.784   -2.758  4.568   1.00 15.08 ? 158 PHE A CZ  1 
ATOM   1060 N N   . GLN A 1 137 ? 9.622   -7.084  5.265   1.00 15.95 ? 159 GLN A N   1 
ATOM   1061 C CA  . GLN A 1 137 ? 10.548  -8.125  5.700   1.00 17.98 ? 159 GLN A CA  1 
ATOM   1062 C C   . GLN A 1 137 ? 11.928  -7.533  5.982   1.00 18.96 ? 159 GLN A C   1 
ATOM   1063 O O   . GLN A 1 137 ? 12.600  -7.931  6.932   1.00 19.00 ? 159 GLN A O   1 
ATOM   1064 C CB  . GLN A 1 137 ? 10.653  -9.215  4.629   1.00 19.70 ? 159 GLN A CB  1 
ATOM   1065 C CG  . GLN A 1 137 ? 11.496  -10.424 5.022   1.00 25.02 ? 159 GLN A CG  1 
ATOM   1066 C CD  . GLN A 1 137 ? 10.970  -11.116 6.270   1.00 27.05 ? 159 GLN A CD  1 
ATOM   1067 O OE1 . GLN A 1 137 ? 9.775   -11.385 6.380   1.00 30.64 ? 159 GLN A OE1 1 
ATOM   1068 N NE2 . GLN A 1 137 ? 11.862  -11.410 7.214   1.00 28.10 ? 159 GLN A NE2 1 
ATOM   1069 N N   . LEU A 1 138 ? 12.347  -6.579  5.156   1.00 17.59 ? 160 LEU A N   1 
ATOM   1070 C CA  . LEU A 1 138 ? 13.646  -5.943  5.341   1.00 17.47 ? 160 LEU A CA  1 
ATOM   1071 C C   . LEU A 1 138 ? 13.677  -5.154  6.648   1.00 17.10 ? 160 LEU A C   1 
ATOM   1072 O O   . LEU A 1 138 ? 14.653  -5.213  7.394   1.00 18.32 ? 160 LEU A O   1 
ATOM   1073 C CB  . LEU A 1 138 ? 13.957  -5.006  4.172   1.00 16.98 ? 160 LEU A CB  1 
ATOM   1074 C CG  . LEU A 1 138 ? 15.229  -4.159  4.305   1.00 17.87 ? 160 LEU A CG  1 
ATOM   1075 C CD1 . LEU A 1 138 ? 16.471  -5.051  4.313   1.00 15.64 ? 160 LEU A CD1 1 
ATOM   1076 C CD2 . LEU A 1 138 ? 15.293  -3.173  3.149   1.00 17.74 ? 160 LEU A CD2 1 
ATOM   1077 N N   . ILE A 1 139 ? 12.613  -4.404  6.921   1.00 17.84 ? 161 ILE A N   1 
ATOM   1078 C CA  . ILE A 1 139 ? 12.558  -3.619  8.150   1.00 17.85 ? 161 ILE A CA  1 
ATOM   1079 C C   . ILE A 1 139 ? 12.558  -4.553  9.362   1.00 19.43 ? 161 ILE A C   1 
ATOM   1080 O O   . ILE A 1 139 ? 13.256  -4.298  10.345  1.00 20.51 ? 161 ILE A O   1 
ATOM   1081 C CB  . ILE A 1 139 ? 11.320  -2.699  8.155   1.00 17.31 ? 161 ILE A CB  1 
ATOM   1082 C CG1 . ILE A 1 139 ? 11.501  -1.616  7.084   1.00 16.17 ? 161 ILE A CG1 1 
ATOM   1083 C CG2 . ILE A 1 139 ? 11.123  -2.064  9.531   1.00 18.17 ? 161 ILE A CG2 1 
ATOM   1084 C CD1 . ILE A 1 139 ? 10.390  -0.597  7.014   1.00 16.97 ? 161 ILE A CD1 1 
ATOM   1085 N N   . TYR A 1 140 ? 11.799  -5.641  9.275   1.00 19.23 ? 162 TYR A N   1 
ATOM   1086 C CA  . TYR A 1 140 ? 11.743  -6.619  10.357  1.00 21.76 ? 162 TYR A CA  1 
ATOM   1087 C C   . TYR A 1 140 ? 13.141  -7.173  10.615  1.00 21.38 ? 162 TYR A C   1 
ATOM   1088 O O   . TYR A 1 140 ? 13.591  -7.249  11.757  1.00 21.05 ? 162 TYR A O   1 
ATOM   1089 C CB  . TYR A 1 140 ? 10.806  -7.782  9.996   1.00 25.46 ? 162 TYR A CB  1 
ATOM   1090 C CG  . TYR A 1 140 ? 10.943  -8.974  10.927  1.00 28.37 ? 162 TYR A CG  1 
ATOM   1091 C CD1 . TYR A 1 140 ? 10.465  -8.923  12.235  1.00 29.74 ? 162 TYR A CD1 1 
ATOM   1092 C CD2 . TYR A 1 140 ? 11.605  -10.131 10.514  1.00 31.41 ? 162 TYR A CD2 1 
ATOM   1093 C CE1 . TYR A 1 140 ? 10.649  -9.995  13.116  1.00 30.85 ? 162 TYR A CE1 1 
ATOM   1094 C CE2 . TYR A 1 140 ? 11.795  -11.205 11.381  1.00 32.98 ? 162 TYR A CE2 1 
ATOM   1095 C CZ  . TYR A 1 140 ? 11.318  -11.132 12.681  1.00 33.25 ? 162 TYR A CZ  1 
ATOM   1096 O OH  . TYR A 1 140 ? 11.525  -12.190 13.543  1.00 32.83 ? 162 TYR A OH  1 
ATOM   1097 N N   . GLU A 1 141 ? 13.822  -7.555  9.541   1.00 22.32 ? 163 GLU A N   1 
ATOM   1098 C CA  . GLU A 1 141 ? 15.166  -8.117  9.635   1.00 25.44 ? 163 GLU A CA  1 
ATOM   1099 C C   . GLU A 1 141 ? 16.187  -7.128  10.186  1.00 26.16 ? 163 GLU A C   1 
ATOM   1100 O O   . GLU A 1 141 ? 17.029  -7.494  11.011  1.00 26.66 ? 163 GLU A O   1 
ATOM   1101 C CB  . GLU A 1 141 ? 15.624  -8.609  8.262   1.00 29.21 ? 163 GLU A CB  1 
ATOM   1102 C CG  . GLU A 1 141 ? 14.814  -9.775  7.721   1.00 35.24 ? 163 GLU A CG  1 
ATOM   1103 C CD  . GLU A 1 141 ? 15.237  -10.180 6.321   1.00 39.32 ? 163 GLU A CD  1 
ATOM   1104 O OE1 . GLU A 1 141 ? 14.749  -11.220 5.829   1.00 41.34 ? 163 GLU A OE1 1 
ATOM   1105 O OE2 . GLU A 1 141 ? 16.053  -9.455  5.708   1.00 41.71 ? 163 GLU A OE2 1 
ATOM   1106 N N   . LEU A 1 142 ? 16.121  -5.880  9.728   1.00 23.60 ? 164 LEU A N   1 
ATOM   1107 C CA  . LEU A 1 142 ? 17.054  -4.865  10.203  1.00 23.50 ? 164 LEU A CA  1 
ATOM   1108 C C   . LEU A 1 142 ? 16.800  -4.535  11.667  1.00 24.90 ? 164 LEU A C   1 
ATOM   1109 O O   . LEU A 1 142 ? 17.740  -4.337  12.435  1.00 25.17 ? 164 LEU A O   1 
ATOM   1110 C CB  . LEU A 1 142 ? 16.942  -3.590  9.359   1.00 21.35 ? 164 LEU A CB  1 
ATOM   1111 C CG  . LEU A 1 142 ? 17.295  -3.740  7.876   1.00 22.29 ? 164 LEU A CG  1 
ATOM   1112 C CD1 . LEU A 1 142 ? 17.195  -2.384  7.199   1.00 19.79 ? 164 LEU A CD1 1 
ATOM   1113 C CD2 . LEU A 1 142 ? 18.700  -4.304  7.719   1.00 21.68 ? 164 LEU A CD2 1 
ATOM   1114 N N   . LYS A 1 143 ? 15.528  -4.467  12.055  1.00 26.42 ? 165 LYS A N   1 
ATOM   1115 C CA  . LYS A 1 143 ? 15.181  -4.156  13.436  1.00 28.71 ? 165 LYS A CA  1 
ATOM   1116 C C   . LYS A 1 143 ? 15.653  -5.281  14.344  1.00 30.73 ? 165 LYS A C   1 
ATOM   1117 O O   . LYS A 1 143 ? 16.160  -5.032  15.441  1.00 29.78 ? 165 LYS A O   1 
ATOM   1118 C CB  . LYS A 1 143 ? 13.670  -3.968  13.595  1.00 29.82 ? 165 LYS A CB  1 
ATOM   1119 C CG  . LYS A 1 143 ? 13.148  -2.592  13.188  1.00 31.59 ? 165 LYS A CG  1 
ATOM   1120 C CD  . LYS A 1 143 ? 11.625  -2.545  13.318  1.00 35.15 ? 165 LYS A CD  1 
ATOM   1121 C CE  . LYS A 1 143 ? 11.063  -1.157  13.062  1.00 37.83 ? 165 LYS A CE  1 
ATOM   1122 N NZ  . LYS A 1 143 ? 11.424  -0.201  14.152  1.00 40.51 ? 165 LYS A NZ  1 
ATOM   1123 N N   . GLN A 1 144 ? 15.491  -6.517  13.883  1.00 29.81 ? 166 GLN A N   1 
ATOM   1124 C CA  . GLN A 1 144 ? 15.912  -7.671  14.664  1.00 33.85 ? 166 GLN A CA  1 
ATOM   1125 C C   . GLN A 1 144 ? 17.419  -7.576  14.915  1.00 34.56 ? 166 GLN A C   1 
ATOM   1126 O O   . GLN A 1 144 ? 17.886  -7.847  16.022  1.00 34.51 ? 166 GLN A O   1 
ATOM   1127 C CB  . GLN A 1 144 ? 15.579  -8.964  13.915  1.00 34.77 ? 166 GLN A CB  1 
ATOM   1128 C CG  . GLN A 1 144 ? 15.345  -10.169 14.821  1.00 40.33 ? 166 GLN A CG  1 
ATOM   1129 C CD  . GLN A 1 144 ? 14.107  -10.021 15.700  1.00 43.16 ? 166 GLN A CD  1 
ATOM   1130 O OE1 . GLN A 1 144 ? 13.822  -10.879 16.540  1.00 43.89 ? 166 GLN A OE1 1 
ATOM   1131 N NE2 . GLN A 1 144 ? 13.364  -8.934  15.504  1.00 43.73 ? 166 GLN A NE2 1 
ATOM   1132 N N   . ARG A 1 145 ? 18.172  -7.174  13.894  1.00 34.63 ? 167 ARG A N   1 
ATOM   1133 C CA  . ARG A 1 145 ? 19.619  -7.038  14.030  1.00 35.24 ? 167 ARG A CA  1 
ATOM   1134 C C   . ARG A 1 145 ? 19.970  -5.679  14.627  1.00 35.28 ? 167 ARG A C   1 
ATOM   1135 O O   . ARG A 1 145 ? 21.137  -5.391  14.889  1.00 34.58 ? 167 ARG A O   1 
ATOM   1136 C CB  . ARG A 1 145 ? 20.309  -7.183  12.670  1.00 36.76 ? 167 ARG A CB  1 
ATOM   1137 C CG  . ARG A 1 145 ? 19.955  -8.447  11.904  1.00 38.58 ? 167 ARG A CG  1 
ATOM   1138 C CD  . ARG A 1 145 ? 21.144  -8.932  11.078  1.00 40.23 ? 167 ARG A CD  1 
ATOM   1139 N NE  . ARG A 1 145 ? 21.706  -7.888  10.221  1.00 41.60 ? 167 ARG A NE  1 
ATOM   1140 C CZ  . ARG A 1 145 ? 21.243  -7.570  9.015   1.00 41.33 ? 167 ARG A CZ  1 
ATOM   1141 N NH1 . ARG A 1 145 ? 21.825  -6.604  8.317   1.00 40.59 ? 167 ARG A NH1 1 
ATOM   1142 N NH2 . ARG A 1 145 ? 20.210  -8.224  8.499   1.00 40.91 ? 167 ARG A NH2 1 
ATOM   1143 N N   . GLU A 1 146 ? 18.951  -4.851  14.838  1.00 35.89 ? 168 GLU A N   1 
ATOM   1144 C CA  . GLU A 1 146 ? 19.128  -3.515  15.395  1.00 37.77 ? 168 GLU A CA  1 
ATOM   1145 C C   . GLU A 1 146 ? 19.985  -2.626  14.496  1.00 37.59 ? 168 GLU A C   1 
ATOM   1146 O O   . GLU A 1 146 ? 20.884  -1.932  14.969  1.00 36.85 ? 168 GLU A O   1 
ATOM   1147 C CB  . GLU A 1 146 ? 19.757  -3.604  16.790  1.00 40.60 ? 168 GLU A CB  1 
ATOM   1148 C CG  . GLU A 1 146 ? 18.918  -4.375  17.791  1.00 43.26 ? 168 GLU A CG  1 
ATOM   1149 C CD  . GLU A 1 146 ? 19.499  -4.343  19.190  1.00 45.82 ? 168 GLU A CD  1 
ATOM   1150 O OE1 . GLU A 1 146 ? 20.601  -4.896  19.395  1.00 47.21 ? 168 GLU A OE1 1 
ATOM   1151 O OE2 . GLU A 1 146 ? 18.857  -3.752  20.082  1.00 46.97 ? 168 GLU A OE2 1 
ATOM   1152 N N   . GLU A 1 147 ? 19.698  -2.649  13.199  1.00 36.98 ? 169 GLU A N   1 
ATOM   1153 C CA  . GLU A 1 147 ? 20.446  -1.851  12.234  1.00 36.36 ? 169 GLU A CA  1 
ATOM   1154 C C   . GLU A 1 147 ? 19.544  -1.001  11.346  1.00 35.27 ? 169 GLU A C   1 
ATOM   1155 O O   . GLU A 1 147 ? 20.001  -0.466  10.334  1.00 34.49 ? 169 GLU A O   1 
ATOM   1156 C CB  . GLU A 1 147 ? 21.289  -2.755  11.336  1.00 37.27 ? 169 GLU A CB  1 
ATOM   1157 C CG  . GLU A 1 147 ? 22.402  -3.507  12.034  1.00 40.09 ? 169 GLU A CG  1 
ATOM   1158 C CD  . GLU A 1 147 ? 23.109  -4.460  11.093  1.00 40.98 ? 169 GLU A CD  1 
ATOM   1159 O OE1 . GLU A 1 147 ? 23.613  -3.996  10.048  1.00 42.78 ? 169 GLU A OE1 1 
ATOM   1160 O OE2 . GLU A 1 147 ? 23.157  -5.671  11.390  1.00 42.67 ? 169 GLU A OE2 1 
ATOM   1161 N N   . LEU A 1 148 ? 18.271  -0.875  11.709  1.00 33.89 ? 170 LEU A N   1 
ATOM   1162 C CA  . LEU A 1 148 ? 17.347  -0.087  10.897  1.00 34.55 ? 170 LEU A CA  1 
ATOM   1163 C C   . LEU A 1 148 ? 17.861  1.334   10.694  1.00 35.66 ? 170 LEU A C   1 
ATOM   1164 O O   . LEU A 1 148 ? 17.936  1.821   9.564   1.00 34.92 ? 170 LEU A O   1 
ATOM   1165 C CB  . LEU A 1 148 ? 15.956  -0.040  11.539  1.00 32.23 ? 170 LEU A CB  1 
ATOM   1166 C CG  . LEU A 1 148 ? 14.908  0.701   10.699  1.00 31.76 ? 170 LEU A CG  1 
ATOM   1167 C CD1 . LEU A 1 148 ? 14.808  0.050   9.322   1.00 31.23 ? 170 LEU A CD1 1 
ATOM   1168 C CD2 . LEU A 1 148 ? 13.559  0.681   11.406  1.00 31.30 ? 170 LEU A CD2 1 
ATOM   1169 N N   . GLU A 1 149 ? 18.209  1.992   11.795  1.00 37.27 ? 171 GLU A N   1 
ATOM   1170 C CA  . GLU A 1 149 ? 18.714  3.361   11.751  1.00 40.31 ? 171 GLU A CA  1 
ATOM   1171 C C   . GLU A 1 149 ? 19.970  3.493   10.890  1.00 40.65 ? 171 GLU A C   1 
ATOM   1172 O O   . GLU A 1 149 ? 20.154  4.502   10.208  1.00 41.56 ? 171 GLU A O   1 
ATOM   1173 C CB  . GLU A 1 149 ? 18.996  3.864   13.171  1.00 42.32 ? 171 GLU A CB  1 
ATOM   1174 C CG  . GLU A 1 149 ? 19.804  5.150   13.232  1.00 46.43 ? 171 GLU A CG  1 
ATOM   1175 C CD  . GLU A 1 149 ? 19.880  5.731   14.635  1.00 48.56 ? 171 GLU A CD  1 
ATOM   1176 O OE1 . GLU A 1 149 ? 20.079  4.952   15.594  1.00 49.41 ? 171 GLU A OE1 1 
ATOM   1177 O OE2 . GLU A 1 149 ? 19.749  6.967   14.773  1.00 48.76 ? 171 GLU A OE2 1 
ATOM   1178 N N   . LYS A 1 150 ? 20.829  2.480   10.925  1.00 41.20 ? 172 LYS A N   1 
ATOM   1179 C CA  . LYS A 1 150 ? 22.058  2.498   10.136  1.00 42.17 ? 172 LYS A CA  1 
ATOM   1180 C C   . LYS A 1 150 ? 21.811  2.288   8.646   1.00 43.45 ? 172 LYS A C   1 
ATOM   1181 O O   . LYS A 1 150 ? 22.735  2.412   7.842   1.00 43.43 ? 172 LYS A O   1 
ATOM   1182 C CB  . LYS A 1 150 ? 23.028  1.419   10.631  1.00 43.10 ? 172 LYS A CB  1 
ATOM   1183 C CG  . LYS A 1 150 ? 23.987  1.875   11.711  1.00 43.01 ? 172 LYS A CG  1 
ATOM   1184 C CD  . LYS A 1 150 ? 23.262  2.298   12.970  1.00 44.42 ? 172 LYS A CD  1 
ATOM   1185 C CE  . LYS A 1 150 ? 24.248  2.791   14.012  1.00 43.57 ? 172 LYS A CE  1 
ATOM   1186 N NZ  . LYS A 1 150 ? 23.565  3.187   15.268  1.00 46.89 ? 172 LYS A NZ  1 
ATOM   1187 N N   . LYS A 1 151 ? 20.575  1.973   8.272   1.00 43.24 ? 173 LYS A N   1 
ATOM   1188 C CA  . LYS A 1 151 ? 20.261  1.733   6.868   1.00 44.10 ? 173 LYS A CA  1 
ATOM   1189 C C   . LYS A 1 151 ? 19.227  2.691   6.282   1.00 45.15 ? 173 LYS A C   1 
ATOM   1190 O O   . LYS A 1 151 ? 19.206  2.923   5.074   1.00 44.71 ? 173 LYS A O   1 
ATOM   1191 C CB  . LYS A 1 151 ? 19.781  0.294   6.685   1.00 43.16 ? 173 LYS A CB  1 
ATOM   1192 C CG  . LYS A 1 151 ? 20.754  -0.760  7.197   1.00 41.87 ? 173 LYS A CG  1 
ATOM   1193 C CD  . LYS A 1 151 ? 22.097  -0.671  6.496   1.00 40.89 ? 173 LYS A CD  1 
ATOM   1194 C CE  . LYS A 1 151 ? 23.022  -1.793  6.927   1.00 39.60 ? 173 LYS A CE  1 
ATOM   1195 N NZ  . LYS A 1 151 ? 24.340  -1.703  6.247   1.00 41.81 ? 173 LYS A NZ  1 
ATOM   1196 N N   . ALA A 1 152 ? 18.374  3.244   7.135   1.00 47.56 ? 174 ALA A N   1 
ATOM   1197 C CA  . ALA A 1 152 ? 17.338  4.168   6.686   1.00 50.08 ? 174 ALA A CA  1 
ATOM   1198 C C   . ALA A 1 152 ? 17.843  5.609   6.630   1.00 51.46 ? 174 ALA A C   1 
ATOM   1199 O O   . ALA A 1 152 ? 17.858  6.184   5.521   1.00 53.42 ? 174 ALA A O   1 
ATOM   1200 C CB  . ALA A 1 152 ? 16.128  4.072   7.608   1.00 49.84 ? 174 ALA A CB  1 
ATOM   1201 N N   . ASN B 2 1   ? -1.484  -11.905 -0.566  1.00 25.51 ? 5   ASN B N   1 
ATOM   1202 C CA  . ASN B 2 1   ? -2.005  -11.323 0.704   1.00 24.60 ? 5   ASN B CA  1 
ATOM   1203 C C   . ASN B 2 1   ? -1.089  -11.681 1.860   1.00 25.48 ? 5   ASN B C   1 
ATOM   1204 O O   . ASN B 2 1   ? -0.725  -12.843 2.034   1.00 25.62 ? 5   ASN B O   1 
ATOM   1205 C CB  . ASN B 2 1   ? -3.415  -11.846 0.979   1.00 26.71 ? 5   ASN B CB  1 
ATOM   1206 C CG  . ASN B 2 1   ? -4.442  -11.257 0.039   1.00 29.34 ? 5   ASN B CG  1 
ATOM   1207 O OD1 . ASN B 2 1   ? -4.153  -10.984 -1.125  1.00 30.46 ? 5   ASN B OD1 1 
ATOM   1208 N ND2 . ASN B 2 1   ? -5.659  -11.067 0.538   1.00 33.22 ? 5   ASN B ND2 1 
ATOM   1209 N N   . PHE B 2 2   ? -0.713  -10.684 2.652   1.00 22.23 ? 6   PHE B N   1 
ATOM   1210 C CA  . PHE B 2 2   ? 0.169   -10.937 3.778   1.00 21.18 ? 6   PHE B CA  1 
ATOM   1211 C C   . PHE B 2 2   ? 0.058   -9.897  4.882   1.00 21.14 ? 6   PHE B C   1 
ATOM   1212 O O   . PHE B 2 2   ? -0.386  -8.765  4.664   1.00 18.06 ? 6   PHE B O   1 
ATOM   1213 C CB  . PHE B 2 2   ? 1.620   -11.034 3.294   1.00 23.47 ? 6   PHE B CB  1 
ATOM   1214 C CG  . PHE B 2 2   ? 2.084   -9.838  2.503   1.00 24.39 ? 6   PHE B CG  1 
ATOM   1215 C CD1 . PHE B 2 2   ? 2.594   -8.716  3.144   1.00 25.48 ? 6   PHE B CD1 1 
ATOM   1216 C CD2 . PHE B 2 2   ? 2.014   -9.839  1.112   1.00 26.72 ? 6   PHE B CD2 1 
ATOM   1217 C CE1 . PHE B 2 2   ? 3.031   -7.609  2.412   1.00 23.88 ? 6   PHE B CE1 1 
ATOM   1218 C CE2 . PHE B 2 2   ? 2.448   -8.734  0.371   1.00 24.37 ? 6   PHE B CE2 1 
ATOM   1219 C CZ  . PHE B 2 2   ? 2.959   -7.618  1.026   1.00 23.77 ? 6   PHE B CZ  1 
ATOM   1220 N N   . ASP B 2 3   ? 0.456   -10.308 6.081   1.00 18.27 ? 7   ASP B N   1 
ATOM   1221 C CA  . ASP B 2 3   ? 0.427   -9.443  7.246   1.00 19.76 ? 7   ASP B CA  1 
ATOM   1222 C C   . ASP B 2 3   ? 1.754   -8.704  7.286   1.00 19.14 ? 7   ASP B C   1 
ATOM   1223 O O   . ASP B 2 3   ? 2.777   -9.222  6.835   1.00 19.18 ? 7   ASP B O   1 
ATOM   1224 C CB  . ASP B 2 3   ? 0.291   -10.278 8.521   1.00 21.12 ? 7   ASP B CB  1 
ATOM   1225 C CG  . ASP B 2 3   ? -0.959  -11.140 8.529   1.00 23.80 ? 7   ASP B CG  1 
ATOM   1226 O OD1 . ASP B 2 3   ? -2.063  -10.587 8.684   1.00 24.48 ? 7   ASP B OD1 1 
ATOM   1227 O OD2 . ASP B 2 3   ? -0.841  -12.376 8.373   1.00 25.08 ? 7   ASP B OD2 1 
ATOM   1228 N N   . ASN B 2 4   ? 1.740   -7.495  7.827   1.00 16.54 ? 8   ASN B N   1 
ATOM   1229 C CA  . ASN B 2 4   ? 2.967   -6.728  7.949   1.00 18.00 ? 8   ASN B CA  1 
ATOM   1230 C C   . ASN B 2 4   ? 3.638   -7.132  9.263   1.00 18.40 ? 8   ASN B C   1 
ATOM   1231 O O   . ASN B 2 4   ? 3.121   -6.853  10.343  1.00 18.39 ? 8   ASN B O   1 
ATOM   1232 C CB  . ASN B 2 4   ? 2.671   -5.228  7.962   1.00 17.65 ? 8   ASN B CB  1 
ATOM   1233 C CG  . ASN B 2 4   ? 3.917   -4.401  8.205   1.00 19.35 ? 8   ASN B CG  1 
ATOM   1234 O OD1 . ASN B 2 4   ? 5.023   -4.935  8.234   1.00 17.53 ? 8   ASN B OD1 1 
ATOM   1235 N ND2 . ASN B 2 4   ? 3.746   -3.094  8.384   1.00 17.91 ? 8   ASN B ND2 1 
ATOM   1236 N N   . PRO B 2 5   ? 4.803   -7.790  9.189   1.00 19.93 ? 9   PRO B N   1 
ATOM   1237 C CA  . PRO B 2 5   ? 5.486   -8.200  10.421  1.00 20.18 ? 9   PRO B CA  1 
ATOM   1238 C C   . PRO B 2 5   ? 5.871   -7.071  11.378  1.00 22.32 ? 9   PRO B C   1 
ATOM   1239 O O   . PRO B 2 5   ? 6.115   -7.320  12.561  1.00 24.01 ? 9   PRO B O   1 
ATOM   1240 C CB  . PRO B 2 5   ? 6.705   -8.961  9.903   1.00 19.69 ? 9   PRO B CB  1 
ATOM   1241 C CG  . PRO B 2 5   ? 6.953   -8.336  8.549   1.00 20.37 ? 9   PRO B CG  1 
ATOM   1242 C CD  . PRO B 2 5   ? 5.558   -8.224  8.001   1.00 18.28 ? 9   PRO B CD  1 
ATOM   1243 N N   . VAL B 2 6   ? 5.921   -5.835  10.890  1.00 22.70 ? 10  VAL B N   1 
ATOM   1244 C CA  . VAL B 2 6   ? 6.299   -4.721  11.755  1.00 23.85 ? 10  VAL B CA  1 
ATOM   1245 C C   . VAL B 2 6   ? 5.151   -3.786  12.122  1.00 24.65 ? 10  VAL B C   1 
ATOM   1246 O O   . VAL B 2 6   ? 5.375   -2.646  12.525  1.00 25.53 ? 10  VAL B O   1 
ATOM   1247 C CB  . VAL B 2 6   ? 7.446   -3.888  11.129  1.00 24.76 ? 10  VAL B CB  1 
ATOM   1248 C CG1 . VAL B 2 6   ? 8.721   -4.714  11.069  1.00 25.67 ? 10  VAL B CG1 1 
ATOM   1249 C CG2 . VAL B 2 6   ? 7.063   -3.439  9.739   1.00 25.52 ? 10  VAL B CG2 1 
ATOM   1250 N N   . TYR B 2 7   ? 3.924   -4.276  11.984  1.00 24.35 ? 11  TYR B N   1 
ATOM   1251 C CA  . TYR B 2 7   ? 2.735   -3.498  12.325  1.00 25.21 ? 11  TYR B CA  1 
ATOM   1252 C C   . TYR B 2 7   ? 2.587   -3.415  13.840  1.00 28.25 ? 11  TYR B C   1 
ATOM   1253 O O   . TYR B 2 7   ? 2.860   -4.388  14.541  1.00 26.67 ? 11  TYR B O   1 
ATOM   1254 C CB  . TYR B 2 7   ? 1.491   -4.165  11.743  1.00 22.28 ? 11  TYR B CB  1 
ATOM   1255 C CG  . TYR B 2 7   ? 0.178   -3.651  12.300  1.00 22.19 ? 11  TYR B CG  1 
ATOM   1256 C CD1 . TYR B 2 7   ? -0.224  -2.332  12.090  1.00 19.71 ? 11  TYR B CD1 1 
ATOM   1257 C CD2 . TYR B 2 7   ? -0.676  -4.494  13.019  1.00 19.93 ? 11  TYR B CD2 1 
ATOM   1258 C CE1 . TYR B 2 7   ? -1.444  -1.863  12.576  1.00 21.78 ? 11  TYR B CE1 1 
ATOM   1259 C CE2 . TYR B 2 7   ? -1.902  -4.031  13.514  1.00 20.87 ? 11  TYR B CE2 1 
ATOM   1260 C CZ  . TYR B 2 7   ? -2.278  -2.715  13.284  1.00 22.75 ? 11  TYR B CZ  1 
ATOM   1261 O OH  . TYR B 2 7   ? -3.494  -2.251  13.741  1.00 21.56 ? 11  TYR B OH  1 
ATOM   1262 N N   . ARG B 2 8   ? 2.166   -2.251  14.329  1.00 30.30 ? 12  ARG B N   1 
ATOM   1263 C CA  . ARG B 2 8   ? 1.949   -2.027  15.761  1.00 35.77 ? 12  ARG B CA  1 
ATOM   1264 C C   . ARG B 2 8   ? 0.462   -1.760  15.992  1.00 36.84 ? 12  ARG B C   1 
ATOM   1265 O O   . ARG B 2 8   ? -0.034  -0.684  15.666  1.00 36.23 ? 12  ARG B O   1 
ATOM   1266 C CB  . ARG B 2 8   ? 2.757   -0.820  16.253  1.00 37.76 ? 12  ARG B CB  1 
ATOM   1267 C CG  . ARG B 2 8   ? 4.200   -1.111  16.649  1.00 43.74 ? 12  ARG B CG  1 
ATOM   1268 C CD  . ARG B 2 8   ? 4.884   0.168   17.136  1.00 48.10 ? 12  ARG B CD  1 
ATOM   1269 N NE  . ARG B 2 8   ? 6.224   -0.058  17.675  1.00 52.11 ? 12  ARG B NE  1 
ATOM   1270 C CZ  . ARG B 2 8   ? 6.486   -0.762  18.775  1.00 54.39 ? 12  ARG B CZ  1 
ATOM   1271 N NH1 . ARG B 2 8   ? 5.495   -1.319  19.465  1.00 53.93 ? 12  ARG B NH1 1 
ATOM   1272 N NH2 . ARG B 2 8   ? 7.739   -0.903  19.193  1.00 54.12 ? 12  ARG B NH2 1 
ATOM   1273 N N   . LYS B 2 9   ? -0.243  -2.732  16.561  1.00 40.38 ? 13  LYS B N   1 
ATOM   1274 C CA  . LYS B 2 9   ? -1.675  -2.589  16.813  1.00 43.93 ? 13  LYS B CA  1 
ATOM   1275 C C   . LYS B 2 9   ? -1.995  -1.494  17.829  1.00 45.59 ? 13  LYS B C   1 
ATOM   1276 O O   . LYS B 2 9   ? -3.104  -0.961  17.842  1.00 45.33 ? 13  LYS B O   1 
ATOM   1277 C CB  . LYS B 2 9   ? -2.266  -3.920  17.296  1.00 45.52 ? 13  LYS B CB  1 
ATOM   1278 C CG  . LYS B 2 9   ? -3.777  -3.887  17.494  1.00 47.49 ? 13  LYS B CG  1 
ATOM   1279 C CD  . LYS B 2 9   ? -4.523  -3.840  16.165  1.00 47.40 ? 13  LYS B CD  1 
ATOM   1280 C CE  . LYS B 2 9   ? -4.720  -5.237  15.586  1.00 48.37 ? 13  LYS B CE  1 
ATOM   1281 N NZ  . LYS B 2 9   ? -5.629  -6.063  16.433  1.00 48.80 ? 13  LYS B NZ  1 
ATOM   1282 N N   . THR B 2 10  ? -1.020  -1.170  18.675  1.00 48.33 ? 14  THR B N   1 
ATOM   1283 C CA  . THR B 2 10  ? -1.178  -0.145  19.706  1.00 51.69 ? 14  THR B CA  1 
ATOM   1284 C C   . THR B 2 10  ? -1.821  1.135   19.178  1.00 53.13 ? 14  THR B C   1 
ATOM   1285 O O   . THR B 2 10  ? -1.077  2.113   18.937  1.00 54.16 ? 14  THR B O   1 
ATOM   1286 C CB  . THR B 2 10  ? 0.180   0.223   20.343  1.00 52.54 ? 14  THR B CB  1 
ATOM   1287 O OG1 . THR B 2 10  ? 1.045   0.789   19.347  1.00 54.99 ? 14  THR B OG1 1 
ATOM   1288 C CG2 . THR B 2 10  ? 0.841   -1.010  20.933  1.00 53.32 ? 14  THR B CG2 1 
HETATM 1289 C C1  A I3P C 3 .   ? -12.525 3.289   -18.465 0.67 43.27 ? 200 I3P A C1  1 
HETATM 1290 C C1  B I3P C 3 .   ? -11.593 2.041   -18.660 0.31 44.94 ? 200 I3P A C1  1 
HETATM 1291 C C2  A I3P C 3 .   ? -11.679 1.988   -18.448 0.67 41.72 ? 200 I3P A C2  1 
HETATM 1292 C C2  B I3P C 3 .   ? -12.443 3.343   -18.624 0.31 43.39 ? 200 I3P A C2  1 
HETATM 1293 C C3  A I3P C 3 .   ? -10.244 2.285   -17.987 0.67 40.06 ? 200 I3P A C3  1 
HETATM 1294 C C3  B I3P C 3 .   ? -12.527 3.886   -17.193 0.31 41.07 ? 200 I3P A C3  1 
HETATM 1295 C C4  A I3P C 3 .   ? -10.288 2.894   -16.560 0.67 37.17 ? 200 I3P A C4  1 
HETATM 1296 C C4  B I3P C 3 .   ? -11.095 4.180   -16.662 0.31 38.46 ? 200 I3P A C4  1 
HETATM 1297 C C5  A I3P C 3 .   ? -11.127 4.206   -16.597 0.67 37.41 ? 200 I3P A C5  1 
HETATM 1298 C C5  B I3P C 3 .   ? -10.269 2.862   -16.691 0.31 38.60 ? 200 I3P A C5  1 
HETATM 1299 C C6  A I3P C 3 .   ? -12.573 3.921   -17.061 0.67 40.73 ? 200 I3P A C6  1 
HETATM 1300 C C6  B I3P C 3 .   ? -10.163 2.305   -18.127 0.31 42.11 ? 200 I3P A C6  1 
HETATM 1301 O O1  A I3P C 3 .   ? -13.946 3.076   -18.851 0.67 49.22 ? 200 I3P A O1  1 
HETATM 1302 O O1  B I3P C 3 .   ? -11.418 1.473   -20.032 0.31 51.88 ? 200 I3P A O1  1 
HETATM 1303 O O2  A I3P C 3 .   ? -12.262 1.026   -17.570 0.67 42.38 ? 200 I3P A O2  1 
HETATM 1304 O O2  B I3P C 3 .   ? -11.873 4.336   -19.484 0.31 45.10 ? 200 I3P A O2  1 
HETATM 1305 O O3  A I3P C 3 .   ? -9.497  1.085   -17.978 0.67 39.47 ? 200 I3P A O3  1 
HETATM 1306 O O3  B I3P C 3 .   ? -13.299 5.070   -17.190 0.31 41.38 ? 200 I3P A O3  1 
HETATM 1307 O O4  A I3P C 3 .   ? -8.884  3.145   -16.116 0.67 35.34 ? 200 I3P A O4  1 
HETATM 1308 O O4  B I3P C 3 .   ? -11.208 4.728   -15.274 0.31 33.86 ? 200 I3P A O4  1 
HETATM 1309 O O5  A I3P C 3 .   ? -11.188 4.787   -15.254 0.67 33.03 ? 200 I3P A O5  1 
HETATM 1310 O O5  B I3P C 3 .   ? -8.908  3.109   -16.198 0.31 36.20 ? 200 I3P A O5  1 
HETATM 1311 O O6  A I3P C 3 .   ? -13.343 5.119   -17.110 0.67 40.57 ? 200 I3P A O6  1 
HETATM 1312 O O6  B I3P C 3 .   ? -9.408  1.096   -18.150 0.31 40.54 ? 200 I3P A O6  1 
HETATM 1313 P P1  A I3P C 3 .   ? -14.528 3.344   -20.310 0.67 53.92 ? 200 I3P A P1  1 
HETATM 1314 P P1  B I3P C 3 .   ? -12.548 0.656   -20.820 0.31 57.14 ? 200 I3P A P1  1 
HETATM 1315 O O11 A I3P C 3 .   ? -13.539 2.773   -21.265 0.67 52.79 ? 200 I3P A O11 1 
HETATM 1316 O O11 B I3P C 3 .   ? -13.568 1.655   -21.242 0.31 55.48 ? 200 I3P A O11 1 
HETATM 1317 O O12 A I3P C 3 .   ? -14.675 4.825   -20.369 0.67 53.11 ? 200 I3P A O12 1 
HETATM 1318 O O12 B I3P C 3 .   ? -13.032 -0.352  -19.826 0.31 55.44 ? 200 I3P A O12 1 
HETATM 1319 O O13 A I3P C 3 .   ? -15.811 2.659   -20.181 0.67 53.45 ? 200 I3P A O13 1 
HETATM 1320 O O13 B I3P C 3 .   ? -11.726 0.052   -21.867 0.31 55.60 ? 200 I3P A O13 1 
HETATM 1321 P P4  A I3P C 3 .   ? -8.011  2.214   -15.124 0.67 34.19 ? 200 I3P A P4  1 
HETATM 1322 P P4  B I3P C 3 .   ? -11.180 6.285   -14.816 0.31 33.37 ? 200 I3P A P4  1 
HETATM 1323 O O41 A I3P C 3 .   ? -8.922  2.216   -13.942 0.67 33.35 ? 200 I3P A O41 1 
HETATM 1324 O O41 B I3P C 3 .   ? -9.907  6.723   -15.451 0.31 30.97 ? 200 I3P A O41 1 
HETATM 1325 O O42 A I3P C 3 .   ? -7.947  0.926   -15.820 0.67 34.64 ? 200 I3P A O42 1 
HETATM 1326 O O42 B I3P C 3 .   ? -12.388 6.848   -15.440 0.31 32.30 ? 200 I3P A O42 1 
HETATM 1327 O O43 A I3P C 3 .   ? -6.666  2.816   -14.928 0.67 35.13 ? 200 I3P A O43 1 
HETATM 1328 O O43 B I3P C 3 .   ? -11.239 6.348   -13.325 0.31 32.07 ? 200 I3P A O43 1 
HETATM 1329 P P5  A I3P C 3 .   ? -11.147 6.349   -14.857 0.67 32.47 ? 200 I3P A P5  1 
HETATM 1330 P P5  B I3P C 3 .   ? -8.103  2.193   -15.146 0.31 34.83 ? 200 I3P A P5  1 
HETATM 1331 O O51 A I3P C 3 .   ? -11.237 6.256   -13.375 0.67 31.59 ? 200 I3P A O51 1 
HETATM 1332 O O51 B I3P C 3 .   ? -6.825  2.943   -15.045 0.31 35.41 ? 200 I3P A O51 1 
HETATM 1333 O O52 A I3P C 3 .   ? -9.845  6.814   -15.430 0.67 31.23 ? 200 I3P A O52 1 
HETATM 1334 O O52 B I3P C 3 .   ? -8.984  2.198   -13.943 0.31 34.75 ? 200 I3P A O52 1 
HETATM 1335 O O53 A I3P C 3 .   ? -12.356 6.867   -15.521 0.67 31.37 ? 200 I3P A O53 1 
HETATM 1336 O O53 B I3P C 3 .   ? -8.023  0.917   -15.868 0.31 34.85 ? 200 I3P A O53 1 
HETATM 1337 O O   . HOH D 4 .   ? 6.701   6.267   0.807   1.00 13.44 ? 201 HOH A O   1 
HETATM 1338 O O   . HOH D 4 .   ? 18.038  -0.730  -5.628  1.00 15.88 ? 202 HOH A O   1 
HETATM 1339 O O   . HOH D 4 .   ? 12.420  6.698   3.172   1.00 19.20 ? 203 HOH A O   1 
HETATM 1340 O O   . HOH D 4 .   ? 10.831  4.729   -8.484  1.00 15.75 ? 204 HOH A O   1 
HETATM 1341 O O   . HOH D 4 .   ? 2.184   21.971  -7.474  1.00 20.43 ? 205 HOH A O   1 
HETATM 1342 O O   . HOH D 4 .   ? -4.670  -1.395  10.334  1.00 21.71 ? 206 HOH A O   1 
HETATM 1343 O O   . HOH D 4 .   ? 11.624  -5.194  -4.150  1.00 23.69 ? 207 HOH A O   1 
HETATM 1344 O O   . HOH D 4 .   ? 9.018   -2.518  -9.878  1.00 16.96 ? 208 HOH A O   1 
HETATM 1345 O O   . HOH D 4 .   ? 8.374   8.928   -1.178  1.00 16.16 ? 209 HOH A O   1 
HETATM 1346 O O   . HOH D 4 .   ? 7.512   4.277   8.201   1.00 16.23 ? 210 HOH A O   1 
HETATM 1347 O O   . HOH D 4 .   ? -4.295  14.141  -9.967  1.00 16.59 ? 211 HOH A O   1 
HETATM 1348 O O   . HOH D 4 .   ? -2.535  10.334  5.540   1.00 26.39 ? 212 HOH A O   1 
HETATM 1349 O O   . HOH D 4 .   ? 5.162   -1.545  -12.835 1.00 24.50 ? 213 HOH A O   1 
HETATM 1350 O O   . HOH D 4 .   ? 16.040  -1.824  -7.326  1.00 19.06 ? 214 HOH A O   1 
HETATM 1351 O O   . HOH D 4 .   ? -2.776  5.166   -13.904 1.00 32.12 ? 215 HOH A O   1 
HETATM 1352 O O   . HOH D 4 .   ? 2.940   -1.454  -11.482 1.00 21.21 ? 216 HOH A O   1 
HETATM 1353 O O   . HOH D 4 .   ? 1.851   1.263   -11.916 1.00 14.68 ? 217 HOH A O   1 
HETATM 1354 O O   . HOH D 4 .   ? 15.294  6.727   4.131   1.00 27.56 ? 218 HOH A O   1 
HETATM 1355 O O   . HOH D 4 .   ? 6.936   3.940   -11.914 1.00 23.23 ? 219 HOH A O   1 
HETATM 1356 O O   . HOH D 4 .   ? 9.534   8.791   1.511   1.00 24.91 ? 220 HOH A O   1 
HETATM 1357 O O   . HOH D 4 .   ? -0.662  -8.257  -10.763 1.00 19.72 ? 221 HOH A O   1 
HETATM 1358 O O   . HOH D 4 .   ? -5.112  9.374   5.444   1.00 34.78 ? 222 HOH A O   1 
HETATM 1359 O O   . HOH D 4 .   ? 11.588  6.940   -6.908  1.00 24.75 ? 223 HOH A O   1 
HETATM 1360 O O   . HOH D 4 .   ? -20.629 -0.201  -3.362  1.00 20.91 ? 224 HOH A O   1 
HETATM 1361 O O   . HOH D 4 .   ? 8.938   -5.700  -6.745  1.00 21.60 ? 225 HOH A O   1 
HETATM 1362 O O   . HOH D 4 .   ? -13.482 6.618   -0.637  1.00 28.11 ? 226 HOH A O   1 
HETATM 1363 O O   . HOH D 4 .   ? -6.575  4.548   9.608   1.00 26.60 ? 227 HOH A O   1 
HETATM 1364 O O   . HOH D 4 .   ? 2.645   9.724   -12.162 1.00 34.49 ? 228 HOH A O   1 
HETATM 1365 O O   . HOH D 4 .   ? -15.104 -4.384  7.481   1.00 39.29 ? 229 HOH A O   1 
HETATM 1366 O O   . HOH D 4 .   ? -9.803  10.523  -4.953  1.00 25.93 ? 230 HOH A O   1 
HETATM 1367 O O   . HOH D 4 .   ? 13.134  -8.268  2.296   1.00 23.35 ? 231 HOH A O   1 
HETATM 1368 O O   . HOH D 4 .   ? -4.997  4.832   13.820  1.00 25.27 ? 232 HOH A O   1 
HETATM 1369 O O   . HOH D 4 .   ? -8.137  -4.238  16.005  1.00 44.07 ? 233 HOH A O   1 
HETATM 1370 O O   . HOH D 4 .   ? -2.384  17.803  -0.131  1.00 28.90 ? 234 HOH A O   1 
HETATM 1371 O O   . HOH D 4 .   ? 23.767  2.809   -6.297  1.00 50.18 ? 235 HOH A O   1 
HETATM 1372 O O   . HOH D 4 .   ? -14.734 4.351   -4.245  1.00 25.62 ? 236 HOH A O   1 
HETATM 1373 O O   . HOH D 4 .   ? -8.657  9.007   -14.109 1.00 29.52 ? 237 HOH A O   1 
HETATM 1374 O O   . HOH D 4 .   ? 17.066  -1.053  14.795  1.00 30.31 ? 238 HOH A O   1 
HETATM 1375 O O   . HOH D 4 .   ? -15.007 1.170   -16.009 1.00 39.64 ? 239 HOH A O   1 
HETATM 1376 O O   . HOH D 4 .   ? -3.978  -9.262  17.517  1.00 50.90 ? 240 HOH A O   1 
HETATM 1377 O O   . HOH D 4 .   ? 3.475   13.148  6.174   1.00 31.87 ? 241 HOH A O   1 
HETATM 1378 O O   . HOH D 4 .   ? 16.717  5.468   -3.149  1.00 33.77 ? 242 HOH A O   1 
HETATM 1379 O O   . HOH D 4 .   ? 23.042  -7.727  0.564   1.00 27.04 ? 243 HOH A O   1 
HETATM 1380 O O   . HOH D 4 .   ? -4.557  3.143   -12.964 1.00 22.03 ? 244 HOH A O   1 
HETATM 1381 O O   . HOH D 4 .   ? -1.607  -8.007  10.395  1.00 29.75 ? 245 HOH A O   1 
HETATM 1382 O O   . HOH D 4 .   ? -18.266 -4.320  -7.287  1.00 45.96 ? 246 HOH A O   1 
HETATM 1383 O O   . HOH D 4 .   ? 4.165   3.267   -12.678 1.00 27.31 ? 247 HOH A O   1 
HETATM 1384 O O   . HOH D 4 .   ? -8.419  -6.330  14.118  1.00 33.66 ? 248 HOH A O   1 
HETATM 1385 O O   . HOH D 4 .   ? 3.760   -13.211 -12.620 1.00 53.20 ? 249 HOH A O   1 
HETATM 1386 O O   . HOH D 4 .   ? 10.911  2.388   8.434   1.00 22.68 ? 250 HOH A O   1 
HETATM 1387 O O   . HOH D 4 .   ? 4.590   8.026   -11.383 1.00 29.66 ? 251 HOH A O   1 
HETATM 1388 O O   . HOH D 4 .   ? 3.107   17.914  2.620   1.00 40.64 ? 252 HOH A O   1 
HETATM 1389 O O   . HOH D 4 .   ? 6.754   -9.042  4.622   1.00 25.99 ? 253 HOH A O   1 
HETATM 1390 O O   . HOH D 4 .   ? 6.220   15.417  -5.430  1.00 41.90 ? 254 HOH A O   1 
HETATM 1391 O O   . HOH D 4 .   ? 15.152  -2.143  -11.771 1.00 45.96 ? 255 HOH A O   1 
HETATM 1392 O O   . HOH D 4 .   ? -4.251  14.417  -16.245 1.00 34.61 ? 256 HOH A O   1 
HETATM 1393 O O   . HOH D 4 .   ? 7.052   7.165   8.509   1.00 23.47 ? 257 HOH A O   1 
HETATM 1394 O O   . HOH D 4 .   ? 21.796  6.706   9.567   1.00 40.25 ? 258 HOH A O   1 
HETATM 1395 O O   . HOH D 4 .   ? 15.191  -3.043  16.807  1.00 54.09 ? 259 HOH A O   1 
HETATM 1396 O O   . HOH D 4 .   ? 18.094  -10.320 8.853   1.00 44.14 ? 260 HOH A O   1 
HETATM 1397 O O   . HOH D 4 .   ? 14.390  0.086   15.530  1.00 47.91 ? 261 HOH A O   1 
HETATM 1398 O O   . HOH D 4 .   ? 22.645  -8.989  -5.300  1.00 49.54 ? 262 HOH A O   1 
HETATM 1399 O O   . HOH D 4 .   ? -7.584  4.523   -19.548 1.00 55.26 ? 263 HOH A O   1 
HETATM 1400 O O   . HOH D 4 .   ? -14.290 -7.253  13.067  1.00 36.52 ? 264 HOH A O   1 
HETATM 1401 O O   . HOH D 4 .   ? -5.717  -10.099 15.480  1.00 62.96 ? 265 HOH A O   1 
HETATM 1402 O O   . HOH D 4 .   ? -6.765  13.228  -11.258 1.00 25.38 ? 266 HOH A O   1 
HETATM 1403 O O   . HOH D 4 .   ? -10.554 8.687   -6.742  1.00 24.96 ? 267 HOH A O   1 
HETATM 1404 O O   . HOH D 4 .   ? -14.765 -5.662  4.831   1.00 23.99 ? 268 HOH A O   1 
HETATM 1405 O O   . HOH D 4 .   ? -15.373 6.720   -11.301 1.00 28.63 ? 269 HOH A O   1 
HETATM 1406 O O   . HOH D 4 .   ? -3.773  17.984  -2.226  1.00 31.67 ? 270 HOH A O   1 
HETATM 1407 O O   . HOH D 4 .   ? -11.967 -0.234  12.581  1.00 29.81 ? 271 HOH A O   1 
HETATM 1408 O O   . HOH D 4 .   ? 22.715  -0.871  0.316   1.00 27.82 ? 272 HOH A O   1 
HETATM 1409 O O   . HOH D 4 .   ? -1.737  10.610  -16.574 1.00 36.17 ? 273 HOH A O   1 
HETATM 1410 O O   . HOH D 4 .   ? 20.926  -10.475 0.815   1.00 29.95 ? 274 HOH A O   1 
HETATM 1411 O O   . HOH D 4 .   ? -15.244 0.111   -10.577 1.00 30.55 ? 275 HOH A O   1 
HETATM 1412 O O   . HOH D 4 .   ? -10.673 0.028   -13.553 1.00 33.28 ? 276 HOH A O   1 
HETATM 1413 O O   . HOH D 4 .   ? 7.463   3.252   10.730  1.00 29.06 ? 277 HOH A O   1 
HETATM 1414 O O   . HOH D 4 .   ? -5.160  -2.347  20.124  1.00 53.07 ? 278 HOH A O   1 
HETATM 1415 O O   . HOH D 4 .   ? 17.976  1.482   14.656  1.00 35.29 ? 279 HOH A O   1 
HETATM 1416 O O   . HOH D 4 .   ? -5.068  3.317   -17.160 1.00 37.49 ? 280 HOH A O   1 
HETATM 1417 O O   . HOH D 4 .   ? 16.434  -0.404  -9.372  1.00 29.39 ? 281 HOH A O   1 
HETATM 1418 O O   . HOH D 4 .   ? -3.380  7.647   -14.221 1.00 35.85 ? 282 HOH A O   1 
HETATM 1419 O O   . HOH D 4 .   ? -1.776  8.414   -12.543 1.00 34.73 ? 283 HOH A O   1 
HETATM 1420 O O   . HOH D 4 .   ? -16.378 -8.718  13.249  1.00 28.69 ? 284 HOH A O   1 
HETATM 1421 O O   . HOH D 4 .   ? -13.987 5.330   -13.072 1.00 30.83 ? 285 HOH A O   1 
HETATM 1422 O O   . HOH D 4 .   ? -4.007  -13.399 5.151   1.00 45.35 ? 286 HOH A O   1 
HETATM 1423 O O   . HOH D 4 .   ? 9.215   1.230   10.395  1.00 30.99 ? 287 HOH A O   1 
HETATM 1424 O O   . HOH D 4 .   ? -4.723  5.595   16.274  1.00 44.30 ? 288 HOH A O   1 
HETATM 1425 O O   . HOH D 4 .   ? -11.965 4.655   11.272  1.00 36.93 ? 289 HOH A O   1 
HETATM 1426 O O   . HOH D 4 .   ? 24.231  5.481   -5.156  1.00 36.98 ? 290 HOH A O   1 
HETATM 1427 O O   . HOH D 4 .   ? -2.454  14.074  -14.511 1.00 36.38 ? 291 HOH A O   1 
HETATM 1428 O O   . HOH D 4 .   ? -16.331 -3.974  3.685   1.00 43.92 ? 292 HOH A O   1 
HETATM 1429 O O   . HOH D 4 .   ? -15.735 5.464   -1.848  1.00 32.78 ? 293 HOH A O   1 
HETATM 1430 O O   . HOH D 4 .   ? -12.546 2.106   10.819  1.00 36.01 ? 294 HOH A O   1 
HETATM 1431 O O   . HOH D 4 .   ? -15.870 3.914   5.034   1.00 42.05 ? 295 HOH A O   1 
HETATM 1432 O O   . HOH D 4 .   ? -10.563 -2.658  15.598  1.00 54.39 ? 296 HOH A O   1 
HETATM 1433 O O   . HOH D 4 .   ? -8.683  10.841  -0.601  1.00 52.51 ? 297 HOH A O   1 
HETATM 1434 O O   . HOH D 4 .   ? 21.642  1.624   -7.419  1.00 41.51 ? 298 HOH A O   1 
HETATM 1435 O O   . HOH D 4 .   ? -10.194 7.546   -18.037 1.00 43.72 ? 299 HOH A O   1 
HETATM 1436 O O   . HOH D 4 .   ? -6.570  2.831   18.452  1.00 49.76 ? 300 HOH A O   1 
HETATM 1437 O O   . HOH D 4 .   ? -22.245 0.076   -9.124  1.00 46.51 ? 301 HOH A O   1 
HETATM 1438 O O   . HOH D 4 .   ? -13.852 2.500   -13.672 1.00 42.51 ? 302 HOH A O   1 
HETATM 1439 O O   . HOH D 4 .   ? -12.825 -6.160  -10.335 1.00 45.64 ? 303 HOH A O   1 
HETATM 1440 O O   . HOH D 4 .   ? -7.407  13.183  -13.893 1.00 38.79 ? 304 HOH A O   1 
HETATM 1441 O O   . HOH D 4 .   ? -13.627 -6.400  -6.460  1.00 45.56 ? 305 HOH A O   1 
HETATM 1442 O O   . HOH D 4 .   ? 10.219  9.715   -6.106  1.00 40.60 ? 306 HOH A O   1 
HETATM 1443 O O   . HOH D 4 .   ? -14.191 12.917  -12.032 1.00 45.90 ? 307 HOH A O   1 
HETATM 1444 O O   . HOH D 4 .   ? 0.607   13.782  5.869   1.00 38.28 ? 308 HOH A O   1 
HETATM 1445 O O   . HOH D 4 .   ? 12.129  -10.256 0.521   1.00 51.89 ? 309 HOH A O   1 
HETATM 1446 O O   . HOH D 4 .   ? 8.452   -7.540  -8.975  1.00 36.34 ? 310 HOH A O   1 
HETATM 1447 O O   . HOH D 4 .   ? 3.487   17.762  -0.653  1.00 37.81 ? 311 HOH A O   1 
HETATM 1448 O O   . HOH D 4 .   ? -13.463 -4.005  15.420  1.00 57.21 ? 312 HOH A O   1 
HETATM 1449 O O   . HOH D 4 .   ? 7.280   13.070  1.577   1.00 43.19 ? 313 HOH A O   1 
HETATM 1450 O O   . HOH D 4 .   ? -17.753 1.345   5.809   1.00 47.85 ? 314 HOH A O   1 
HETATM 1451 O O   . HOH D 4 .   ? 17.421  -10.202 11.566  1.00 53.38 ? 315 HOH A O   1 
HETATM 1452 O O   . HOH D 4 .   ? 8.687   -11.755 4.049   1.00 46.41 ? 316 HOH A O   1 
HETATM 1453 O O   . HOH D 4 .   ? -20.325 2.593   -14.549 1.00 40.02 ? 317 HOH A O   1 
HETATM 1454 O O   . HOH D 4 .   ? -11.967 -11.388 6.573   1.00 47.83 ? 318 HOH A O   1 
HETATM 1455 O O   . HOH D 4 .   ? 8.499   9.957   6.081   1.00 35.39 ? 319 HOH A O   1 
HETATM 1456 O O   . HOH D 4 .   ? -14.705 7.936   -8.811  1.00 38.67 ? 320 HOH A O   1 
HETATM 1457 O O   . HOH D 4 .   ? 6.462   -8.800  -10.144 1.00 41.85 ? 321 HOH A O   1 
HETATM 1458 O O   . HOH D 4 .   ? -6.485  -3.053  -18.337 1.00 43.42 ? 322 HOH A O   1 
HETATM 1459 O O   . HOH D 4 .   ? -18.884 -5.497  -0.606  1.00 45.43 ? 323 HOH A O   1 
HETATM 1460 O O   . HOH D 4 .   ? -17.034 -1.643  5.971   1.00 56.64 ? 324 HOH A O   1 
HETATM 1461 O O   . HOH D 4 .   ? 15.905  -4.406  -7.997  1.00 58.88 ? 325 HOH A O   1 
HETATM 1462 O O   . HOH D 4 .   ? 13.656  8.486   -6.509  1.00 52.11 ? 326 HOH A O   1 
HETATM 1463 O O   . HOH D 4 .   ? 13.597  -5.649  -5.899  1.00 29.66 ? 327 HOH A O   1 
HETATM 1464 O O   . HOH D 4 .   ? 13.004  -3.409  -12.913 1.00 48.35 ? 328 HOH A O   1 
HETATM 1465 O O   . HOH D 4 .   ? -3.062  4.894   -16.590 1.00 42.49 ? 329 HOH A O   1 
HETATM 1466 O O   . HOH D 4 .   ? 14.164  -4.267  -10.724 1.00 43.82 ? 330 HOH A O   1 
HETATM 1467 O O   . HOH D 4 .   ? -8.386  1.750   -21.128 1.00 48.48 ? 331 HOH A O   1 
HETATM 1468 O O   . HOH D 4 .   ? 13.471  3.114   9.247   1.00 56.84 ? 332 HOH A O   1 
HETATM 1469 O O   . HOH D 4 .   ? 4.962   22.414  -8.282  1.00 44.46 ? 333 HOH A O   1 
HETATM 1470 O O   . HOH D 4 .   ? -13.382 3.223   16.737  1.00 51.14 ? 334 HOH A O   1 
HETATM 1471 O O   . HOH D 4 .   ? 20.424  0.786   13.916  1.00 43.13 ? 335 HOH A O   1 
HETATM 1472 O O   . HOH D 4 .   ? -6.377  -13.268 -2.145  1.00 47.74 ? 336 HOH A O   1 
HETATM 1473 O O   . HOH D 4 .   ? 16.707  -10.283 1.263   1.00 51.16 ? 337 HOH A O   1 
HETATM 1474 O O   . HOH E 4 .   ? -6.941  -7.584  18.388  1.00 51.91 ? 51  HOH B O   1 
HETATM 1475 O O   . HOH E 4 .   ? 0.712   -7.756  11.474  1.00 29.61 ? 55  HOH B O   1 
HETATM 1476 O O   . HOH E 4 .   ? 8.686   0.946   21.246  1.00 43.32 ? 95  HOH B O   1 
HETATM 1477 O O   . HOH E 4 .   ? 4.489   -10.766 5.384   1.00 35.45 ? 123 HOH B O   1 
# 
